data_2LBC
#
_entry.id   2LBC
#
_entity_poly.entity_id   1
_entity_poly.type   'polypeptide(L)'
_entity_poly.pdbx_seq_one_letter_code
;DIDESSVMQLAEMGFPLEACRKAVYFTGNMGAEVAFNWIIVHMEEPDFAEPLTMPGYGGAASAGASVFGASGLDNQPPEE
IVAIITSMGFQRNQAIQALRATNNNLERALDWIFSHPEFEEDSDFV
;
_entity_poly.pdbx_strand_id   A
#
# COMPACT_ATOMS: atom_id res chain seq x y z
N ASP A 1 -32.76 24.80 19.82
CA ASP A 1 -33.07 24.43 21.22
C ASP A 1 -31.98 23.49 21.71
N ILE A 2 -32.16 22.20 21.50
CA ILE A 2 -31.09 21.25 21.66
C ILE A 2 -30.48 21.03 20.29
N ASP A 3 -29.72 22.02 19.86
CA ASP A 3 -29.15 22.03 18.52
C ASP A 3 -28.17 20.88 18.35
N GLU A 4 -28.63 19.83 17.68
CA GLU A 4 -27.83 18.65 17.43
C GLU A 4 -26.73 18.94 16.41
N SER A 5 -26.73 20.16 15.91
CA SER A 5 -25.63 20.64 15.09
C SER A 5 -24.32 20.52 15.88
N SER A 6 -24.40 20.81 17.18
CA SER A 6 -23.23 20.78 18.05
C SER A 6 -22.67 19.36 18.17
N VAL A 7 -23.53 18.38 18.44
CA VAL A 7 -23.08 17.01 18.61
C VAL A 7 -22.54 16.45 17.31
N MET A 8 -23.23 16.73 16.21
CA MET A 8 -22.79 16.28 14.91
C MET A 8 -21.44 16.88 14.54
N GLN A 9 -21.20 18.13 14.95
CA GLN A 9 -19.90 18.74 14.73
C GLN A 9 -18.79 17.92 15.39
N LEU A 10 -19.00 17.54 16.65
CA LEU A 10 -18.04 16.69 17.36
C LEU A 10 -17.89 15.37 16.63
N ALA A 11 -19.04 14.79 16.30
CA ALA A 11 -19.11 13.46 15.71
C ALA A 11 -18.40 13.40 14.35
N GLU A 12 -18.73 14.33 13.48
CA GLU A 12 -18.19 14.35 12.12
C GLU A 12 -16.70 14.69 12.09
N MET A 13 -16.09 14.90 13.24
CA MET A 13 -14.66 15.16 13.31
C MET A 13 -13.96 14.27 14.33
N GLY A 14 -14.66 13.27 14.86
CA GLY A 14 -14.06 12.44 15.87
C GLY A 14 -14.85 11.18 16.16
N PHE A 15 -15.70 11.23 17.17
CA PHE A 15 -16.45 10.07 17.62
C PHE A 15 -17.93 10.42 17.75
N PRO A 16 -18.81 9.39 17.73
CA PRO A 16 -20.26 9.59 17.89
C PRO A 16 -20.60 10.02 19.31
N LEU A 17 -20.42 11.31 19.58
CA LEU A 17 -20.55 11.83 20.92
C LEU A 17 -22.02 12.08 21.29
N GLU A 18 -22.80 11.00 21.40
CA GLU A 18 -24.15 11.07 21.93
C GLU A 18 -24.14 11.70 23.33
N ALA A 19 -22.98 11.63 23.97
CA ALA A 19 -22.75 12.31 25.23
C ALA A 19 -22.95 13.82 25.04
N CYS A 20 -22.60 14.29 23.85
CA CYS A 20 -22.79 15.69 23.49
C CYS A 20 -24.27 15.97 23.25
N ARG A 21 -24.94 15.01 22.62
CA ARG A 21 -26.37 15.10 22.37
C ARG A 21 -27.10 15.47 23.68
N LYS A 22 -26.88 14.65 24.70
CA LYS A 22 -27.48 14.87 26.01
C LYS A 22 -26.82 16.06 26.70
N ALA A 23 -25.56 16.35 26.32
CA ALA A 23 -24.83 17.48 26.87
C ALA A 23 -25.43 18.79 26.42
N VAL A 24 -25.77 18.88 25.15
CA VAL A 24 -26.41 20.07 24.61
C VAL A 24 -27.73 20.33 25.32
N TYR A 25 -28.49 19.25 25.54
CA TYR A 25 -29.73 19.36 26.32
C TYR A 25 -29.42 19.73 27.78
N PHE A 26 -28.36 19.14 28.32
CA PHE A 26 -27.96 19.38 29.71
C PHE A 26 -27.39 20.78 29.91
N THR A 27 -26.54 21.22 28.98
CA THR A 27 -25.89 22.51 29.10
C THR A 27 -26.91 23.65 29.09
N GLY A 28 -28.05 23.39 28.45
CA GLY A 28 -29.12 24.37 28.42
C GLY A 28 -28.99 25.32 27.25
N ASN A 29 -28.57 24.79 26.10
CA ASN A 29 -28.33 25.59 24.90
C ASN A 29 -27.29 26.67 25.18
N MET A 30 -26.04 26.25 25.26
CA MET A 30 -24.95 27.20 25.54
C MET A 30 -24.04 27.35 24.34
N GLY A 31 -24.36 26.63 23.27
CA GLY A 31 -23.56 26.68 22.07
C GLY A 31 -22.70 25.44 21.91
N ALA A 32 -22.26 25.19 20.68
CA ALA A 32 -21.45 24.02 20.36
C ALA A 32 -20.14 24.03 21.13
N GLU A 33 -19.55 25.21 21.26
CA GLU A 33 -18.27 25.37 21.95
C GLU A 33 -18.35 24.86 23.39
N VAL A 34 -19.47 25.14 24.04
CA VAL A 34 -19.66 24.75 25.44
C VAL A 34 -19.83 23.23 25.57
N ALA A 35 -20.59 22.64 24.66
CA ALA A 35 -20.80 21.19 24.70
C ALA A 35 -19.54 20.46 24.24
N PHE A 36 -18.79 21.09 23.34
CA PHE A 36 -17.47 20.60 22.97
C PHE A 36 -16.61 20.49 24.23
N ASN A 37 -16.70 21.51 25.07
CA ASN A 37 -15.96 21.54 26.34
C ASN A 37 -16.46 20.45 27.28
N TRP A 38 -17.77 20.21 27.28
CA TRP A 38 -18.36 19.18 28.11
C TRP A 38 -17.78 17.82 27.74
N ILE A 39 -17.53 17.63 26.46
CA ILE A 39 -16.98 16.37 25.96
C ILE A 39 -15.50 16.25 26.27
N ILE A 40 -14.74 17.32 26.06
CA ILE A 40 -13.30 17.24 26.22
C ILE A 40 -12.91 17.09 27.68
N VAL A 41 -13.80 17.51 28.57
CA VAL A 41 -13.60 17.26 29.99
C VAL A 41 -14.04 15.83 30.34
N HIS A 42 -15.04 15.29 29.63
CA HIS A 42 -15.51 13.92 29.88
C HIS A 42 -14.86 12.93 28.93
N MET A 43 -13.85 13.36 28.19
CA MET A 43 -13.12 12.47 27.28
C MET A 43 -12.46 11.32 28.04
N GLU A 44 -12.26 11.53 29.33
CA GLU A 44 -11.63 10.54 30.20
C GLU A 44 -12.47 9.27 30.27
N GLU A 45 -13.78 9.44 30.12
CA GLU A 45 -14.70 8.32 30.15
C GLU A 45 -14.52 7.44 28.92
N PRO A 46 -14.42 6.12 29.13
CA PRO A 46 -14.21 5.15 28.06
C PRO A 46 -15.42 4.99 27.12
N ASP A 47 -16.59 4.80 27.72
CA ASP A 47 -17.76 4.40 26.96
C ASP A 47 -18.85 5.48 26.98
N PHE A 48 -18.45 6.72 27.19
CA PHE A 48 -19.41 7.84 27.17
C PHE A 48 -19.87 8.09 25.74
N ALA A 49 -19.10 7.56 24.81
CA ALA A 49 -19.38 7.65 23.40
C ALA A 49 -18.68 6.50 22.70
N GLU A 50 -19.46 5.77 21.92
CA GLU A 50 -18.99 4.59 21.17
C GLU A 50 -17.61 4.81 20.54
N PRO A 51 -16.57 4.21 21.13
CA PRO A 51 -15.18 4.42 20.70
C PRO A 51 -14.74 3.48 19.60
N LEU A 52 -15.71 2.85 18.95
CA LEU A 52 -15.44 1.91 17.88
C LEU A 52 -16.27 2.29 16.65
N THR A 53 -16.48 3.59 16.49
CA THR A 53 -17.31 4.09 15.41
C THR A 53 -16.76 5.42 14.91
N MET A 54 -15.96 5.38 13.85
CA MET A 54 -15.40 6.60 13.27
C MET A 54 -16.36 7.21 12.25
N PRO A 55 -17.01 8.33 12.59
CA PRO A 55 -17.93 9.04 11.70
C PRO A 55 -17.23 9.86 10.62
N GLY A 56 -16.02 10.33 10.92
CA GLY A 56 -15.28 11.09 9.93
C GLY A 56 -14.04 11.77 10.47
N TYR A 57 -12.94 11.04 10.49
CA TYR A 57 -11.64 11.62 10.85
C TYR A 57 -10.54 10.60 10.60
N GLY A 58 -10.20 10.41 9.32
CA GLY A 58 -9.19 9.46 8.96
C GLY A 58 -7.87 10.13 8.62
N GLY A 59 -7.55 10.19 7.34
CA GLY A 59 -6.29 10.78 6.91
C GLY A 59 -5.11 9.85 7.13
N ALA A 60 -4.76 9.66 8.40
CA ALA A 60 -3.66 8.77 8.75
C ALA A 60 -4.07 7.31 8.63
N ALA A 61 -5.37 7.08 8.75
CA ALA A 61 -5.91 5.73 8.64
C ALA A 61 -5.92 5.26 7.19
N SER A 62 -6.53 6.05 6.33
CA SER A 62 -6.65 5.72 4.93
C SER A 62 -5.49 6.28 4.13
N ALA A 63 -4.52 5.42 3.83
CA ALA A 63 -3.36 5.81 3.04
C ALA A 63 -2.96 4.68 2.11
N GLY A 64 -2.61 3.54 2.68
CA GLY A 64 -2.21 2.40 1.88
C GLY A 64 -1.18 1.53 2.57
N ALA A 65 -0.62 0.59 1.84
CA ALA A 65 0.40 -0.30 2.39
C ALA A 65 1.44 -0.63 1.32
N SER A 66 2.54 0.11 1.33
CA SER A 66 3.58 -0.06 0.34
C SER A 66 4.56 -1.16 0.74
N VAL A 67 4.13 -2.40 0.56
CA VAL A 67 4.95 -3.55 0.91
C VAL A 67 5.37 -4.32 -0.34
N PHE A 68 4.71 -4.03 -1.46
CA PHE A 68 4.97 -4.76 -2.70
C PHE A 68 5.78 -3.91 -3.68
N GLY A 69 6.27 -2.78 -3.21
CA GLY A 69 7.04 -1.88 -4.05
C GLY A 69 6.21 -1.31 -5.18
N ALA A 70 6.76 -1.32 -6.38
CA ALA A 70 6.05 -0.80 -7.54
C ALA A 70 5.35 -1.92 -8.31
N SER A 71 5.24 -3.09 -7.66
CA SER A 71 4.58 -4.26 -8.25
C SER A 71 5.34 -4.79 -9.46
N GLY A 72 6.08 -5.87 -9.27
CA GLY A 72 6.82 -6.47 -10.36
C GLY A 72 7.96 -5.60 -10.82
N LEU A 73 8.97 -5.48 -9.97
CA LEU A 73 10.10 -4.59 -10.22
C LEU A 73 10.98 -5.10 -11.35
N ASP A 74 10.84 -4.48 -12.52
CA ASP A 74 11.66 -4.79 -13.69
C ASP A 74 11.31 -6.16 -14.27
N ASN A 75 11.72 -6.39 -15.50
CA ASN A 75 11.37 -7.61 -16.21
C ASN A 75 12.62 -8.33 -16.68
N GLN A 76 13.70 -8.12 -15.97
CA GLN A 76 14.99 -8.73 -16.30
C GLN A 76 15.00 -10.20 -15.87
N PRO A 77 15.61 -11.06 -16.71
CA PRO A 77 15.87 -12.46 -16.38
C PRO A 77 16.56 -12.64 -15.03
N PRO A 78 16.60 -13.89 -14.51
CA PRO A 78 17.18 -14.18 -13.20
C PRO A 78 18.66 -13.81 -13.17
N GLU A 79 18.98 -12.80 -12.38
CA GLU A 79 20.36 -12.33 -12.25
C GLU A 79 21.27 -13.46 -11.78
N GLU A 80 20.69 -14.40 -11.07
CA GLU A 80 21.42 -15.60 -10.68
C GLU A 80 21.91 -16.33 -11.92
N ILE A 81 20.99 -16.58 -12.84
CA ILE A 81 21.30 -17.35 -14.02
C ILE A 81 22.07 -16.54 -15.03
N VAL A 82 21.70 -15.28 -15.25
CA VAL A 82 22.43 -14.44 -16.18
C VAL A 82 23.89 -14.41 -15.75
N ALA A 83 24.09 -14.37 -14.44
CA ALA A 83 25.40 -14.44 -13.83
C ALA A 83 26.09 -15.74 -14.18
N ILE A 84 25.38 -16.85 -13.99
CA ILE A 84 25.91 -18.17 -14.29
C ILE A 84 26.31 -18.28 -15.76
N ILE A 85 25.47 -17.74 -16.63
CA ILE A 85 25.71 -17.79 -18.06
C ILE A 85 26.94 -16.99 -18.44
N THR A 86 27.07 -15.77 -17.92
CA THR A 86 28.26 -14.98 -18.19
C THR A 86 29.48 -15.57 -17.48
N SER A 87 29.25 -16.37 -16.44
CA SER A 87 30.33 -17.10 -15.79
C SER A 87 30.72 -18.31 -16.63
N MET A 88 29.81 -18.75 -17.52
CA MET A 88 30.11 -19.80 -18.49
C MET A 88 31.05 -19.26 -19.56
N GLY A 89 31.04 -17.94 -19.70
CA GLY A 89 31.89 -17.28 -20.67
C GLY A 89 31.09 -16.39 -21.59
N PHE A 90 29.78 -16.40 -21.42
CA PHE A 90 28.89 -15.61 -22.25
C PHE A 90 28.72 -14.21 -21.67
N GLN A 91 27.92 -13.40 -22.33
CA GLN A 91 27.66 -12.05 -21.86
C GLN A 91 26.43 -12.07 -20.95
N ARG A 92 26.44 -11.28 -19.88
CA ARG A 92 25.31 -11.20 -18.96
C ARG A 92 24.05 -10.81 -19.71
N ASN A 93 24.13 -9.72 -20.46
CA ASN A 93 23.00 -9.25 -21.26
C ASN A 93 22.59 -10.30 -22.30
N GLN A 94 23.58 -11.02 -22.80
CA GLN A 94 23.34 -12.10 -23.74
C GLN A 94 22.60 -13.23 -23.04
N ALA A 95 22.97 -13.46 -21.80
CA ALA A 95 22.27 -14.39 -20.93
C ALA A 95 20.84 -13.91 -20.71
N ILE A 96 20.69 -12.61 -20.50
CA ILE A 96 19.37 -12.00 -20.36
C ILE A 96 18.53 -12.27 -21.61
N GLN A 97 19.10 -11.94 -22.76
CA GLN A 97 18.43 -12.16 -24.04
C GLN A 97 18.00 -13.61 -24.18
N ALA A 98 18.92 -14.50 -23.88
CA ALA A 98 18.66 -15.92 -23.97
C ALA A 98 17.52 -16.32 -23.05
N LEU A 99 17.63 -15.96 -21.77
CA LEU A 99 16.60 -16.29 -20.80
C LEU A 99 15.26 -15.65 -21.16
N ARG A 100 15.29 -14.50 -21.82
CA ARG A 100 14.07 -13.87 -22.31
C ARG A 100 13.34 -14.82 -23.23
N ALA A 101 14.09 -15.42 -24.14
CA ALA A 101 13.54 -16.36 -25.10
C ALA A 101 13.19 -17.69 -24.44
N THR A 102 14.05 -18.16 -23.54
CA THR A 102 13.90 -19.47 -22.91
C THR A 102 12.91 -19.43 -21.75
N ASN A 103 12.48 -18.22 -21.39
CA ASN A 103 11.62 -17.98 -20.23
C ASN A 103 12.35 -18.33 -18.95
N ASN A 104 13.42 -17.58 -18.72
CA ASN A 104 14.32 -17.72 -17.56
C ASN A 104 14.77 -19.18 -17.35
N ASN A 105 14.85 -19.93 -18.44
CA ASN A 105 15.40 -21.28 -18.40
C ASN A 105 16.89 -21.21 -18.64
N LEU A 106 17.64 -21.50 -17.59
CA LEU A 106 19.11 -21.40 -17.58
C LEU A 106 19.75 -22.23 -18.69
N GLU A 107 19.52 -23.53 -18.63
CA GLU A 107 20.07 -24.46 -19.60
C GLU A 107 19.68 -24.07 -21.03
N ARG A 108 18.42 -23.77 -21.22
CA ARG A 108 17.93 -23.40 -22.54
C ARG A 108 18.52 -22.07 -22.97
N ALA A 109 18.84 -21.22 -22.01
CA ALA A 109 19.46 -19.95 -22.33
C ALA A 109 20.81 -20.19 -22.96
N LEU A 110 21.60 -21.02 -22.30
CA LEU A 110 22.89 -21.44 -22.81
C LEU A 110 22.71 -22.16 -24.14
N ASP A 111 21.65 -22.95 -24.21
CA ASP A 111 21.23 -23.62 -25.44
C ASP A 111 21.04 -22.60 -26.55
N TRP A 112 20.28 -21.57 -26.23
CA TRP A 112 19.96 -20.48 -27.14
C TRP A 112 21.21 -19.70 -27.52
N ILE A 113 22.05 -19.45 -26.53
CA ILE A 113 23.27 -18.69 -26.71
C ILE A 113 24.31 -19.49 -27.51
N PHE A 114 24.42 -20.78 -27.22
CA PHE A 114 25.43 -21.64 -27.81
C PHE A 114 25.31 -21.70 -29.33
N SER A 115 24.09 -21.58 -29.84
CA SER A 115 23.84 -21.63 -31.27
C SER A 115 24.21 -20.31 -31.93
N HIS A 116 24.74 -19.42 -31.13
CA HIS A 116 25.24 -18.14 -31.61
C HIS A 116 26.72 -17.98 -31.24
N PRO A 117 27.61 -18.64 -32.00
CA PRO A 117 29.06 -18.51 -31.83
C PRO A 117 29.49 -17.05 -31.79
N GLU A 118 29.41 -16.42 -32.96
CA GLU A 118 29.70 -15.01 -33.12
C GLU A 118 29.24 -14.53 -34.49
N PHE A 119 29.77 -15.16 -35.54
CA PHE A 119 29.39 -14.84 -36.91
C PHE A 119 28.98 -16.10 -37.65
N GLU A 120 28.48 -17.08 -36.89
CA GLU A 120 28.01 -18.34 -37.43
C GLU A 120 29.12 -19.09 -38.16
N GLU A 121 29.69 -20.06 -37.48
CA GLU A 121 30.85 -20.77 -37.99
C GLU A 121 30.46 -22.03 -38.76
N ASP A 122 31.46 -22.64 -39.36
CA ASP A 122 31.30 -23.91 -40.07
C ASP A 122 32.45 -24.83 -39.68
N SER A 123 33.16 -24.44 -38.62
CA SER A 123 34.37 -25.14 -38.19
C SER A 123 34.03 -26.27 -37.23
N ASP A 124 32.87 -26.88 -37.42
CA ASP A 124 32.45 -28.02 -36.63
C ASP A 124 33.09 -29.30 -37.17
N PHE A 125 32.64 -29.72 -38.35
CA PHE A 125 33.20 -30.89 -39.03
C PHE A 125 33.24 -32.10 -38.11
N VAL A 126 32.07 -32.64 -37.82
CA VAL A 126 31.97 -33.80 -36.96
C VAL A 126 31.75 -35.06 -37.80
N ASP A 1 -27.97 24.57 22.23
CA ASP A 1 -27.22 23.95 23.34
C ASP A 1 -26.83 22.53 22.97
N ILE A 2 -25.59 22.17 23.31
CA ILE A 2 -25.01 20.90 22.90
C ILE A 2 -24.93 20.83 21.38
N ASP A 3 -23.83 21.35 20.84
CA ASP A 3 -23.59 21.36 19.40
C ASP A 3 -23.36 19.94 18.90
N GLU A 4 -24.44 19.23 18.65
CA GLU A 4 -24.37 17.85 18.17
C GLU A 4 -23.92 17.78 16.72
N SER A 5 -23.87 18.92 16.03
CA SER A 5 -23.36 18.92 14.67
C SER A 5 -21.88 18.56 14.70
N SER A 6 -21.21 18.97 15.78
CA SER A 6 -19.81 18.64 16.01
C SER A 6 -19.59 17.13 16.06
N VAL A 7 -20.33 16.45 16.91
CA VAL A 7 -20.18 15.00 17.05
C VAL A 7 -20.54 14.31 15.74
N MET A 8 -21.56 14.82 15.07
CA MET A 8 -21.95 14.32 13.78
C MET A 8 -20.84 14.49 12.75
N GLN A 9 -20.00 15.51 12.91
CA GLN A 9 -18.86 15.70 12.01
C GLN A 9 -17.87 14.54 12.14
N LEU A 10 -17.55 14.17 13.37
CA LEU A 10 -16.65 13.02 13.60
C LEU A 10 -17.37 11.75 13.17
N ALA A 11 -18.65 11.72 13.50
CA ALA A 11 -19.50 10.56 13.26
C ALA A 11 -19.64 10.24 11.77
N GLU A 12 -19.92 11.26 10.97
CA GLU A 12 -20.09 11.08 9.52
C GLU A 12 -18.81 10.61 8.84
N MET A 13 -17.68 10.97 9.40
CA MET A 13 -16.39 10.62 8.79
C MET A 13 -15.78 9.39 9.44
N GLY A 14 -16.49 8.81 10.40
CA GLY A 14 -15.96 7.65 11.09
C GLY A 14 -17.01 6.94 11.92
N PHE A 15 -16.82 6.93 13.24
CA PHE A 15 -17.72 6.23 14.15
C PHE A 15 -18.67 7.20 14.83
N PRO A 16 -19.84 6.72 15.25
CA PRO A 16 -20.80 7.51 16.01
C PRO A 16 -20.31 7.78 17.43
N LEU A 17 -19.51 8.82 17.59
CA LEU A 17 -18.90 9.14 18.87
C LEU A 17 -19.89 9.83 19.82
N GLU A 18 -20.91 9.10 20.29
CA GLU A 18 -21.82 9.63 21.28
C GLU A 18 -21.07 10.12 22.51
N ALA A 19 -19.89 9.56 22.75
CA ALA A 19 -19.02 10.02 23.82
C ALA A 19 -18.71 11.49 23.63
N CYS A 20 -18.66 11.91 22.37
CA CYS A 20 -18.44 13.31 22.03
C CYS A 20 -19.71 14.10 22.30
N ARG A 21 -20.86 13.50 21.99
CA ARG A 21 -22.16 14.14 22.29
C ARG A 21 -22.23 14.53 23.77
N LYS A 22 -21.98 13.56 24.64
CA LYS A 22 -22.02 13.81 26.08
C LYS A 22 -20.81 14.64 26.51
N ALA A 23 -19.76 14.60 25.71
CA ALA A 23 -18.58 15.43 25.93
C ALA A 23 -18.90 16.89 25.65
N VAL A 24 -19.65 17.12 24.58
CA VAL A 24 -20.08 18.47 24.25
C VAL A 24 -20.88 19.07 25.39
N TYR A 25 -21.75 18.26 25.99
CA TYR A 25 -22.50 18.71 27.15
C TYR A 25 -21.55 18.89 28.36
N PHE A 26 -20.58 17.98 28.49
CA PHE A 26 -19.61 18.03 29.58
C PHE A 26 -18.69 19.24 29.46
N THR A 27 -18.31 19.58 28.23
CA THR A 27 -17.39 20.69 27.99
C THR A 27 -18.07 22.04 28.24
N GLY A 28 -19.40 22.02 28.28
CA GLY A 28 -20.15 23.25 28.43
C GLY A 28 -20.57 23.81 27.09
N ASN A 29 -20.65 22.92 26.09
CA ASN A 29 -21.01 23.28 24.73
C ASN A 29 -19.97 24.23 24.14
N MET A 30 -18.73 23.76 24.10
CA MET A 30 -17.62 24.58 23.63
C MET A 30 -17.44 24.47 22.12
N GLY A 31 -18.11 23.51 21.50
CA GLY A 31 -18.07 23.40 20.06
C GLY A 31 -17.29 22.20 19.57
N ALA A 32 -17.11 22.13 18.25
CA ALA A 32 -16.48 21.00 17.59
C ALA A 32 -15.07 20.74 18.08
N GLU A 33 -14.23 21.76 18.00
CA GLU A 33 -12.80 21.60 18.23
C GLU A 33 -12.50 21.16 19.66
N VAL A 34 -13.15 21.80 20.63
CA VAL A 34 -12.90 21.50 22.03
C VAL A 34 -13.34 20.07 22.37
N ALA A 35 -14.49 19.65 21.85
CA ALA A 35 -14.97 18.31 22.12
C ALA A 35 -14.25 17.28 21.26
N PHE A 36 -13.72 17.72 20.12
CA PHE A 36 -12.84 16.89 19.31
C PHE A 36 -11.60 16.54 20.13
N ASN A 37 -11.10 17.53 20.87
CA ASN A 37 -9.99 17.31 21.79
C ASN A 37 -10.38 16.28 22.85
N TRP A 38 -11.58 16.43 23.41
CA TRP A 38 -12.05 15.50 24.42
C TRP A 38 -12.13 14.10 23.85
N ILE A 39 -12.62 13.99 22.61
CA ILE A 39 -12.86 12.69 22.00
C ILE A 39 -11.55 12.00 21.63
N ILE A 40 -10.56 12.77 21.18
CA ILE A 40 -9.27 12.18 20.83
C ILE A 40 -8.53 11.72 22.08
N VAL A 41 -8.89 12.30 23.22
CA VAL A 41 -8.39 11.83 24.50
C VAL A 41 -9.08 10.52 24.90
N HIS A 42 -10.39 10.46 24.69
CA HIS A 42 -11.17 9.28 25.09
C HIS A 42 -11.46 8.36 23.92
N MET A 43 -10.72 8.54 22.83
CA MET A 43 -10.87 7.69 21.64
C MET A 43 -10.56 6.24 21.95
N GLU A 44 -9.82 6.03 23.04
CA GLU A 44 -9.45 4.70 23.50
C GLU A 44 -10.66 3.85 23.88
N GLU A 45 -11.79 4.50 24.17
CA GLU A 45 -12.97 3.80 24.65
C GLU A 45 -13.81 3.29 23.49
N PRO A 46 -13.86 1.96 23.33
CA PRO A 46 -14.55 1.29 22.21
C PRO A 46 -16.06 1.50 22.23
N ASP A 47 -16.67 1.20 23.36
CA ASP A 47 -18.12 1.11 23.45
C ASP A 47 -18.73 2.39 24.00
N PHE A 48 -17.87 3.31 24.42
CA PHE A 48 -18.33 4.62 24.91
C PHE A 48 -18.89 5.46 23.77
N ALA A 49 -18.67 5.01 22.53
CA ALA A 49 -19.31 5.64 21.39
C ALA A 49 -20.70 5.04 21.19
N GLU A 50 -20.94 4.43 20.05
CA GLU A 50 -22.17 3.70 19.81
C GLU A 50 -21.87 2.38 19.10
N PRO A 51 -22.60 1.32 19.43
CA PRO A 51 -22.52 0.05 18.70
C PRO A 51 -23.16 0.16 17.32
N LEU A 52 -22.51 0.91 16.46
CA LEU A 52 -23.00 1.18 15.12
C LEU A 52 -21.86 1.09 14.11
N THR A 53 -21.88 0.03 13.29
CA THR A 53 -20.92 -0.14 12.21
C THR A 53 -20.71 1.16 11.45
N MET A 54 -19.47 1.63 11.44
CA MET A 54 -19.15 2.95 10.89
C MET A 54 -19.51 3.05 9.41
N PRO A 55 -20.11 4.18 9.03
CA PRO A 55 -20.42 4.47 7.63
C PRO A 55 -19.16 4.83 6.85
N GLY A 56 -19.01 4.22 5.68
CA GLY A 56 -17.85 4.46 4.87
C GLY A 56 -17.96 5.74 4.05
N TYR A 57 -17.54 6.85 4.64
CA TYR A 57 -17.57 8.14 3.95
C TYR A 57 -16.58 8.12 2.79
N GLY A 58 -17.09 7.92 1.59
CA GLY A 58 -16.25 7.81 0.42
C GLY A 58 -15.96 6.38 0.07
N GLY A 59 -16.96 5.52 0.26
CA GLY A 59 -16.77 4.09 0.04
C GLY A 59 -16.90 3.70 -1.42
N ALA A 60 -16.51 4.60 -2.31
CA ALA A 60 -16.53 4.32 -3.73
C ALA A 60 -15.20 3.69 -4.14
N ALA A 61 -14.13 4.12 -3.49
CA ALA A 61 -12.80 3.60 -3.77
C ALA A 61 -12.52 2.36 -2.92
N SER A 62 -12.99 1.22 -3.40
CA SER A 62 -12.85 -0.04 -2.67
C SER A 62 -11.39 -0.45 -2.54
N ALA A 63 -10.62 -0.22 -3.60
CA ALA A 63 -9.22 -0.59 -3.61
C ALA A 63 -8.34 0.65 -3.76
N GLY A 64 -8.80 1.76 -3.20
CA GLY A 64 -8.05 3.01 -3.25
C GLY A 64 -7.94 3.56 -4.65
N ALA A 65 -6.73 3.90 -5.05
CA ALA A 65 -6.48 4.44 -6.38
C ALA A 65 -6.34 3.33 -7.40
N SER A 66 -5.91 2.16 -6.91
CA SER A 66 -5.87 0.93 -7.69
C SER A 66 -4.88 1.02 -8.85
N VAL A 67 -3.80 1.75 -8.65
CA VAL A 67 -2.78 1.89 -9.68
C VAL A 67 -1.40 2.15 -9.06
N PHE A 68 -0.64 1.09 -8.87
CA PHE A 68 0.72 1.22 -8.38
C PHE A 68 1.68 1.34 -9.56
N GLY A 69 2.65 2.23 -9.44
CA GLY A 69 3.61 2.43 -10.49
C GLY A 69 4.90 1.69 -10.24
N ALA A 70 5.77 1.65 -11.24
CA ALA A 70 7.04 0.97 -11.11
C ALA A 70 8.08 1.90 -10.51
N SER A 71 7.75 3.20 -10.52
CA SER A 71 8.59 4.26 -9.96
C SER A 71 9.85 4.49 -10.81
N GLY A 72 10.71 3.49 -10.86
CA GLY A 72 11.93 3.60 -11.62
C GLY A 72 12.33 2.29 -12.23
N LEU A 73 12.55 2.29 -13.53
CA LEU A 73 12.96 1.09 -14.26
C LEU A 73 14.47 1.07 -14.42
N ASP A 74 15.12 2.03 -13.79
CA ASP A 74 16.56 2.18 -13.91
C ASP A 74 17.26 1.58 -12.71
N ASN A 75 17.72 0.34 -12.85
CA ASN A 75 18.40 -0.36 -11.79
C ASN A 75 19.27 -1.45 -12.39
N GLN A 76 20.56 -1.41 -12.11
CA GLN A 76 21.46 -2.39 -12.65
C GLN A 76 21.36 -3.67 -11.83
N PRO A 77 21.32 -4.83 -12.51
CA PRO A 77 21.23 -6.14 -11.88
C PRO A 77 22.30 -6.40 -10.82
N PRO A 78 22.05 -7.37 -9.94
CA PRO A 78 22.98 -7.73 -8.87
C PRO A 78 24.26 -8.31 -9.43
N GLU A 79 25.35 -7.57 -9.24
CA GLU A 79 26.66 -7.97 -9.73
C GLU A 79 27.05 -9.35 -9.19
N GLU A 80 26.51 -9.70 -8.03
CA GLU A 80 26.67 -11.03 -7.48
C GLU A 80 26.12 -12.06 -8.46
N ILE A 81 24.88 -11.86 -8.86
CA ILE A 81 24.19 -12.82 -9.69
C ILE A 81 24.70 -12.79 -11.12
N VAL A 82 24.93 -11.60 -11.65
CA VAL A 82 25.46 -11.49 -13.00
C VAL A 82 26.75 -12.28 -13.08
N ALA A 83 27.53 -12.20 -12.01
CA ALA A 83 28.75 -12.94 -11.84
C ALA A 83 28.49 -14.45 -11.89
N ILE A 84 27.50 -14.87 -11.12
CA ILE A 84 27.12 -16.29 -11.05
C ILE A 84 26.68 -16.79 -12.42
N ILE A 85 25.89 -15.97 -13.11
CA ILE A 85 25.36 -16.34 -14.41
C ILE A 85 26.47 -16.51 -15.44
N THR A 86 27.41 -15.59 -15.46
CA THR A 86 28.53 -15.71 -16.39
C THR A 86 29.50 -16.80 -15.93
N SER A 87 29.43 -17.15 -14.64
CA SER A 87 30.18 -18.29 -14.13
C SER A 87 29.47 -19.61 -14.45
N MET A 88 28.19 -19.51 -14.81
CA MET A 88 27.42 -20.67 -15.26
C MET A 88 27.83 -21.05 -16.67
N GLY A 89 28.33 -20.05 -17.39
CA GLY A 89 28.71 -20.25 -18.77
C GLY A 89 28.18 -19.16 -19.66
N PHE A 90 27.41 -18.24 -19.07
CA PHE A 90 26.82 -17.14 -19.81
C PHE A 90 27.71 -15.90 -19.73
N GLN A 91 27.21 -14.79 -20.26
CA GLN A 91 27.94 -13.54 -20.22
C GLN A 91 27.37 -12.65 -19.10
N ARG A 92 28.21 -11.87 -18.45
CA ARG A 92 27.75 -10.98 -17.37
C ARG A 92 26.70 -10.03 -17.88
N ASN A 93 27.02 -9.34 -18.97
CA ASN A 93 26.09 -8.41 -19.60
C ASN A 93 24.80 -9.11 -20.01
N GLN A 94 24.94 -10.34 -20.46
CA GLN A 94 23.80 -11.17 -20.80
C GLN A 94 23.00 -11.48 -19.55
N ALA A 95 23.72 -11.70 -18.46
CA ALA A 95 23.11 -11.92 -17.17
C ALA A 95 22.37 -10.66 -16.70
N ILE A 96 22.94 -9.50 -16.99
CA ILE A 96 22.31 -8.23 -16.65
C ILE A 96 20.94 -8.12 -17.31
N GLN A 97 20.90 -8.30 -18.62
CA GLN A 97 19.67 -8.18 -19.38
C GLN A 97 18.62 -9.15 -18.85
N ALA A 98 19.07 -10.37 -18.60
CA ALA A 98 18.19 -11.40 -18.08
C ALA A 98 17.60 -10.97 -16.74
N LEU A 99 18.46 -10.56 -15.81
CA LEU A 99 18.01 -10.11 -14.50
C LEU A 99 17.12 -8.89 -14.60
N ARG A 100 17.38 -8.01 -15.57
CA ARG A 100 16.56 -6.83 -15.78
C ARG A 100 15.11 -7.23 -16.06
N ALA A 101 14.96 -8.27 -16.85
CA ALA A 101 13.65 -8.79 -17.19
C ALA A 101 13.04 -9.57 -16.03
N THR A 102 13.87 -10.31 -15.33
CA THR A 102 13.42 -11.18 -14.24
C THR A 102 13.35 -10.45 -12.90
N ASN A 103 13.67 -9.16 -12.93
CA ASN A 103 13.75 -8.33 -11.72
C ASN A 103 14.78 -8.91 -10.75
N ASN A 104 16.03 -8.88 -11.20
CA ASN A 104 17.20 -9.37 -10.46
C ASN A 104 16.99 -10.78 -9.91
N ASN A 105 16.17 -11.57 -10.59
CA ASN A 105 15.94 -12.95 -10.19
C ASN A 105 16.96 -13.84 -10.90
N LEU A 106 17.90 -14.36 -10.12
CA LEU A 106 18.99 -15.19 -10.61
C LEU A 106 18.49 -16.35 -11.46
N GLU A 107 17.67 -17.18 -10.84
CA GLU A 107 17.10 -18.36 -11.48
C GLU A 107 16.39 -18.01 -12.77
N ARG A 108 15.49 -17.05 -12.68
CA ARG A 108 14.71 -16.65 -13.84
C ARG A 108 15.58 -16.00 -14.89
N ALA A 109 16.69 -15.40 -14.47
CA ALA A 109 17.62 -14.81 -15.40
C ALA A 109 18.20 -15.90 -16.29
N LEU A 110 18.70 -16.95 -15.63
CA LEU A 110 19.21 -18.12 -16.33
C LEU A 110 18.10 -18.74 -17.17
N ASP A 111 16.90 -18.73 -16.62
CA ASP A 111 15.69 -19.16 -17.31
C ASP A 111 15.54 -18.38 -18.61
N TRP A 112 15.62 -17.07 -18.47
CA TRP A 112 15.49 -16.14 -19.58
C TRP A 112 16.60 -16.36 -20.59
N ILE A 113 17.81 -16.43 -20.09
CA ILE A 113 18.99 -16.63 -20.91
C ILE A 113 18.93 -17.96 -21.66
N PHE A 114 18.47 -19.00 -20.96
CA PHE A 114 18.35 -20.34 -21.53
C PHE A 114 17.38 -20.36 -22.71
N SER A 115 16.45 -19.42 -22.69
CA SER A 115 15.46 -19.32 -23.74
C SER A 115 16.06 -18.70 -25.01
N HIS A 116 17.34 -18.37 -24.92
CA HIS A 116 18.13 -17.91 -26.06
C HIS A 116 19.51 -18.54 -25.96
N PRO A 117 19.58 -19.86 -26.29
CA PRO A 117 20.79 -20.71 -26.24
C PRO A 117 22.06 -20.01 -26.68
N GLU A 118 22.07 -19.59 -27.93
CA GLU A 118 23.20 -18.90 -28.52
C GLU A 118 22.77 -18.28 -29.84
N PHE A 119 22.14 -19.11 -30.66
CA PHE A 119 21.56 -18.66 -31.90
C PHE A 119 20.24 -19.40 -32.09
N GLU A 120 19.55 -19.60 -30.96
CA GLU A 120 18.28 -20.30 -30.92
C GLU A 120 18.50 -21.78 -31.22
N GLU A 121 17.42 -22.55 -31.24
CA GLU A 121 17.55 -24.00 -31.36
C GLU A 121 16.83 -24.52 -32.61
N ASP A 122 17.17 -25.75 -32.97
CA ASP A 122 16.46 -26.50 -34.01
C ASP A 122 16.76 -26.00 -35.42
N SER A 123 17.05 -26.94 -36.29
CA SER A 123 17.27 -26.67 -37.70
C SER A 123 17.06 -27.97 -38.47
N ASP A 124 16.38 -27.90 -39.60
CA ASP A 124 16.11 -29.10 -40.38
C ASP A 124 16.00 -28.78 -41.86
N PHE A 125 16.36 -29.75 -42.68
CA PHE A 125 16.28 -29.62 -44.13
C PHE A 125 15.58 -30.85 -44.70
N VAL A 126 14.57 -31.33 -43.97
CA VAL A 126 13.86 -32.56 -44.33
C VAL A 126 14.78 -33.76 -44.16
N ASP A 1 -32.19 12.22 17.16
CA ASP A 1 -32.30 13.51 17.88
C ASP A 1 -30.92 14.08 18.12
N ILE A 2 -30.15 13.38 18.93
CA ILE A 2 -28.78 13.73 19.18
C ILE A 2 -27.95 13.43 17.93
N ASP A 3 -27.39 14.48 17.34
CA ASP A 3 -26.61 14.34 16.11
C ASP A 3 -25.34 13.54 16.35
N GLU A 4 -25.47 12.22 16.36
CA GLU A 4 -24.33 11.34 16.50
C GLU A 4 -23.48 11.35 15.25
N SER A 5 -23.97 12.01 14.21
CA SER A 5 -23.18 12.26 13.03
C SER A 5 -21.92 13.04 13.42
N SER A 6 -22.07 13.91 14.42
CA SER A 6 -20.98 14.73 14.93
C SER A 6 -19.91 13.86 15.60
N VAL A 7 -20.34 13.01 16.53
CA VAL A 7 -19.41 12.18 17.26
C VAL A 7 -18.70 11.20 16.34
N MET A 8 -19.45 10.63 15.40
CA MET A 8 -18.89 9.70 14.45
C MET A 8 -17.83 10.38 13.57
N GLN A 9 -18.03 11.66 13.30
CA GLN A 9 -17.02 12.43 12.58
C GLN A 9 -15.70 12.43 13.34
N LEU A 10 -15.77 12.73 14.65
CA LEU A 10 -14.57 12.71 15.49
C LEU A 10 -14.01 11.30 15.59
N ALA A 11 -14.93 10.37 15.81
CA ALA A 11 -14.59 8.97 16.07
C ALA A 11 -13.87 8.32 14.90
N GLU A 12 -14.45 8.46 13.72
CA GLU A 12 -13.97 7.75 12.54
C GLU A 12 -12.56 8.19 12.17
N MET A 13 -12.27 9.46 12.37
CA MET A 13 -10.96 10.01 12.03
C MET A 13 -10.11 10.25 13.27
N GLY A 14 -10.42 9.55 14.35
CA GLY A 14 -9.66 9.74 15.58
C GLY A 14 -9.87 8.63 16.57
N PHE A 15 -10.84 8.81 17.47
CA PHE A 15 -11.14 7.83 18.50
C PHE A 15 -12.59 8.08 18.99
N PRO A 16 -13.20 7.13 19.73
CA PRO A 16 -14.63 7.19 20.04
C PRO A 16 -15.00 8.26 21.06
N LEU A 17 -15.19 9.49 20.60
CA LEU A 17 -15.58 10.57 21.48
C LEU A 17 -17.05 10.47 21.87
N GLU A 18 -17.44 9.44 22.60
CA GLU A 18 -18.80 9.41 23.14
C GLU A 18 -19.03 10.63 24.03
N ALA A 19 -17.93 11.24 24.46
CA ALA A 19 -17.97 12.53 25.14
C ALA A 19 -18.63 13.57 24.24
N CYS A 20 -18.43 13.39 22.95
CA CYS A 20 -19.05 14.23 21.93
C CYS A 20 -20.52 13.92 21.84
N ARG A 21 -20.87 12.63 21.87
CA ARG A 21 -22.27 12.22 21.89
C ARG A 21 -23.00 12.89 23.05
N LYS A 22 -22.37 12.86 24.22
CA LYS A 22 -22.90 13.51 25.41
C LYS A 22 -22.81 15.05 25.27
N ALA A 23 -21.86 15.50 24.47
CA ALA A 23 -21.68 16.93 24.21
C ALA A 23 -22.77 17.45 23.28
N VAL A 24 -23.05 16.70 22.22
CA VAL A 24 -24.12 17.04 21.29
C VAL A 24 -25.43 17.24 22.05
N TYR A 25 -25.72 16.28 22.93
CA TYR A 25 -26.88 16.39 23.81
C TYR A 25 -26.84 17.69 24.62
N PHE A 26 -25.67 18.00 25.19
CA PHE A 26 -25.50 19.20 26.01
C PHE A 26 -25.65 20.48 25.18
N THR A 27 -25.10 20.47 23.96
CA THR A 27 -25.18 21.65 23.09
C THR A 27 -26.62 21.92 22.64
N GLY A 28 -27.50 20.95 22.88
CA GLY A 28 -28.87 21.08 22.46
C GLY A 28 -29.05 20.70 21.00
N ASN A 29 -28.14 19.82 20.53
CA ASN A 29 -28.15 19.36 19.14
C ASN A 29 -27.95 20.54 18.20
N MET A 30 -26.81 21.23 18.34
CA MET A 30 -26.53 22.41 17.53
C MET A 30 -25.89 22.05 16.20
N GLY A 31 -25.07 21.00 16.18
CA GLY A 31 -24.43 20.61 14.94
C GLY A 31 -23.09 19.94 15.17
N ALA A 32 -22.54 19.37 14.09
CA ALA A 32 -21.29 18.64 14.14
C ALA A 32 -20.13 19.53 14.57
N GLU A 33 -19.88 20.58 13.81
CA GLU A 33 -18.77 21.50 14.08
C GLU A 33 -18.90 22.10 15.48
N VAL A 34 -20.14 22.27 15.92
CA VAL A 34 -20.40 22.82 17.25
C VAL A 34 -19.91 21.87 18.34
N ALA A 35 -20.20 20.58 18.18
CA ALA A 35 -19.77 19.59 19.14
C ALA A 35 -18.29 19.25 18.97
N PHE A 36 -17.79 19.40 17.74
CA PHE A 36 -16.35 19.31 17.48
C PHE A 36 -15.64 20.33 18.36
N ASN A 37 -16.21 21.54 18.41
CA ASN A 37 -15.69 22.60 19.24
C ASN A 37 -15.78 22.22 20.72
N TRP A 38 -16.89 21.63 21.11
CA TRP A 38 -17.09 21.27 22.50
C TRP A 38 -16.10 20.18 22.94
N ILE A 39 -15.71 19.33 21.99
CA ILE A 39 -14.80 18.23 22.31
C ILE A 39 -13.38 18.73 22.46
N ILE A 40 -12.98 19.70 21.66
CA ILE A 40 -11.64 20.27 21.78
C ILE A 40 -11.54 21.12 23.03
N VAL A 41 -12.69 21.57 23.52
CA VAL A 41 -12.78 22.22 24.82
C VAL A 41 -12.66 21.17 25.92
N HIS A 42 -13.46 20.11 25.83
CA HIS A 42 -13.49 19.07 26.85
C HIS A 42 -12.41 18.01 26.61
N MET A 43 -11.45 18.30 25.74
CA MET A 43 -10.26 17.45 25.60
C MET A 43 -9.49 17.45 26.92
N GLU A 44 -9.76 18.48 27.74
CA GLU A 44 -9.24 18.56 29.10
C GLU A 44 -9.50 17.25 29.86
N GLU A 45 -10.59 16.58 29.50
CA GLU A 45 -10.90 15.26 30.04
C GLU A 45 -10.87 14.21 28.93
N PRO A 46 -9.66 13.70 28.63
CA PRO A 46 -9.42 12.75 27.53
C PRO A 46 -10.28 11.52 27.60
N ASP A 47 -10.36 10.97 28.79
CA ASP A 47 -10.93 9.67 29.02
C ASP A 47 -12.42 9.79 29.38
N PHE A 48 -13.01 10.92 29.03
CA PHE A 48 -14.45 11.11 29.17
C PHE A 48 -15.17 10.36 28.04
N ALA A 49 -14.36 9.89 27.10
CA ALA A 49 -14.83 9.06 26.00
C ALA A 49 -14.19 7.70 26.09
N GLU A 50 -14.96 6.75 26.60
CA GLU A 50 -14.52 5.36 26.72
C GLU A 50 -13.86 4.86 25.44
N PRO A 51 -12.53 4.68 25.46
CA PRO A 51 -11.74 4.33 24.29
C PRO A 51 -11.80 2.84 23.96
N LEU A 52 -13.01 2.34 23.75
CA LEU A 52 -13.21 0.93 23.47
C LEU A 52 -13.33 0.69 21.96
N THR A 53 -12.63 1.51 21.18
CA THR A 53 -12.65 1.38 19.73
C THR A 53 -11.43 2.06 19.13
N MET A 54 -10.47 1.28 18.65
CA MET A 54 -9.32 1.83 17.94
C MET A 54 -9.63 1.93 16.44
N PRO A 55 -9.94 3.14 15.96
CA PRO A 55 -10.29 3.38 14.56
C PRO A 55 -9.06 3.48 13.66
N GLY A 56 -9.03 2.62 12.64
CA GLY A 56 -7.92 2.64 11.71
C GLY A 56 -8.13 3.63 10.58
N TYR A 57 -8.18 4.90 10.94
CA TYR A 57 -8.42 5.95 9.96
C TYR A 57 -7.18 6.17 9.10
N GLY A 58 -7.39 6.30 7.80
CA GLY A 58 -6.29 6.46 6.88
C GLY A 58 -6.41 5.50 5.72
N GLY A 59 -5.29 5.17 5.11
CA GLY A 59 -5.30 4.29 3.97
C GLY A 59 -5.71 5.00 2.71
N ALA A 60 -6.72 4.45 2.02
CA ALA A 60 -7.22 5.00 0.76
C ALA A 60 -6.20 4.86 -0.35
N ALA A 61 -5.15 5.66 -0.29
CA ALA A 61 -4.08 5.60 -1.28
C ALA A 61 -2.91 4.78 -0.75
N SER A 62 -2.29 5.27 0.33
CA SER A 62 -1.11 4.63 0.91
C SER A 62 -0.06 4.36 -0.16
N ALA A 63 0.32 5.42 -0.86
CA ALA A 63 1.21 5.30 -2.00
C ALA A 63 2.63 5.70 -1.64
N GLY A 64 3.36 4.77 -1.03
CA GLY A 64 4.77 5.00 -0.76
C GLY A 64 5.58 4.86 -2.03
N ALA A 65 4.99 4.18 -3.00
CA ALA A 65 5.57 3.98 -4.33
C ALA A 65 4.51 3.35 -5.22
N SER A 66 3.91 2.30 -4.68
CA SER A 66 2.74 1.68 -5.30
C SER A 66 1.51 2.05 -4.49
N VAL A 67 0.34 1.75 -5.02
CA VAL A 67 -0.91 2.03 -4.31
C VAL A 67 -1.31 0.86 -3.42
N PHE A 68 -1.73 1.18 -2.20
CA PHE A 68 -2.12 0.18 -1.21
C PHE A 68 -0.97 -0.79 -0.94
N GLY A 69 0.14 -0.25 -0.46
CA GLY A 69 1.26 -1.09 -0.09
C GLY A 69 2.47 -0.87 -0.95
N ALA A 70 3.25 -1.93 -1.16
CA ALA A 70 4.47 -1.85 -1.95
C ALA A 70 4.48 -2.93 -3.01
N SER A 71 3.31 -3.24 -3.54
CA SER A 71 3.17 -4.25 -4.57
C SER A 71 3.89 -3.84 -5.85
N GLY A 72 4.94 -4.57 -6.19
CA GLY A 72 5.68 -4.29 -7.41
C GLY A 72 6.88 -3.40 -7.17
N LEU A 73 7.44 -3.47 -5.97
CA LEU A 73 8.58 -2.65 -5.60
C LEU A 73 9.90 -3.29 -6.03
N ASP A 74 9.96 -3.68 -7.29
CA ASP A 74 11.16 -4.30 -7.85
C ASP A 74 11.16 -4.15 -9.36
N ASN A 75 12.33 -4.23 -9.95
CA ASN A 75 12.47 -4.07 -11.40
C ASN A 75 13.00 -5.35 -12.03
N GLN A 76 12.93 -6.42 -11.26
CA GLN A 76 13.39 -7.73 -11.69
C GLN A 76 12.58 -8.22 -12.89
N PRO A 77 13.25 -8.93 -13.83
CA PRO A 77 12.61 -9.54 -15.00
C PRO A 77 11.40 -10.40 -14.62
N PRO A 78 10.56 -10.73 -15.61
CA PRO A 78 9.36 -11.54 -15.39
C PRO A 78 9.71 -12.93 -14.88
N GLU A 79 9.36 -13.19 -13.63
CA GLU A 79 9.64 -14.47 -13.00
C GLU A 79 9.07 -15.61 -13.83
N GLU A 80 7.97 -15.31 -14.51
CA GLU A 80 7.36 -16.25 -15.43
C GLU A 80 8.38 -16.69 -16.48
N ILE A 81 9.02 -15.71 -17.10
CA ILE A 81 9.96 -15.99 -18.18
C ILE A 81 11.28 -16.51 -17.65
N VAL A 82 11.78 -15.90 -16.58
CA VAL A 82 13.03 -16.36 -16.00
C VAL A 82 12.90 -17.84 -15.67
N ALA A 83 11.70 -18.20 -15.20
CA ALA A 83 11.33 -19.57 -14.90
C ALA A 83 11.38 -20.44 -16.16
N ILE A 84 10.79 -19.92 -17.23
CA ILE A 84 10.78 -20.62 -18.51
C ILE A 84 12.21 -20.84 -19.01
N ILE A 85 13.03 -19.82 -18.86
CA ILE A 85 14.40 -19.88 -19.32
C ILE A 85 15.21 -20.91 -18.54
N THR A 86 15.10 -20.89 -17.22
CA THR A 86 15.80 -21.88 -16.42
C THR A 86 15.18 -23.27 -16.60
N SER A 87 13.91 -23.30 -17.05
CA SER A 87 13.25 -24.55 -17.38
C SER A 87 13.76 -25.06 -18.72
N MET A 88 14.35 -24.18 -19.52
CA MET A 88 14.95 -24.54 -20.79
C MET A 88 16.29 -25.25 -20.56
N GLY A 89 16.88 -24.95 -19.42
CA GLY A 89 18.17 -25.52 -19.09
C GLY A 89 19.17 -24.45 -18.70
N PHE A 90 18.68 -23.22 -18.55
CA PHE A 90 19.52 -22.12 -18.12
C PHE A 90 19.29 -21.84 -16.63
N GLN A 91 19.91 -20.81 -16.13
CA GLN A 91 19.74 -20.44 -14.74
C GLN A 91 18.75 -19.29 -14.64
N ARG A 92 17.95 -19.25 -13.58
CA ARG A 92 16.98 -18.18 -13.40
C ARG A 92 17.65 -16.82 -13.41
N ASN A 93 18.68 -16.68 -12.58
CA ASN A 93 19.45 -15.43 -12.51
C ASN A 93 20.07 -15.08 -13.85
N GLN A 94 20.49 -16.12 -14.57
CA GLN A 94 21.02 -15.95 -15.91
C GLN A 94 19.93 -15.46 -16.85
N ALA A 95 18.72 -15.99 -16.64
CA ALA A 95 17.55 -15.56 -17.36
C ALA A 95 17.23 -14.11 -17.04
N ILE A 96 17.40 -13.74 -15.77
CA ILE A 96 17.20 -12.36 -15.33
C ILE A 96 18.13 -11.42 -16.08
N GLN A 97 19.42 -11.73 -16.05
CA GLN A 97 20.43 -10.93 -16.73
C GLN A 97 20.12 -10.82 -18.21
N ALA A 98 19.73 -11.93 -18.81
CA ALA A 98 19.37 -11.96 -20.21
C ALA A 98 18.19 -11.04 -20.49
N LEU A 99 17.10 -11.22 -19.75
CA LEU A 99 15.92 -10.39 -19.92
C LEU A 99 16.21 -8.92 -19.67
N ARG A 100 17.13 -8.63 -18.74
CA ARG A 100 17.56 -7.26 -18.49
C ARG A 100 18.07 -6.63 -19.77
N ALA A 101 18.90 -7.37 -20.48
CA ALA A 101 19.46 -6.93 -21.73
C ALA A 101 18.40 -6.89 -22.84
N THR A 102 17.57 -7.92 -22.89
CA THR A 102 16.58 -8.09 -23.95
C THR A 102 15.31 -7.28 -23.71
N ASN A 103 15.26 -6.58 -22.57
CA ASN A 103 14.08 -5.82 -22.15
C ASN A 103 12.91 -6.77 -21.90
N ASN A 104 13.12 -7.69 -20.95
CA ASN A 104 12.15 -8.73 -20.58
C ASN A 104 11.58 -9.46 -21.79
N ASN A 105 12.43 -9.62 -22.81
CA ASN A 105 12.06 -10.40 -23.99
C ASN A 105 12.53 -11.83 -23.79
N LEU A 106 11.56 -12.73 -23.64
CA LEU A 106 11.80 -14.14 -23.35
C LEU A 106 12.72 -14.78 -24.39
N GLU A 107 12.26 -14.74 -25.63
CA GLU A 107 12.97 -15.33 -26.75
C GLU A 107 14.37 -14.78 -26.87
N ARG A 108 14.48 -13.47 -26.85
CA ARG A 108 15.76 -12.80 -26.95
C ARG A 108 16.64 -13.09 -25.75
N ALA A 109 16.02 -13.33 -24.60
CA ALA A 109 16.79 -13.68 -23.42
C ALA A 109 17.52 -14.97 -23.66
N LEU A 110 16.78 -15.96 -24.13
CA LEU A 110 17.34 -17.25 -24.51
C LEU A 110 18.35 -17.06 -25.63
N ASP A 111 18.05 -16.13 -26.52
CA ASP A 111 18.96 -15.72 -27.59
C ASP A 111 20.27 -15.24 -26.98
N TRP A 112 20.12 -14.30 -26.05
CA TRP A 112 21.23 -13.68 -25.35
C TRP A 112 22.02 -14.72 -24.59
N ILE A 113 21.30 -15.58 -23.91
CA ILE A 113 21.90 -16.63 -23.11
C ILE A 113 22.59 -17.67 -23.99
N PHE A 114 22.02 -17.91 -25.17
CA PHE A 114 22.59 -18.83 -26.16
C PHE A 114 23.89 -18.27 -26.71
N SER A 115 23.97 -16.94 -26.76
CA SER A 115 25.19 -16.25 -27.17
C SER A 115 26.17 -16.18 -26.01
N HIS A 116 25.83 -16.86 -24.93
CA HIS A 116 26.70 -16.95 -23.77
C HIS A 116 27.03 -18.42 -23.49
N PRO A 117 28.01 -18.98 -24.23
CA PRO A 117 28.55 -20.31 -23.95
C PRO A 117 28.95 -20.44 -22.49
N GLU A 118 29.89 -19.60 -22.09
CA GLU A 118 30.29 -19.43 -20.71
C GLU A 118 31.35 -18.33 -20.60
N PHE A 119 32.27 -18.30 -21.56
CA PHE A 119 33.32 -17.29 -21.54
C PHE A 119 33.46 -16.63 -22.91
N GLU A 120 32.58 -17.05 -23.81
CA GLU A 120 32.64 -16.67 -25.22
C GLU A 120 34.02 -16.88 -25.79
N GLU A 121 34.44 -18.11 -25.75
CA GLU A 121 35.73 -18.52 -26.25
C GLU A 121 35.55 -19.17 -27.61
N ASP A 122 36.65 -19.62 -28.20
CA ASP A 122 36.62 -20.33 -29.48
C ASP A 122 35.92 -19.47 -30.54
N SER A 123 36.58 -18.42 -30.97
CA SER A 123 35.99 -17.46 -31.89
C SER A 123 35.73 -18.08 -33.26
N ASP A 124 34.46 -18.36 -33.54
CA ASP A 124 34.04 -19.15 -34.70
C ASP A 124 34.72 -18.72 -36.00
N PHE A 125 34.25 -17.64 -36.61
CA PHE A 125 34.84 -17.17 -37.85
C PHE A 125 35.25 -15.70 -37.76
N VAL A 126 35.20 -15.16 -36.55
CA VAL A 126 35.57 -13.77 -36.33
C VAL A 126 37.07 -13.65 -36.06
N ASP A 1 -33.07 26.34 20.54
CA ASP A 1 -32.58 26.57 21.92
C ASP A 1 -31.22 25.93 22.12
N ILE A 2 -31.10 24.67 21.70
CA ILE A 2 -29.86 23.94 21.78
C ILE A 2 -29.37 23.62 20.37
N ASP A 3 -28.09 23.86 20.12
CA ASP A 3 -27.50 23.52 18.83
C ASP A 3 -27.29 22.02 18.73
N GLU A 4 -28.38 21.30 18.50
CA GLU A 4 -28.32 19.85 18.42
C GLU A 4 -27.64 19.37 17.14
N SER A 5 -27.39 20.27 16.21
CA SER A 5 -26.67 19.89 15.00
C SER A 5 -25.26 19.41 15.37
N SER A 6 -24.68 20.08 16.36
CA SER A 6 -23.37 19.73 16.87
C SER A 6 -23.34 18.30 17.43
N VAL A 7 -24.29 18.00 18.33
CA VAL A 7 -24.31 16.69 18.96
C VAL A 7 -24.59 15.60 17.93
N MET A 8 -25.49 15.89 16.99
CA MET A 8 -25.81 14.95 15.93
C MET A 8 -24.57 14.62 15.10
N GLN A 9 -23.66 15.59 14.97
CA GLN A 9 -22.40 15.37 14.28
C GLN A 9 -21.59 14.28 14.98
N LEU A 10 -21.32 14.47 16.27
CA LEU A 10 -20.54 13.46 17.02
C LEU A 10 -21.35 12.18 17.20
N ALA A 11 -22.66 12.30 17.24
CA ALA A 11 -23.55 11.15 17.40
C ALA A 11 -23.42 10.20 16.22
N GLU A 12 -23.25 10.77 15.03
CA GLU A 12 -23.07 9.98 13.82
C GLU A 12 -21.63 9.46 13.70
N MET A 13 -20.66 10.32 14.00
CA MET A 13 -19.25 9.94 13.88
C MET A 13 -18.72 9.39 15.19
N GLY A 14 -19.59 8.71 15.94
CA GLY A 14 -19.16 8.13 17.20
C GLY A 14 -20.23 7.26 17.80
N PHE A 15 -21.06 7.85 18.64
CA PHE A 15 -22.10 7.14 19.36
C PHE A 15 -23.07 8.14 19.97
N PRO A 16 -24.29 7.71 20.36
CA PRO A 16 -25.36 8.60 20.87
C PRO A 16 -24.91 9.45 22.06
N LEU A 17 -24.40 10.63 21.76
CA LEU A 17 -23.85 11.51 22.78
C LEU A 17 -24.88 12.55 23.24
N GLU A 18 -26.03 12.08 23.73
CA GLU A 18 -27.03 12.96 24.32
C GLU A 18 -26.42 13.79 25.45
N ALA A 19 -25.35 13.27 26.03
CA ALA A 19 -24.58 14.01 27.01
C ALA A 19 -24.08 15.32 26.41
N CYS A 20 -23.72 15.26 25.14
CA CYS A 20 -23.29 16.43 24.40
C CYS A 20 -24.47 17.32 24.08
N ARG A 21 -25.63 16.73 23.89
CA ARG A 21 -26.86 17.50 23.70
C ARG A 21 -27.01 18.46 24.89
N LYS A 22 -26.86 17.90 26.09
CA LYS A 22 -26.87 18.68 27.31
C LYS A 22 -25.66 19.61 27.36
N ALA A 23 -24.50 19.07 26.95
CA ALA A 23 -23.25 19.81 26.94
C ALA A 23 -23.32 21.03 26.03
N VAL A 24 -23.95 20.88 24.88
CA VAL A 24 -24.15 21.98 23.95
C VAL A 24 -24.94 23.09 24.63
N TYR A 25 -26.00 22.72 25.32
CA TYR A 25 -26.74 23.70 26.10
C TYR A 25 -25.86 24.30 27.20
N PHE A 26 -25.08 23.43 27.84
CA PHE A 26 -24.21 23.83 28.94
C PHE A 26 -23.07 24.75 28.48
N THR A 27 -22.48 24.42 27.33
CA THR A 27 -21.39 25.22 26.77
C THR A 27 -21.88 26.62 26.37
N GLY A 28 -23.19 26.71 26.13
CA GLY A 28 -23.78 27.96 25.71
C GLY A 28 -23.91 28.05 24.21
N ASN A 29 -24.07 26.88 23.57
CA ASN A 29 -24.19 26.79 22.12
C ASN A 29 -22.94 27.35 21.45
N MET A 30 -21.78 26.91 21.93
CA MET A 30 -20.50 27.42 21.46
C MET A 30 -20.05 26.78 20.15
N GLY A 31 -20.90 25.92 19.60
CA GLY A 31 -20.57 25.27 18.34
C GLY A 31 -20.20 23.82 18.52
N ALA A 32 -20.06 23.12 17.42
CA ALA A 32 -19.81 21.69 17.42
C ALA A 32 -18.44 21.37 17.98
N GLU A 33 -17.43 22.11 17.55
CA GLU A 33 -16.05 21.80 17.88
C GLU A 33 -15.77 22.06 19.37
N VAL A 34 -16.45 23.02 19.95
CA VAL A 34 -16.28 23.33 21.37
C VAL A 34 -16.91 22.24 22.23
N ALA A 35 -18.12 21.81 21.86
CA ALA A 35 -18.78 20.75 22.60
C ALA A 35 -18.15 19.40 22.28
N PHE A 36 -17.58 19.29 21.08
CA PHE A 36 -16.80 18.13 20.71
C PHE A 36 -15.66 17.97 21.71
N ASN A 37 -15.04 19.09 22.08
CA ASN A 37 -13.99 19.09 23.08
C ASN A 37 -14.54 18.61 24.43
N TRP A 38 -15.70 19.13 24.81
CA TRP A 38 -16.33 18.75 26.07
C TRP A 38 -16.59 17.24 26.08
N ILE A 39 -17.08 16.74 24.95
CA ILE A 39 -17.50 15.36 24.86
C ILE A 39 -16.30 14.42 24.78
N ILE A 40 -15.23 14.82 24.09
CA ILE A 40 -14.05 13.96 23.98
C ILE A 40 -13.30 13.86 25.29
N VAL A 41 -13.51 14.82 26.17
CA VAL A 41 -13.00 14.72 27.53
C VAL A 41 -13.87 13.77 28.35
N HIS A 42 -15.18 13.80 28.10
CA HIS A 42 -16.11 12.97 28.87
C HIS A 42 -16.50 11.69 28.13
N MET A 43 -15.85 11.41 27.00
CA MET A 43 -16.09 10.18 26.26
C MET A 43 -15.41 8.99 26.93
N GLU A 44 -14.39 9.29 27.73
CA GLU A 44 -13.55 8.28 28.35
C GLU A 44 -14.34 7.49 29.38
N GLU A 45 -15.41 8.08 29.87
CA GLU A 45 -16.32 7.38 30.75
C GLU A 45 -17.41 6.69 29.92
N PRO A 46 -17.48 5.36 30.03
CA PRO A 46 -18.23 4.49 29.10
C PRO A 46 -19.72 4.82 28.97
N ASP A 47 -20.36 5.00 30.09
CA ASP A 47 -21.82 5.03 30.14
C ASP A 47 -22.30 6.47 30.34
N PHE A 48 -21.48 7.41 29.93
CA PHE A 48 -21.81 8.83 30.05
C PHE A 48 -22.81 9.23 28.96
N ALA A 49 -22.80 8.49 27.84
CA ALA A 49 -23.69 8.77 26.73
C ALA A 49 -24.97 7.92 26.85
N GLU A 50 -25.25 7.15 25.80
CA GLU A 50 -26.40 6.27 25.79
C GLU A 50 -25.96 4.88 25.37
N PRO A 51 -26.44 3.84 26.09
CA PRO A 51 -26.14 2.44 25.77
C PRO A 51 -26.98 1.94 24.60
N LEU A 52 -26.77 2.50 23.44
CA LEU A 52 -27.54 2.16 22.26
C LEU A 52 -26.66 2.11 21.02
N THR A 53 -26.37 0.88 20.57
CA THR A 53 -25.59 0.61 19.34
C THR A 53 -24.46 1.61 19.10
N MET A 54 -23.40 1.49 19.91
CA MET A 54 -22.22 2.33 19.76
C MET A 54 -21.26 1.73 18.73
N PRO A 55 -21.17 2.33 17.53
CA PRO A 55 -20.32 1.84 16.46
C PRO A 55 -18.84 2.23 16.65
N GLY A 56 -18.59 3.51 16.81
CA GLY A 56 -17.23 4.00 16.92
C GLY A 56 -17.05 5.31 16.20
N TYR A 57 -15.84 5.86 16.23
CA TYR A 57 -15.59 7.16 15.62
C TYR A 57 -14.73 7.06 14.36
N GLY A 58 -13.80 6.13 14.32
CA GLY A 58 -13.01 5.96 13.12
C GLY A 58 -11.62 5.40 13.39
N GLY A 59 -10.65 5.90 12.64
CA GLY A 59 -9.29 5.38 12.70
C GLY A 59 -8.88 4.77 11.37
N ALA A 60 -9.23 5.43 10.29
CA ALA A 60 -9.00 4.89 8.95
C ALA A 60 -8.22 5.87 8.09
N ALA A 61 -8.22 5.63 6.77
CA ALA A 61 -7.52 6.45 5.80
C ALA A 61 -6.00 6.41 6.00
N SER A 62 -5.46 5.20 6.05
CA SER A 62 -4.04 5.01 6.23
C SER A 62 -3.36 4.85 4.87
N ALA A 63 -2.44 5.75 4.56
CA ALA A 63 -1.70 5.70 3.31
C ALA A 63 -0.23 5.43 3.58
N GLY A 64 0.39 4.61 2.75
CA GLY A 64 1.77 4.24 2.97
C GLY A 64 2.63 4.45 1.74
N ALA A 65 3.30 5.59 1.69
CA ALA A 65 4.25 5.88 0.63
C ALA A 65 5.67 5.75 1.17
N SER A 66 6.62 5.42 0.30
CA SER A 66 7.99 5.23 0.73
C SER A 66 8.95 5.32 -0.45
N VAL A 67 10.14 4.74 -0.29
CA VAL A 67 11.20 4.84 -1.28
C VAL A 67 10.82 4.12 -2.59
N PHE A 68 9.90 3.16 -2.52
CA PHE A 68 9.49 2.40 -3.70
C PHE A 68 8.52 3.20 -4.57
N GLY A 69 8.99 4.31 -5.12
CA GLY A 69 8.19 5.11 -5.99
C GLY A 69 8.26 4.63 -7.44
N ALA A 70 9.22 3.76 -7.71
CA ALA A 70 9.39 3.18 -9.03
C ALA A 70 9.29 1.66 -8.96
N SER A 71 8.89 1.05 -10.06
CA SER A 71 8.72 -0.41 -10.12
C SER A 71 10.06 -1.12 -10.32
N GLY A 72 10.98 -0.89 -9.39
CA GLY A 72 12.28 -1.53 -9.47
C GLY A 72 13.22 -0.84 -10.43
N LEU A 73 12.77 -0.71 -11.68
CA LEU A 73 13.55 -0.05 -12.74
C LEU A 73 14.81 -0.85 -13.07
N ASP A 74 14.72 -2.17 -12.93
CA ASP A 74 15.79 -3.05 -13.35
C ASP A 74 15.24 -4.09 -14.31
N ASN A 75 15.94 -4.31 -15.40
CA ASN A 75 15.49 -5.25 -16.42
C ASN A 75 16.63 -6.17 -16.84
N GLN A 76 17.60 -6.29 -15.95
CA GLN A 76 18.78 -7.09 -16.23
C GLN A 76 18.59 -8.51 -15.70
N PRO A 77 18.97 -9.51 -16.49
CA PRO A 77 19.01 -10.91 -16.07
C PRO A 77 19.87 -11.09 -14.83
N PRO A 78 19.73 -12.25 -14.15
CA PRO A 78 20.46 -12.53 -12.93
C PRO A 78 21.96 -12.60 -13.18
N GLU A 79 22.69 -11.64 -12.61
CA GLU A 79 24.13 -11.55 -12.76
C GLU A 79 24.80 -12.82 -12.28
N GLU A 80 24.13 -13.54 -11.39
CA GLU A 80 24.57 -14.85 -10.98
C GLU A 80 24.62 -15.80 -12.17
N ILE A 81 23.50 -15.86 -12.88
CA ILE A 81 23.37 -16.78 -13.98
C ILE A 81 24.13 -16.33 -15.20
N VAL A 82 24.09 -15.04 -15.52
CA VAL A 82 24.82 -14.51 -16.65
C VAL A 82 26.30 -14.86 -16.47
N ALA A 83 26.74 -14.79 -15.21
CA ALA A 83 28.08 -15.17 -14.82
C ALA A 83 28.33 -16.64 -15.12
N ILE A 84 27.39 -17.49 -14.68
CA ILE A 84 27.49 -18.92 -14.90
C ILE A 84 27.55 -19.26 -16.39
N ILE A 85 26.72 -18.58 -17.16
CA ILE A 85 26.63 -18.82 -18.58
C ILE A 85 27.92 -18.48 -19.30
N THR A 86 28.48 -17.31 -19.01
CA THR A 86 29.74 -16.92 -19.62
C THR A 86 30.88 -17.77 -19.05
N SER A 87 30.69 -18.31 -17.85
CA SER A 87 31.65 -19.27 -17.29
C SER A 87 31.60 -20.58 -18.06
N MET A 88 30.42 -20.92 -18.58
CA MET A 88 30.23 -22.11 -19.40
C MET A 88 31.06 -22.02 -20.67
N GLY A 89 31.27 -20.80 -21.12
CA GLY A 89 32.01 -20.56 -22.34
C GLY A 89 31.33 -19.55 -23.22
N PHE A 90 30.17 -19.07 -22.78
CA PHE A 90 29.40 -18.07 -23.52
C PHE A 90 29.81 -16.67 -23.07
N GLN A 91 29.11 -15.67 -23.57
CA GLN A 91 29.37 -14.30 -23.19
C GLN A 91 28.34 -13.84 -22.17
N ARG A 92 28.73 -12.97 -21.24
CA ARG A 92 27.79 -12.47 -20.23
C ARG A 92 26.59 -11.80 -20.89
N ASN A 93 26.87 -10.86 -21.78
CA ASN A 93 25.82 -10.15 -22.52
C ASN A 93 24.97 -11.12 -23.32
N GLN A 94 25.62 -12.15 -23.84
CA GLN A 94 24.93 -13.20 -24.57
C GLN A 94 24.03 -13.97 -23.61
N ALA A 95 24.53 -14.18 -22.41
CA ALA A 95 23.76 -14.79 -21.34
C ALA A 95 22.58 -13.92 -20.95
N ILE A 96 22.81 -12.61 -20.92
CA ILE A 96 21.75 -11.65 -20.62
C ILE A 96 20.63 -11.78 -21.64
N GLN A 97 20.98 -11.72 -22.91
CA GLN A 97 20.00 -11.84 -23.99
C GLN A 97 19.22 -13.14 -23.87
N ALA A 98 19.95 -14.20 -23.61
CA ALA A 98 19.34 -15.51 -23.46
C ALA A 98 18.34 -15.51 -22.32
N LEU A 99 18.78 -15.07 -21.14
CA LEU A 99 17.92 -15.04 -19.97
C LEU A 99 16.73 -14.11 -20.17
N ARG A 100 16.93 -13.05 -20.95
CA ARG A 100 15.84 -12.14 -21.30
C ARG A 100 14.70 -12.93 -21.93
N ALA A 101 15.07 -13.79 -22.86
CA ALA A 101 14.11 -14.62 -23.58
C ALA A 101 13.58 -15.76 -22.71
N THR A 102 14.46 -16.35 -21.90
CA THR A 102 14.11 -17.51 -21.10
C THR A 102 13.47 -17.13 -19.76
N ASN A 103 13.30 -15.83 -19.55
CA ASN A 103 12.74 -15.30 -18.31
C ASN A 103 13.68 -15.60 -17.13
N ASN A 104 14.97 -15.35 -17.36
CA ASN A 104 15.99 -15.52 -16.32
C ASN A 104 16.22 -16.99 -15.99
N ASN A 105 15.74 -17.86 -16.87
CA ASN A 105 15.96 -19.29 -16.73
C ASN A 105 17.35 -19.65 -17.22
N LEU A 106 18.21 -20.03 -16.28
CA LEU A 106 19.61 -20.36 -16.54
C LEU A 106 19.74 -21.43 -17.61
N GLU A 107 19.17 -22.58 -17.32
CA GLU A 107 19.22 -23.74 -18.21
C GLU A 107 18.74 -23.36 -19.60
N ARG A 108 17.57 -22.75 -19.66
CA ARG A 108 16.97 -22.36 -20.92
C ARG A 108 17.80 -21.29 -21.62
N ALA A 109 18.51 -20.47 -20.85
CA ALA A 109 19.35 -19.46 -21.43
C ALA A 109 20.44 -20.11 -22.26
N LEU A 110 21.11 -21.07 -21.64
CA LEU A 110 22.12 -21.87 -22.33
C LEU A 110 21.48 -22.61 -23.50
N ASP A 111 20.27 -23.08 -23.27
CA ASP A 111 19.45 -23.70 -24.32
C ASP A 111 19.27 -22.75 -25.49
N TRP A 112 18.88 -21.54 -25.15
CA TRP A 112 18.65 -20.47 -26.12
C TRP A 112 19.95 -20.12 -26.83
N ILE A 113 21.01 -19.97 -26.04
CA ILE A 113 22.31 -19.63 -26.56
C ILE A 113 22.84 -20.74 -27.47
N PHE A 114 22.54 -21.97 -27.13
CA PHE A 114 22.95 -23.11 -27.95
C PHE A 114 22.19 -23.10 -29.28
N SER A 115 21.03 -22.47 -29.28
CA SER A 115 20.23 -22.32 -30.48
C SER A 115 20.73 -21.12 -31.28
N HIS A 116 21.71 -20.43 -30.72
CA HIS A 116 22.32 -19.28 -31.36
C HIS A 116 23.84 -19.39 -31.33
N PRO A 117 24.39 -20.32 -32.13
CA PRO A 117 25.84 -20.55 -32.23
C PRO A 117 26.62 -19.25 -32.40
N GLU A 118 26.19 -18.46 -33.37
CA GLU A 118 26.80 -17.20 -33.69
C GLU A 118 25.91 -16.46 -34.67
N PHE A 119 25.71 -17.08 -35.82
CA PHE A 119 24.83 -16.56 -36.86
C PHE A 119 24.30 -17.73 -37.67
N GLU A 120 24.20 -18.89 -37.01
CA GLU A 120 23.75 -20.12 -37.63
C GLU A 120 24.75 -20.56 -38.71
N GLU A 121 24.27 -21.31 -39.68
CA GLU A 121 25.11 -21.74 -40.80
C GLU A 121 25.38 -20.57 -41.74
N ASP A 122 25.92 -20.87 -42.91
CA ASP A 122 26.18 -19.83 -43.90
C ASP A 122 24.88 -19.26 -44.42
N SER A 123 24.53 -18.09 -43.91
CA SER A 123 23.29 -17.44 -44.28
C SER A 123 23.50 -16.55 -45.51
N ASP A 124 22.40 -16.22 -46.19
CA ASP A 124 22.47 -15.42 -47.41
C ASP A 124 22.56 -13.93 -47.09
N PHE A 125 22.60 -13.61 -45.81
CA PHE A 125 22.70 -12.23 -45.37
C PHE A 125 24.15 -11.75 -45.42
N VAL A 126 24.53 -11.19 -46.55
CA VAL A 126 25.88 -10.68 -46.74
C VAL A 126 25.87 -9.49 -47.70
N ASP A 1 -34.36 26.43 18.51
CA ASP A 1 -34.76 25.33 19.43
C ASP A 1 -33.55 24.66 20.07
N ILE A 2 -32.85 23.83 19.33
CA ILE A 2 -31.70 23.11 19.85
C ILE A 2 -30.49 23.28 18.93
N ASP A 3 -29.59 24.18 19.30
CA ASP A 3 -28.36 24.35 18.54
C ASP A 3 -27.45 23.16 18.76
N GLU A 4 -27.52 22.20 17.86
CA GLU A 4 -26.70 21.00 17.95
C GLU A 4 -25.24 21.28 17.61
N SER A 5 -24.93 22.52 17.25
CA SER A 5 -23.55 22.91 16.99
C SER A 5 -22.73 22.71 18.26
N SER A 6 -23.30 23.07 19.39
CA SER A 6 -22.63 22.93 20.68
C SER A 6 -22.33 21.47 21.01
N VAL A 7 -23.35 20.62 20.93
CA VAL A 7 -23.16 19.20 21.23
C VAL A 7 -22.16 18.56 20.28
N MET A 8 -22.23 18.94 19.02
CA MET A 8 -21.30 18.42 18.04
C MET A 8 -19.87 18.87 18.32
N GLN A 9 -19.71 20.00 18.98
CA GLN A 9 -18.38 20.45 19.38
C GLN A 9 -17.82 19.54 20.47
N LEU A 10 -18.69 19.11 21.38
CA LEU A 10 -18.31 18.10 22.37
C LEU A 10 -18.07 16.77 21.67
N ALA A 11 -18.94 16.49 20.73
CA ALA A 11 -18.90 15.25 19.96
C ALA A 11 -17.62 15.13 19.15
N GLU A 12 -17.22 16.24 18.54
CA GLU A 12 -16.01 16.29 17.70
C GLU A 12 -14.73 15.97 18.49
N MET A 13 -14.71 16.30 19.78
CA MET A 13 -13.52 16.03 20.59
C MET A 13 -13.52 14.58 21.05
N GLY A 14 -14.58 13.86 20.73
CA GLY A 14 -14.64 12.44 20.98
C GLY A 14 -15.44 12.07 22.20
N PHE A 15 -16.63 12.63 22.30
CA PHE A 15 -17.56 12.29 23.38
C PHE A 15 -18.99 12.27 22.88
N PRO A 16 -19.68 11.15 23.09
CA PRO A 16 -21.10 10.99 22.72
C PRO A 16 -22.02 11.74 23.68
N LEU A 17 -21.95 13.07 23.65
CA LEU A 17 -22.69 13.85 24.63
C LEU A 17 -24.04 14.29 24.10
N GLU A 18 -24.88 13.32 23.70
CA GLU A 18 -26.27 13.60 23.41
C GLU A 18 -26.93 14.24 24.62
N ALA A 19 -26.34 14.01 25.79
CA ALA A 19 -26.76 14.67 27.01
C ALA A 19 -26.66 16.19 26.83
N CYS A 20 -25.72 16.61 25.98
CA CYS A 20 -25.57 18.02 25.62
C CYS A 20 -26.72 18.42 24.73
N ARG A 21 -27.02 17.56 23.76
CA ARG A 21 -28.18 17.78 22.88
C ARG A 21 -29.44 18.03 23.73
N LYS A 22 -29.58 17.24 24.79
CA LYS A 22 -30.70 17.40 25.72
C LYS A 22 -30.52 18.66 26.55
N ALA A 23 -29.27 18.91 26.96
CA ALA A 23 -28.93 20.10 27.74
C ALA A 23 -29.23 21.38 26.98
N VAL A 24 -28.90 21.39 25.70
CA VAL A 24 -29.19 22.52 24.83
C VAL A 24 -30.69 22.78 24.79
N TYR A 25 -31.47 21.72 24.62
CA TYR A 25 -32.92 21.82 24.73
C TYR A 25 -33.33 22.43 26.08
N PHE A 26 -32.74 21.91 27.16
CA PHE A 26 -33.09 22.35 28.51
C PHE A 26 -32.68 23.80 28.76
N THR A 27 -31.50 24.19 28.26
CA THR A 27 -31.01 25.55 28.45
C THR A 27 -31.86 26.55 27.67
N GLY A 28 -32.67 26.04 26.74
CA GLY A 28 -33.47 26.88 25.89
C GLY A 28 -32.66 27.45 24.75
N ASN A 29 -31.65 26.69 24.34
CA ASN A 29 -30.71 27.11 23.31
C ASN A 29 -29.96 28.36 23.74
N MET A 30 -29.04 28.19 24.67
CA MET A 30 -28.22 29.30 25.15
C MET A 30 -26.84 29.26 24.53
N GLY A 31 -26.71 28.54 23.44
CA GLY A 31 -25.47 28.49 22.70
C GLY A 31 -24.50 27.46 23.23
N ALA A 32 -23.33 27.39 22.62
CA ALA A 32 -22.31 26.42 22.99
C ALA A 32 -21.71 26.71 24.35
N GLU A 33 -21.53 27.99 24.66
CA GLU A 33 -20.90 28.39 25.91
C GLU A 33 -21.63 27.78 27.10
N VAL A 34 -22.93 28.05 27.17
CA VAL A 34 -23.75 27.61 28.27
C VAL A 34 -23.87 26.08 28.32
N ALA A 35 -24.00 25.45 27.17
CA ALA A 35 -24.19 24.01 27.13
C ALA A 35 -22.90 23.24 27.38
N PHE A 36 -21.78 23.77 26.91
CA PHE A 36 -20.48 23.17 27.22
C PHE A 36 -20.30 23.16 28.73
N ASN A 37 -20.69 24.26 29.37
CA ASN A 37 -20.66 24.35 30.82
C ASN A 37 -21.71 23.44 31.45
N TRP A 38 -22.87 23.36 30.82
CA TRP A 38 -23.95 22.54 31.34
C TRP A 38 -23.55 21.07 31.32
N ILE A 39 -22.83 20.68 30.28
CA ILE A 39 -22.42 19.31 30.13
C ILE A 39 -21.34 18.94 31.13
N ILE A 40 -20.39 19.85 31.38
CA ILE A 40 -19.32 19.56 32.32
C ILE A 40 -19.85 19.51 33.75
N VAL A 41 -20.99 20.13 33.97
CA VAL A 41 -21.69 20.01 35.23
C VAL A 41 -22.36 18.65 35.35
N HIS A 42 -23.02 18.21 34.28
CA HIS A 42 -23.82 16.99 34.30
C HIS A 42 -23.06 15.81 33.69
N MET A 43 -21.75 16.00 33.48
CA MET A 43 -20.91 14.98 32.85
C MET A 43 -20.64 13.81 33.78
N GLU A 44 -20.82 14.03 35.07
CA GLU A 44 -20.57 12.99 36.07
C GLU A 44 -21.64 11.89 35.99
N GLU A 45 -22.54 12.02 35.02
CA GLU A 45 -23.48 10.96 34.69
C GLU A 45 -22.87 10.13 33.55
N PRO A 46 -22.24 9.00 33.89
CA PRO A 46 -21.43 8.21 32.95
C PRO A 46 -22.22 7.73 31.73
N ASP A 47 -23.41 7.22 32.00
CA ASP A 47 -24.19 6.53 30.97
C ASP A 47 -25.47 7.30 30.65
N PHE A 48 -25.55 8.54 31.11
CA PHE A 48 -26.70 9.39 30.84
C PHE A 48 -26.56 10.10 29.48
N ALA A 49 -25.37 10.03 28.92
CA ALA A 49 -25.10 10.60 27.61
C ALA A 49 -25.56 9.63 26.52
N GLU A 50 -24.63 8.82 26.08
CA GLU A 50 -24.89 7.74 25.14
C GLU A 50 -24.12 6.51 25.58
N PRO A 51 -24.54 5.30 25.18
CA PRO A 51 -23.82 4.06 25.50
C PRO A 51 -22.34 4.21 25.19
N LEU A 52 -21.52 4.12 26.23
CA LEU A 52 -20.10 4.46 26.17
C LEU A 52 -19.39 3.88 24.94
N THR A 53 -19.26 4.73 23.92
CA THR A 53 -18.53 4.39 22.71
C THR A 53 -17.79 5.63 22.21
N MET A 54 -16.87 6.13 23.03
CA MET A 54 -16.16 7.36 22.68
C MET A 54 -15.13 7.08 21.59
N PRO A 55 -15.14 7.89 20.53
CA PRO A 55 -14.21 7.73 19.40
C PRO A 55 -12.85 8.35 19.67
N GLY A 56 -12.75 9.08 20.78
CA GLY A 56 -11.53 9.77 21.13
C GLY A 56 -11.26 10.91 20.19
N TYR A 57 -10.02 11.38 20.16
CA TYR A 57 -9.64 12.44 19.24
C TYR A 57 -8.63 11.90 18.22
N GLY A 58 -8.60 10.57 18.11
CA GLY A 58 -7.76 9.93 17.13
C GLY A 58 -8.58 9.43 15.96
N GLY A 59 -8.73 10.27 14.94
CA GLY A 59 -9.56 9.92 13.81
C GLY A 59 -8.76 9.41 12.63
N ALA A 60 -9.31 8.41 11.94
CA ALA A 60 -8.71 7.85 10.73
C ALA A 60 -7.38 7.15 11.01
N ALA A 61 -6.76 6.64 9.96
CA ALA A 61 -5.49 5.94 10.07
C ALA A 61 -4.78 5.93 8.72
N SER A 62 -3.46 5.95 8.76
CA SER A 62 -2.66 5.97 7.53
C SER A 62 -2.63 4.60 6.88
N ALA A 63 -3.28 4.50 5.72
CA ALA A 63 -3.34 3.25 4.98
C ALA A 63 -2.30 3.25 3.87
N GLY A 64 -1.96 2.06 3.37
CA GLY A 64 -0.96 1.97 2.33
C GLY A 64 -1.21 0.82 1.38
N ALA A 65 -1.70 1.13 0.19
CA ALA A 65 -1.93 0.13 -0.83
C ALA A 65 -0.72 0.04 -1.76
N SER A 66 -0.90 -0.58 -2.92
CA SER A 66 0.19 -0.70 -3.88
C SER A 66 0.65 0.67 -4.38
N VAL A 67 1.86 1.05 -4.00
CA VAL A 67 2.40 2.35 -4.39
C VAL A 67 3.41 2.19 -5.52
N PHE A 68 3.00 1.45 -6.55
CA PHE A 68 3.84 1.14 -7.71
C PHE A 68 4.91 0.11 -7.35
N GLY A 69 5.21 -0.77 -8.31
CA GLY A 69 6.24 -1.76 -8.10
C GLY A 69 6.77 -2.29 -9.42
N ALA A 70 7.93 -2.94 -9.38
CA ALA A 70 8.51 -3.52 -10.58
C ALA A 70 7.91 -4.90 -10.86
N SER A 71 7.18 -5.00 -11.96
CA SER A 71 6.50 -6.24 -12.32
C SER A 71 7.44 -7.20 -13.05
N GLY A 72 8.65 -7.36 -12.51
CA GLY A 72 9.62 -8.24 -13.12
C GLY A 72 10.07 -7.74 -14.49
N LEU A 73 10.96 -6.76 -14.50
CA LEU A 73 11.43 -6.17 -15.75
C LEU A 73 12.66 -6.92 -16.27
N ASP A 74 12.92 -8.07 -15.68
CA ASP A 74 14.10 -8.85 -16.02
C ASP A 74 13.81 -9.78 -17.19
N ASN A 75 14.56 -9.60 -18.26
CA ASN A 75 14.42 -10.42 -19.45
C ASN A 75 15.80 -10.84 -19.93
N GLN A 76 16.67 -11.11 -18.97
CA GLN A 76 18.04 -11.44 -19.28
C GLN A 76 18.37 -12.85 -18.77
N PRO A 77 19.08 -13.64 -19.60
CA PRO A 77 19.61 -14.95 -19.21
C PRO A 77 20.48 -14.88 -17.96
N PRO A 78 20.81 -16.04 -17.36
CA PRO A 78 21.62 -16.10 -16.14
C PRO A 78 23.02 -15.55 -16.40
N GLU A 79 23.32 -14.41 -15.79
CA GLU A 79 24.61 -13.76 -15.95
C GLU A 79 25.74 -14.68 -15.55
N GLU A 80 25.43 -15.62 -14.66
CA GLU A 80 26.36 -16.66 -14.30
C GLU A 80 26.76 -17.48 -15.52
N ILE A 81 25.77 -17.93 -16.25
CA ILE A 81 26.00 -18.79 -17.39
C ILE A 81 26.51 -18.02 -18.59
N VAL A 82 25.95 -16.84 -18.84
CA VAL A 82 26.43 -16.03 -19.94
C VAL A 82 27.92 -15.79 -19.75
N ALA A 83 28.31 -15.61 -18.49
CA ALA A 83 29.70 -15.48 -18.09
C ALA A 83 30.49 -16.73 -18.43
N ILE A 84 29.95 -17.88 -18.06
CA ILE A 84 30.59 -19.17 -18.33
C ILE A 84 30.79 -19.36 -19.83
N ILE A 85 29.76 -19.00 -20.59
CA ILE A 85 29.79 -19.16 -22.03
C ILE A 85 30.85 -18.29 -22.68
N THR A 86 30.94 -17.04 -22.26
CA THR A 86 31.97 -16.15 -22.78
C THR A 86 33.34 -16.52 -22.22
N SER A 87 33.36 -17.21 -21.08
CA SER A 87 34.59 -17.77 -20.54
C SER A 87 35.05 -18.97 -21.37
N MET A 88 34.08 -19.63 -22.01
CA MET A 88 34.37 -20.75 -22.92
C MET A 88 35.10 -20.24 -24.16
N GLY A 89 34.85 -19.00 -24.50
CA GLY A 89 35.44 -18.41 -25.67
C GLY A 89 34.41 -17.66 -26.50
N PHE A 90 33.15 -17.77 -26.09
CA PHE A 90 32.07 -17.10 -26.78
C PHE A 90 31.89 -15.68 -26.24
N GLN A 91 30.83 -15.02 -26.66
CA GLN A 91 30.55 -13.67 -26.20
C GLN A 91 29.42 -13.70 -25.19
N ARG A 92 29.45 -12.80 -24.21
CA ARG A 92 28.40 -12.74 -23.19
C ARG A 92 27.04 -12.56 -23.85
N ASN A 93 26.95 -11.54 -24.68
CA ASN A 93 25.70 -11.24 -25.39
C ASN A 93 25.28 -12.42 -26.26
N GLN A 94 26.25 -13.06 -26.89
CA GLN A 94 25.99 -14.25 -27.69
C GLN A 94 25.46 -15.37 -26.80
N ALA A 95 26.00 -15.43 -25.59
CA ALA A 95 25.55 -16.38 -24.61
C ALA A 95 24.11 -16.08 -24.18
N ILE A 96 23.79 -14.78 -24.08
CA ILE A 96 22.44 -14.36 -23.75
C ILE A 96 21.45 -14.86 -24.79
N GLN A 97 21.75 -14.58 -26.05
CA GLN A 97 20.90 -15.00 -27.16
C GLN A 97 20.69 -16.51 -27.12
N ALA A 98 21.79 -17.22 -26.92
CA ALA A 98 21.75 -18.66 -26.86
C ALA A 98 20.83 -19.13 -25.74
N LEU A 99 21.07 -18.65 -24.52
CA LEU A 99 20.27 -19.03 -23.37
C LEU A 99 18.80 -18.65 -23.55
N ARG A 100 18.56 -17.56 -24.27
CA ARG A 100 17.20 -17.16 -24.58
C ARG A 100 16.48 -18.28 -25.29
N ALA A 101 17.13 -18.80 -26.31
CA ALA A 101 16.58 -19.88 -27.11
C ALA A 101 16.54 -21.20 -26.33
N THR A 102 17.59 -21.46 -25.56
CA THR A 102 17.74 -22.72 -24.84
C THR A 102 16.98 -22.73 -23.52
N ASN A 103 16.41 -21.58 -23.17
CA ASN A 103 15.72 -21.39 -21.89
C ASN A 103 16.73 -21.51 -20.75
N ASN A 104 17.67 -20.56 -20.71
CA ASN A 104 18.74 -20.51 -19.69
C ASN A 104 19.46 -21.84 -19.54
N ASN A 105 19.39 -22.69 -20.56
CA ASN A 105 20.17 -23.93 -20.57
C ASN A 105 21.59 -23.64 -21.02
N LEU A 106 22.51 -23.75 -20.07
CA LEU A 106 23.93 -23.46 -20.29
C LEU A 106 24.49 -24.31 -21.42
N GLU A 107 24.42 -25.61 -21.23
CA GLU A 107 24.92 -26.59 -22.20
C GLU A 107 24.31 -26.36 -23.57
N ARG A 108 22.99 -26.20 -23.61
CA ARG A 108 22.30 -26.02 -24.87
C ARG A 108 22.63 -24.66 -25.46
N ALA A 109 22.94 -23.68 -24.63
CA ALA A 109 23.32 -22.38 -25.11
C ALA A 109 24.58 -22.49 -25.91
N LEU A 110 25.56 -23.14 -25.31
CA LEU A 110 26.82 -23.43 -25.98
C LEU A 110 26.56 -24.26 -27.23
N ASP A 111 25.63 -25.18 -27.10
CA ASP A 111 25.17 -26.00 -28.24
C ASP A 111 24.67 -25.10 -29.36
N TRP A 112 23.78 -24.19 -28.99
CA TRP A 112 23.16 -23.26 -29.89
C TRP A 112 24.21 -22.35 -30.53
N ILE A 113 25.10 -21.86 -29.70
CA ILE A 113 26.18 -21.01 -30.12
C ILE A 113 27.15 -21.75 -31.04
N PHE A 114 27.50 -22.96 -30.65
CA PHE A 114 28.43 -23.81 -31.39
C PHE A 114 27.90 -24.09 -32.80
N SER A 115 26.59 -24.01 -32.93
CA SER A 115 25.94 -24.24 -34.21
C SER A 115 26.15 -23.05 -35.14
N HIS A 116 26.92 -22.07 -34.67
CA HIS A 116 27.45 -21.02 -35.52
C HIS A 116 28.96 -20.94 -35.31
N PRO A 117 29.70 -21.91 -35.87
CA PRO A 117 31.13 -22.13 -35.64
C PRO A 117 31.93 -20.85 -35.53
N GLU A 118 32.11 -20.21 -36.66
CA GLU A 118 32.78 -18.92 -36.72
C GLU A 118 32.42 -18.20 -38.01
N PHE A 119 32.38 -18.94 -39.12
CA PHE A 119 32.05 -18.34 -40.40
C PHE A 119 31.07 -19.21 -41.19
N GLU A 120 30.48 -20.18 -40.50
CA GLU A 120 29.48 -21.08 -41.09
C GLU A 120 30.04 -21.88 -42.26
N GLU A 121 30.41 -23.12 -42.01
CA GLU A 121 31.09 -23.93 -43.02
C GLU A 121 30.11 -24.66 -43.92
N ASP A 122 30.56 -24.98 -45.12
CA ASP A 122 29.81 -25.80 -46.05
C ASP A 122 30.79 -26.61 -46.88
N SER A 123 30.61 -27.92 -46.88
CA SER A 123 31.54 -28.82 -47.54
C SER A 123 31.24 -28.91 -49.03
N ASP A 124 30.02 -29.36 -49.36
CA ASP A 124 29.62 -29.57 -50.75
C ASP A 124 30.60 -30.48 -51.46
N PHE A 125 30.50 -31.77 -51.18
CA PHE A 125 31.44 -32.74 -51.72
C PHE A 125 30.81 -33.56 -52.83
N VAL A 126 31.46 -33.57 -53.98
CA VAL A 126 30.99 -34.35 -55.12
C VAL A 126 31.96 -35.50 -55.39
N ASP A 1 -25.13 30.30 20.04
CA ASP A 1 -26.00 29.99 21.20
C ASP A 1 -25.85 28.53 21.59
N ILE A 2 -26.16 27.66 20.65
CA ILE A 2 -25.96 26.24 20.82
C ILE A 2 -25.40 25.68 19.52
N ASP A 3 -24.08 25.81 19.35
CA ASP A 3 -23.43 25.32 18.14
C ASP A 3 -23.43 23.81 18.09
N GLU A 4 -24.50 23.27 17.52
CA GLU A 4 -24.67 21.84 17.35
C GLU A 4 -23.70 21.31 16.30
N SER A 5 -23.04 22.22 15.61
CA SER A 5 -21.94 21.84 14.74
C SER A 5 -20.88 21.11 15.55
N SER A 6 -20.68 21.56 16.79
CA SER A 6 -19.71 20.94 17.71
C SER A 6 -20.06 19.48 17.96
N VAL A 7 -21.30 19.21 18.35
CA VAL A 7 -21.72 17.85 18.62
C VAL A 7 -21.73 17.03 17.34
N MET A 8 -22.17 17.64 16.25
CA MET A 8 -22.18 16.97 14.96
C MET A 8 -20.77 16.60 14.51
N GLN A 9 -19.78 17.35 14.98
CA GLN A 9 -18.39 16.97 14.75
C GLN A 9 -18.10 15.64 15.44
N LEU A 10 -18.41 15.57 16.74
CA LEU A 10 -18.24 14.31 17.48
C LEU A 10 -19.07 13.22 16.84
N ALA A 11 -20.30 13.57 16.51
CA ALA A 11 -21.28 12.65 15.97
C ALA A 11 -20.85 12.08 14.63
N GLU A 12 -20.07 12.87 13.90
CA GLU A 12 -19.58 12.47 12.61
C GLU A 12 -18.29 11.66 12.71
N MET A 13 -17.30 12.18 13.42
CA MET A 13 -15.98 11.55 13.44
C MET A 13 -15.75 10.74 14.71
N GLY A 14 -16.82 10.27 15.32
CA GLY A 14 -16.68 9.48 16.53
C GLY A 14 -17.94 8.74 16.90
N PHE A 15 -18.76 9.36 17.72
CA PHE A 15 -19.96 8.71 18.27
C PHE A 15 -21.13 9.68 18.23
N PRO A 16 -22.37 9.16 18.11
CA PRO A 16 -23.58 9.97 18.21
C PRO A 16 -23.74 10.58 19.61
N LEU A 17 -22.94 11.58 19.89
CA LEU A 17 -22.84 12.15 21.22
C LEU A 17 -23.84 13.28 21.45
N GLU A 18 -25.14 12.96 21.38
CA GLU A 18 -26.18 13.92 21.68
C GLU A 18 -25.99 14.50 23.08
N ALA A 19 -25.31 13.74 23.94
CA ALA A 19 -24.95 14.23 25.27
C ALA A 19 -24.13 15.50 25.14
N CYS A 20 -23.37 15.59 24.07
CA CYS A 20 -22.59 16.79 23.76
C CYS A 20 -23.52 17.89 23.29
N ARG A 21 -24.47 17.52 22.45
CA ARG A 21 -25.49 18.45 21.99
C ARG A 21 -26.16 19.14 23.19
N LYS A 22 -26.59 18.32 24.13
CA LYS A 22 -27.20 18.80 25.36
C LYS A 22 -26.15 19.45 26.27
N ALA A 23 -24.89 19.06 26.08
CA ALA A 23 -23.78 19.64 26.81
C ALA A 23 -23.46 21.04 26.33
N VAL A 24 -23.55 21.25 25.02
CA VAL A 24 -23.35 22.57 24.45
C VAL A 24 -24.36 23.55 25.02
N TYR A 25 -25.62 23.12 25.06
CA TYR A 25 -26.68 23.92 25.71
C TYR A 25 -26.34 24.15 27.19
N PHE A 26 -25.73 23.15 27.83
CA PHE A 26 -25.37 23.24 29.24
C PHE A 26 -24.15 24.14 29.45
N THR A 27 -23.12 23.95 28.62
CA THR A 27 -21.88 24.71 28.74
C THR A 27 -22.12 26.20 28.52
N GLY A 28 -23.18 26.52 27.79
CA GLY A 28 -23.54 27.90 27.54
C GLY A 28 -22.86 28.44 26.30
N ASN A 29 -22.59 27.54 25.36
CA ASN A 29 -21.90 27.90 24.11
C ASN A 29 -20.49 28.39 24.41
N MET A 30 -19.66 27.51 24.93
CA MET A 30 -18.27 27.85 25.23
C MET A 30 -17.37 27.53 24.04
N GLY A 31 -17.91 26.81 23.08
CA GLY A 31 -17.14 26.46 21.91
C GLY A 31 -17.10 24.96 21.66
N ALA A 32 -16.74 24.59 20.44
CA ALA A 32 -16.64 23.19 20.05
C ALA A 32 -15.68 22.41 20.94
N GLU A 33 -14.52 23.01 21.21
CA GLU A 33 -13.49 22.35 22.00
C GLU A 33 -13.97 22.08 23.43
N VAL A 34 -14.66 23.05 24.01
CA VAL A 34 -15.15 22.93 25.38
C VAL A 34 -16.12 21.77 25.52
N ALA A 35 -17.04 21.66 24.57
CA ALA A 35 -18.03 20.58 24.63
C ALA A 35 -17.42 19.26 24.19
N PHE A 36 -16.42 19.32 23.32
CA PHE A 36 -15.62 18.15 22.98
C PHE A 36 -14.98 17.59 24.26
N ASN A 37 -14.47 18.49 25.09
CA ASN A 37 -13.90 18.11 26.37
C ASN A 37 -14.98 17.60 27.32
N TRP A 38 -16.14 18.25 27.31
CA TRP A 38 -17.23 17.85 28.18
C TRP A 38 -17.65 16.41 27.88
N ILE A 39 -17.63 16.06 26.60
CA ILE A 39 -18.07 14.75 26.19
C ILE A 39 -17.06 13.68 26.52
N ILE A 40 -15.78 13.98 26.40
CA ILE A 40 -14.75 12.99 26.67
C ILE A 40 -14.67 12.67 28.15
N VAL A 41 -15.12 13.60 28.97
CA VAL A 41 -15.27 13.36 30.40
C VAL A 41 -16.55 12.56 30.68
N HIS A 42 -17.59 12.82 29.91
CA HIS A 42 -18.91 12.22 30.16
C HIS A 42 -19.17 11.02 29.26
N MET A 43 -18.17 10.62 28.48
CA MET A 43 -18.31 9.51 27.55
C MET A 43 -18.43 8.17 28.28
N GLU A 44 -17.97 8.16 29.53
CA GLU A 44 -18.05 6.98 30.38
C GLU A 44 -19.48 6.47 30.52
N GLU A 45 -20.45 7.33 30.21
CA GLU A 45 -21.86 6.95 30.21
C GLU A 45 -22.23 6.28 28.89
N PRO A 46 -22.47 4.96 28.93
CA PRO A 46 -22.78 4.15 27.74
C PRO A 46 -23.99 4.66 26.98
N ASP A 47 -25.01 5.00 27.73
CA ASP A 47 -26.32 5.26 27.17
C ASP A 47 -26.55 6.76 26.96
N PHE A 48 -25.58 7.56 27.38
CA PHE A 48 -25.65 9.00 27.13
C PHE A 48 -25.21 9.31 25.70
N ALA A 49 -24.57 8.33 25.07
CA ALA A 49 -24.33 8.39 23.65
C ALA A 49 -25.36 7.54 22.94
N GLU A 50 -26.51 8.12 22.77
CA GLU A 50 -27.68 7.42 22.26
C GLU A 50 -27.41 6.80 20.89
N PRO A 51 -27.80 5.53 20.72
CA PRO A 51 -27.51 4.75 19.51
C PRO A 51 -28.31 5.22 18.30
N LEU A 52 -27.86 6.32 17.73
CA LEU A 52 -28.46 6.86 16.53
C LEU A 52 -27.41 7.00 15.44
N THR A 53 -27.46 6.10 14.45
CA THR A 53 -26.55 6.10 13.31
C THR A 53 -25.09 6.08 13.74
N MET A 54 -24.59 4.90 14.07
CA MET A 54 -23.23 4.71 14.54
C MET A 54 -22.22 4.78 13.38
N PRO A 55 -21.44 5.87 13.31
CA PRO A 55 -20.49 6.11 12.23
C PRO A 55 -19.06 5.72 12.58
N GLY A 56 -18.12 6.22 11.78
CA GLY A 56 -16.72 5.96 12.02
C GLY A 56 -15.82 7.04 11.46
N TYR A 57 -16.12 7.47 10.23
CA TYR A 57 -15.35 8.53 9.56
C TYR A 57 -13.86 8.17 9.50
N GLY A 58 -13.50 7.34 8.52
CA GLY A 58 -12.12 6.92 8.38
C GLY A 58 -12.00 5.42 8.25
N GLY A 59 -11.74 4.95 7.04
CA GLY A 59 -11.64 3.53 6.79
C GLY A 59 -10.39 3.18 6.00
N ALA A 60 -9.27 3.75 6.42
CA ALA A 60 -7.95 3.49 5.82
C ALA A 60 -7.83 4.11 4.43
N ALA A 61 -6.69 4.73 4.19
CA ALA A 61 -6.39 5.32 2.88
C ALA A 61 -5.56 4.35 2.07
N SER A 62 -4.64 3.66 2.74
CA SER A 62 -3.83 2.63 2.11
C SER A 62 -4.52 1.28 2.24
N ALA A 63 -4.50 0.50 1.17
CA ALA A 63 -5.25 -0.75 1.12
C ALA A 63 -4.33 -1.95 1.36
N GLY A 64 -3.10 -1.68 1.77
CA GLY A 64 -2.18 -2.75 2.09
C GLY A 64 -0.75 -2.42 1.71
N ALA A 65 0.17 -2.67 2.63
CA ALA A 65 1.57 -2.40 2.40
C ALA A 65 2.27 -3.64 1.84
N SER A 66 2.93 -3.48 0.71
CA SER A 66 3.66 -4.58 0.08
C SER A 66 4.87 -4.03 -0.66
N VAL A 67 5.98 -4.75 -0.60
CA VAL A 67 7.21 -4.31 -1.25
C VAL A 67 7.66 -5.32 -2.30
N PHE A 68 8.07 -4.81 -3.45
CA PHE A 68 8.55 -5.66 -4.54
C PHE A 68 9.99 -5.32 -4.88
N GLY A 69 10.66 -6.23 -5.58
CA GLY A 69 12.03 -5.98 -5.99
C GLY A 69 13.02 -6.10 -4.85
N ALA A 70 13.41 -7.32 -4.54
CA ALA A 70 14.35 -7.57 -3.46
C ALA A 70 15.40 -8.60 -3.88
N SER A 71 16.65 -8.31 -3.58
CA SER A 71 17.75 -9.21 -3.91
C SER A 71 17.72 -10.44 -3.01
N GLY A 72 16.89 -11.40 -3.39
CA GLY A 72 16.66 -12.57 -2.59
C GLY A 72 15.34 -13.22 -2.97
N LEU A 73 14.32 -12.38 -3.12
CA LEU A 73 13.05 -12.81 -3.66
C LEU A 73 13.16 -12.86 -5.18
N ASP A 74 13.68 -11.78 -5.73
CA ASP A 74 13.95 -11.69 -7.16
C ASP A 74 15.38 -12.11 -7.43
N ASN A 75 15.55 -13.14 -8.24
CA ASN A 75 16.90 -13.57 -8.62
C ASN A 75 17.01 -13.58 -10.14
N GLN A 76 16.24 -12.71 -10.75
CA GLN A 76 16.24 -12.57 -12.20
C GLN A 76 17.53 -11.89 -12.65
N PRO A 77 18.14 -12.42 -13.73
CA PRO A 77 19.33 -11.81 -14.33
C PRO A 77 19.10 -10.36 -14.74
N PRO A 78 20.19 -9.60 -14.94
CA PRO A 78 20.10 -8.18 -15.26
C PRO A 78 19.39 -7.96 -16.59
N GLU A 79 18.21 -7.36 -16.52
CA GLU A 79 17.40 -7.09 -17.69
C GLU A 79 18.15 -6.25 -18.71
N GLU A 80 19.12 -5.48 -18.23
CA GLU A 80 20.02 -4.76 -19.12
C GLU A 80 20.77 -5.75 -19.99
N ILE A 81 21.37 -6.75 -19.36
CA ILE A 81 22.20 -7.71 -20.06
C ILE A 81 21.37 -8.69 -20.85
N VAL A 82 20.28 -9.18 -20.27
CA VAL A 82 19.42 -10.11 -20.99
C VAL A 82 18.98 -9.46 -22.30
N ALA A 83 18.72 -8.15 -22.21
CA ALA A 83 18.38 -7.32 -23.35
C ALA A 83 19.51 -7.32 -24.36
N ILE A 84 20.72 -7.07 -23.88
CA ILE A 84 21.90 -7.05 -24.74
C ILE A 84 22.09 -8.38 -25.45
N ILE A 85 21.87 -9.46 -24.71
CA ILE A 85 22.05 -10.80 -25.24
C ILE A 85 21.02 -11.10 -26.33
N THR A 86 19.77 -10.77 -26.09
CA THR A 86 18.75 -10.97 -27.10
C THR A 86 18.91 -9.98 -28.25
N SER A 87 19.59 -8.87 -27.98
CA SER A 87 19.96 -7.92 -29.03
C SER A 87 21.11 -8.49 -29.87
N MET A 88 21.92 -9.35 -29.26
CA MET A 88 22.98 -10.05 -29.98
C MET A 88 22.39 -11.02 -30.99
N GLY A 89 21.17 -11.47 -30.71
CA GLY A 89 20.50 -12.40 -31.59
C GLY A 89 19.87 -13.53 -30.81
N PHE A 90 20.21 -13.63 -29.54
CA PHE A 90 19.69 -14.68 -28.68
C PHE A 90 18.33 -14.29 -28.14
N GLN A 91 17.78 -15.11 -27.26
CA GLN A 91 16.50 -14.84 -26.67
C GLN A 91 16.68 -14.25 -25.28
N ARG A 92 15.78 -13.37 -24.85
CA ARG A 92 15.87 -12.79 -23.51
C ARG A 92 15.91 -13.88 -22.44
N ASN A 93 14.93 -14.77 -22.48
CA ASN A 93 14.82 -15.88 -21.54
C ASN A 93 16.07 -16.77 -21.60
N GLN A 94 16.59 -16.95 -22.81
CA GLN A 94 17.80 -17.71 -23.02
C GLN A 94 18.98 -16.99 -22.36
N ALA A 95 18.96 -15.67 -22.47
CA ALA A 95 19.94 -14.83 -21.82
C ALA A 95 19.82 -14.96 -20.30
N ILE A 96 18.58 -15.06 -19.81
CA ILE A 96 18.33 -15.21 -18.39
C ILE A 96 18.98 -16.49 -17.85
N GLN A 97 18.68 -17.62 -18.49
CA GLN A 97 19.25 -18.89 -18.09
C GLN A 97 20.77 -18.83 -18.09
N ALA A 98 21.31 -18.23 -19.14
CA ALA A 98 22.74 -18.09 -19.27
C ALA A 98 23.30 -17.30 -18.09
N LEU A 99 22.76 -16.11 -17.85
CA LEU A 99 23.23 -15.27 -16.77
C LEU A 99 23.05 -15.95 -15.42
N ARG A 100 22.00 -16.72 -15.27
CA ARG A 100 21.79 -17.49 -14.04
C ARG A 100 23.01 -18.34 -13.73
N ALA A 101 23.48 -19.03 -14.75
CA ALA A 101 24.64 -19.89 -14.64
C ALA A 101 25.93 -19.08 -14.49
N THR A 102 26.01 -17.96 -15.21
CA THR A 102 27.21 -17.15 -15.24
C THR A 102 27.27 -16.13 -14.10
N ASN A 103 26.26 -16.17 -13.23
CA ASN A 103 26.13 -15.21 -12.14
C ASN A 103 25.99 -13.78 -12.67
N ASN A 104 25.11 -13.63 -13.66
CA ASN A 104 24.79 -12.34 -14.27
C ASN A 104 25.99 -11.78 -15.01
N ASN A 105 26.89 -12.66 -15.43
CA ASN A 105 28.02 -12.26 -16.26
C ASN A 105 27.59 -12.27 -17.72
N LEU A 106 27.56 -11.07 -18.30
CA LEU A 106 27.09 -10.85 -19.66
C LEU A 106 27.87 -11.69 -20.66
N GLU A 107 29.17 -11.47 -20.67
CA GLU A 107 30.09 -12.15 -21.57
C GLU A 107 30.02 -13.66 -21.41
N ARG A 108 30.02 -14.13 -20.16
CA ARG A 108 29.94 -15.55 -19.89
C ARG A 108 28.56 -16.09 -20.26
N ALA A 109 27.54 -15.26 -20.20
CA ALA A 109 26.20 -15.67 -20.58
C ALA A 109 26.20 -16.01 -22.05
N LEU A 110 26.72 -15.09 -22.86
CA LEU A 110 26.87 -15.31 -24.28
C LEU A 110 27.77 -16.50 -24.53
N ASP A 111 28.79 -16.62 -23.70
CA ASP A 111 29.68 -17.78 -23.68
C ASP A 111 28.87 -19.06 -23.52
N TRP A 112 28.04 -19.04 -22.49
CA TRP A 112 27.19 -20.16 -22.13
C TRP A 112 26.19 -20.45 -23.24
N ILE A 113 25.56 -19.40 -23.72
CA ILE A 113 24.58 -19.51 -24.78
C ILE A 113 25.20 -20.01 -26.08
N PHE A 114 26.43 -19.56 -26.35
CA PHE A 114 27.15 -19.97 -27.55
C PHE A 114 27.48 -21.45 -27.50
N SER A 115 27.57 -21.97 -26.28
CA SER A 115 27.82 -23.38 -26.05
C SER A 115 26.54 -24.18 -26.28
N HIS A 116 25.47 -23.46 -26.57
CA HIS A 116 24.22 -24.06 -26.99
C HIS A 116 23.67 -23.29 -28.18
N PRO A 117 24.38 -23.39 -29.32
CA PRO A 117 24.18 -22.56 -30.53
C PRO A 117 22.71 -22.29 -30.84
N GLU A 118 22.01 -23.34 -31.22
CA GLU A 118 20.59 -23.29 -31.49
C GLU A 118 20.06 -24.70 -31.60
N PHE A 119 20.85 -25.57 -32.25
CA PHE A 119 20.49 -26.97 -32.38
C PHE A 119 21.63 -27.86 -31.90
N GLU A 120 22.55 -27.28 -31.13
CA GLU A 120 23.73 -27.97 -30.64
C GLU A 120 24.75 -28.25 -31.75
N GLU A 121 26.01 -28.43 -31.36
CA GLU A 121 27.14 -28.68 -32.26
C GLU A 121 27.13 -27.78 -33.50
N ASP A 122 27.99 -28.10 -34.46
CA ASP A 122 28.07 -27.34 -35.71
C ASP A 122 28.32 -28.30 -36.86
N SER A 123 27.55 -28.15 -37.92
CA SER A 123 27.68 -29.02 -39.08
C SER A 123 28.00 -28.19 -40.33
N ASP A 124 27.01 -27.51 -40.85
CA ASP A 124 27.18 -26.72 -42.07
C ASP A 124 26.54 -25.35 -41.94
N PHE A 125 27.37 -24.32 -41.88
CA PHE A 125 26.87 -22.96 -41.81
C PHE A 125 27.65 -22.07 -42.78
N VAL A 126 27.08 -21.89 -43.96
CA VAL A 126 27.70 -21.06 -44.98
C VAL A 126 26.79 -19.89 -45.33
N ASP A 1 -31.28 16.42 11.71
CA ASP A 1 -31.59 16.65 13.14
C ASP A 1 -30.31 16.81 13.93
N ILE A 2 -29.52 15.75 13.98
CA ILE A 2 -28.31 15.71 14.77
C ILE A 2 -27.25 16.64 14.20
N ASP A 3 -26.80 17.60 15.01
CA ASP A 3 -25.73 18.50 14.61
C ASP A 3 -24.40 17.77 14.61
N GLU A 4 -24.14 17.05 13.54
CA GLU A 4 -22.90 16.33 13.39
C GLU A 4 -21.74 17.28 13.15
N SER A 5 -22.04 18.57 13.05
CA SER A 5 -21.02 19.59 12.91
C SER A 5 -20.02 19.52 14.06
N SER A 6 -20.56 19.29 15.27
CA SER A 6 -19.72 19.19 16.45
C SER A 6 -18.81 17.96 16.40
N VAL A 7 -19.38 16.79 16.15
CA VAL A 7 -18.60 15.57 16.12
C VAL A 7 -17.58 15.58 15.00
N MET A 8 -17.96 16.12 13.85
CA MET A 8 -17.04 16.24 12.73
C MET A 8 -15.87 17.14 13.08
N GLN A 9 -16.13 18.17 13.89
CA GLN A 9 -15.05 19.03 14.36
C GLN A 9 -14.03 18.24 15.16
N LEU A 10 -14.51 17.31 15.99
CA LEU A 10 -13.61 16.41 16.72
C LEU A 10 -12.93 15.46 15.74
N ALA A 11 -13.77 14.88 14.90
CA ALA A 11 -13.36 13.78 14.02
C ALA A 11 -12.30 14.20 13.00
N GLU A 12 -12.55 15.29 12.29
CA GLU A 12 -11.68 15.73 11.20
C GLU A 12 -10.30 16.15 11.69
N MET A 13 -10.20 16.54 12.95
CA MET A 13 -8.94 17.05 13.48
C MET A 13 -8.19 15.98 14.28
N GLY A 14 -8.80 14.81 14.45
CA GLY A 14 -8.17 13.80 15.26
C GLY A 14 -8.82 12.43 15.12
N PHE A 15 -9.75 12.14 16.01
CA PHE A 15 -10.34 10.81 16.09
C PHE A 15 -11.82 10.84 15.72
N PRO A 16 -12.29 9.81 15.01
CA PRO A 16 -13.72 9.64 14.69
C PRO A 16 -14.55 9.39 15.96
N LEU A 17 -14.80 10.47 16.69
CA LEU A 17 -15.47 10.38 17.97
C LEU A 17 -16.97 10.26 17.82
N GLU A 18 -17.44 9.14 17.26
CA GLU A 18 -18.87 8.86 17.17
C GLU A 18 -19.52 8.89 18.56
N ALA A 19 -18.70 8.79 19.59
CA ALA A 19 -19.16 8.97 20.95
C ALA A 19 -19.78 10.34 21.11
N CYS A 20 -19.21 11.31 20.41
CA CYS A 20 -19.75 12.66 20.38
C CYS A 20 -21.00 12.68 19.53
N ARG A 21 -20.94 11.97 18.41
CA ARG A 21 -22.07 11.84 17.50
C ARG A 21 -23.33 11.39 18.25
N LYS A 22 -23.20 10.30 18.98
CA LYS A 22 -24.31 9.77 19.78
C LYS A 22 -24.56 10.67 20.99
N ALA A 23 -23.54 11.41 21.40
CA ALA A 23 -23.66 12.38 22.48
C ALA A 23 -24.51 13.57 22.06
N VAL A 24 -24.29 14.04 20.83
CA VAL A 24 -25.10 15.11 20.27
C VAL A 24 -26.57 14.74 20.31
N TYR A 25 -26.87 13.51 19.91
CA TYR A 25 -28.23 12.99 20.03
C TYR A 25 -28.68 13.00 21.49
N PHE A 26 -27.84 12.45 22.37
CA PHE A 26 -28.16 12.34 23.79
C PHE A 26 -28.37 13.71 24.45
N THR A 27 -27.54 14.69 24.07
CA THR A 27 -27.62 16.02 24.65
C THR A 27 -28.88 16.76 24.19
N GLY A 28 -29.52 16.22 23.16
CA GLY A 28 -30.69 16.87 22.60
C GLY A 28 -30.31 17.95 21.61
N ASN A 29 -29.15 17.77 20.98
CA ASN A 29 -28.60 18.75 20.04
C ASN A 29 -28.36 20.09 20.72
N MET A 30 -27.43 20.09 21.66
CA MET A 30 -27.09 21.30 22.41
C MET A 30 -25.88 22.00 21.79
N GLY A 31 -25.77 21.92 20.48
CA GLY A 31 -24.72 22.61 19.77
C GLY A 31 -23.37 21.95 19.90
N ALA A 32 -22.36 22.56 19.28
CA ALA A 32 -21.02 22.01 19.28
C ALA A 32 -20.37 22.11 20.66
N GLU A 33 -20.62 23.21 21.35
CA GLU A 33 -20.00 23.47 22.64
C GLU A 33 -20.31 22.37 23.65
N VAL A 34 -21.59 22.07 23.82
CA VAL A 34 -22.02 21.10 24.83
C VAL A 34 -21.56 19.69 24.48
N ALA A 35 -21.58 19.33 23.21
CA ALA A 35 -21.18 17.98 22.81
C ALA A 35 -19.66 17.82 22.81
N PHE A 36 -18.94 18.90 22.50
CA PHE A 36 -17.49 18.92 22.67
C PHE A 36 -17.18 18.72 24.15
N ASN A 37 -17.99 19.36 25.00
CA ASN A 37 -17.90 19.17 26.44
C ASN A 37 -18.24 17.74 26.83
N TRP A 38 -19.22 17.16 26.17
CA TRP A 38 -19.64 15.81 26.48
C TRP A 38 -18.54 14.81 26.10
N ILE A 39 -17.78 15.15 25.06
CA ILE A 39 -16.72 14.27 24.60
C ILE A 39 -15.49 14.36 25.50
N ILE A 40 -15.23 15.52 26.07
CA ILE A 40 -14.13 15.65 27.03
C ILE A 40 -14.45 14.88 28.30
N VAL A 41 -15.74 14.74 28.56
CA VAL A 41 -16.21 13.85 29.63
C VAL A 41 -16.00 12.38 29.22
N HIS A 42 -16.19 12.09 27.94
CA HIS A 42 -16.05 10.73 27.41
C HIS A 42 -14.73 10.52 26.68
N MET A 43 -13.75 11.38 26.96
CA MET A 43 -12.40 11.22 26.41
C MET A 43 -11.80 9.88 26.83
N GLU A 44 -12.33 9.33 27.91
CA GLU A 44 -11.86 8.06 28.45
C GLU A 44 -12.46 6.86 27.71
N GLU A 45 -13.02 7.12 26.52
CA GLU A 45 -13.63 6.06 25.72
C GLU A 45 -12.76 5.74 24.50
N PRO A 46 -11.88 4.74 24.61
CA PRO A 46 -11.07 4.25 23.48
C PRO A 46 -11.94 3.76 22.33
N ASP A 47 -12.85 2.87 22.69
CA ASP A 47 -13.60 2.09 21.73
C ASP A 47 -14.86 2.82 21.25
N PHE A 48 -15.24 3.88 21.95
CA PHE A 48 -16.37 4.72 21.53
C PHE A 48 -15.96 5.61 20.34
N ALA A 49 -14.67 5.62 20.05
CA ALA A 49 -14.16 6.26 18.86
C ALA A 49 -13.88 5.17 17.84
N GLU A 50 -14.80 5.05 16.89
CA GLU A 50 -14.76 4.03 15.84
C GLU A 50 -13.35 3.78 15.31
N PRO A 51 -12.74 2.66 15.69
CA PRO A 51 -11.36 2.33 15.35
C PRO A 51 -11.24 1.79 13.93
N LEU A 52 -11.46 2.66 12.97
CA LEU A 52 -11.35 2.32 11.57
C LEU A 52 -10.58 3.40 10.83
N THR A 53 -9.32 3.11 10.50
CA THR A 53 -8.46 4.07 9.81
C THR A 53 -8.15 5.27 10.72
N MET A 54 -7.15 5.11 11.58
CA MET A 54 -6.75 6.18 12.48
C MET A 54 -6.09 7.30 11.70
N PRO A 55 -6.74 8.47 11.66
CA PRO A 55 -6.30 9.59 10.84
C PRO A 55 -5.46 10.61 11.61
N GLY A 56 -5.23 11.75 10.98
CA GLY A 56 -4.47 12.81 11.59
C GLY A 56 -4.59 14.09 10.80
N TYR A 57 -4.17 15.20 11.37
CA TYR A 57 -4.31 16.49 10.72
C TYR A 57 -3.14 16.70 9.75
N GLY A 58 -3.45 17.12 8.54
CA GLY A 58 -2.43 17.27 7.52
C GLY A 58 -2.63 16.28 6.39
N GLY A 59 -3.82 15.70 6.33
CA GLY A 59 -4.14 14.75 5.29
C GLY A 59 -4.86 15.41 4.13
N ALA A 60 -4.09 15.95 3.19
CA ALA A 60 -4.66 16.65 2.04
C ALA A 60 -5.45 15.70 1.15
N ALA A 61 -4.87 14.55 0.85
CA ALA A 61 -5.51 13.59 -0.04
C ALA A 61 -5.40 12.17 0.52
N SER A 62 -4.34 11.89 1.25
CA SER A 62 -4.12 10.56 1.78
C SER A 62 -4.50 10.50 3.26
N ALA A 63 -5.56 9.76 3.56
CA ALA A 63 -5.95 9.51 4.94
C ALA A 63 -5.36 8.19 5.39
N GLY A 64 -5.31 7.23 4.47
CA GLY A 64 -4.73 5.94 4.75
C GLY A 64 -4.30 5.24 3.47
N ALA A 65 -3.85 6.01 2.50
CA ALA A 65 -3.48 5.47 1.20
C ALA A 65 -1.99 5.13 1.13
N SER A 66 -1.41 4.84 2.29
CA SER A 66 -0.01 4.47 2.37
C SER A 66 0.15 2.96 2.22
N VAL A 67 -0.97 2.24 2.30
CA VAL A 67 -0.95 0.79 2.22
C VAL A 67 -1.09 0.33 0.77
N PHE A 68 0.03 0.24 0.07
CA PHE A 68 0.05 -0.30 -1.28
C PHE A 68 1.26 -1.22 -1.45
N GLY A 69 0.99 -2.49 -1.66
CA GLY A 69 2.05 -3.47 -1.81
C GLY A 69 2.77 -3.35 -3.15
N ALA A 70 4.04 -3.01 -3.09
CA ALA A 70 4.87 -2.95 -4.29
C ALA A 70 5.05 -4.33 -4.89
N SER A 71 5.00 -4.38 -6.22
CA SER A 71 5.08 -5.63 -6.95
C SER A 71 6.45 -6.29 -6.80
N GLY A 72 7.45 -5.48 -6.46
CA GLY A 72 8.78 -5.99 -6.25
C GLY A 72 9.61 -5.07 -5.36
N LEU A 73 9.63 -5.37 -4.08
CA LEU A 73 10.41 -4.58 -3.14
C LEU A 73 11.78 -5.21 -2.97
N ASP A 74 12.71 -4.85 -3.86
CA ASP A 74 14.03 -5.47 -3.92
C ASP A 74 13.90 -6.97 -4.17
N ASN A 75 13.69 -7.32 -5.42
CA ASN A 75 13.55 -8.71 -5.82
C ASN A 75 14.45 -8.97 -6.99
N GLN A 76 15.75 -9.03 -6.74
CA GLN A 76 16.71 -9.27 -7.79
C GLN A 76 16.83 -10.77 -8.02
N PRO A 77 16.85 -11.19 -9.29
CA PRO A 77 17.07 -12.58 -9.67
C PRO A 77 18.33 -13.16 -9.06
N PRO A 78 18.45 -14.50 -9.03
CA PRO A 78 19.60 -15.18 -8.44
C PRO A 78 20.87 -14.85 -9.21
N GLU A 79 21.77 -14.12 -8.57
CA GLU A 79 23.03 -13.72 -9.17
C GLU A 79 23.81 -14.94 -9.64
N GLU A 80 23.53 -16.07 -9.00
CA GLU A 80 24.06 -17.35 -9.42
C GLU A 80 23.64 -17.64 -10.86
N ILE A 81 22.34 -17.59 -11.10
CA ILE A 81 21.80 -17.93 -12.41
C ILE A 81 22.03 -16.82 -13.43
N VAL A 82 21.88 -15.57 -13.03
CA VAL A 82 22.13 -14.47 -13.95
C VAL A 82 23.57 -14.60 -14.48
N ALA A 83 24.46 -15.03 -13.58
CA ALA A 83 25.84 -15.30 -13.90
C ALA A 83 25.95 -16.40 -14.95
N ILE A 84 25.23 -17.49 -14.71
CA ILE A 84 25.21 -18.62 -15.63
C ILE A 84 24.69 -18.20 -16.99
N ILE A 85 23.63 -17.41 -17.00
CA ILE A 85 23.01 -16.97 -18.23
C ILE A 85 23.93 -16.10 -19.06
N THR A 86 24.60 -15.16 -18.41
CA THR A 86 25.54 -14.32 -19.13
C THR A 86 26.80 -15.10 -19.49
N SER A 87 27.05 -16.20 -18.76
CA SER A 87 28.14 -17.11 -19.11
C SER A 87 27.74 -17.97 -20.31
N MET A 88 26.44 -18.09 -20.54
CA MET A 88 25.92 -18.79 -21.73
C MET A 88 26.19 -17.94 -22.97
N GLY A 89 26.28 -16.64 -22.77
CA GLY A 89 26.49 -15.73 -23.86
C GLY A 89 25.49 -14.60 -23.87
N PHE A 90 24.66 -14.54 -22.83
CA PHE A 90 23.66 -13.50 -22.70
C PHE A 90 24.16 -12.41 -21.76
N GLN A 91 23.32 -11.43 -21.48
CA GLN A 91 23.64 -10.40 -20.51
C GLN A 91 23.26 -10.83 -19.12
N ARG A 92 23.93 -10.30 -18.12
CA ARG A 92 23.53 -10.49 -16.74
C ARG A 92 22.18 -9.83 -16.51
N ASN A 93 22.09 -8.57 -16.90
CA ASN A 93 20.86 -7.81 -16.80
C ASN A 93 19.75 -8.46 -17.61
N GLN A 94 20.09 -8.95 -18.80
CA GLN A 94 19.13 -9.67 -19.63
C GLN A 94 18.69 -10.94 -18.92
N ALA A 95 19.63 -11.56 -18.23
CA ALA A 95 19.34 -12.72 -17.41
C ALA A 95 18.42 -12.35 -16.25
N ILE A 96 18.67 -11.18 -15.66
CA ILE A 96 17.83 -10.67 -14.59
C ILE A 96 16.39 -10.53 -15.09
N GLN A 97 16.23 -9.83 -16.20
CA GLN A 97 14.91 -9.60 -16.77
C GLN A 97 14.20 -10.92 -17.07
N ALA A 98 14.94 -11.84 -17.65
CA ALA A 98 14.42 -13.15 -17.98
C ALA A 98 13.94 -13.85 -16.72
N LEU A 99 14.82 -13.95 -15.72
CA LEU A 99 14.48 -14.61 -14.45
C LEU A 99 13.31 -13.92 -13.76
N ARG A 100 13.21 -12.61 -13.91
CA ARG A 100 12.06 -11.88 -13.37
C ARG A 100 10.76 -12.46 -13.88
N ALA A 101 10.72 -12.66 -15.18
CA ALA A 101 9.55 -13.22 -15.85
C ALA A 101 9.38 -14.71 -15.52
N THR A 102 10.49 -15.43 -15.49
CA THR A 102 10.47 -16.87 -15.27
C THR A 102 10.38 -17.24 -13.80
N ASN A 103 10.33 -16.23 -12.94
CA ASN A 103 10.35 -16.41 -11.50
C ASN A 103 11.61 -17.14 -11.07
N ASN A 104 12.75 -16.49 -11.33
CA ASN A 104 14.09 -17.01 -11.02
C ASN A 104 14.30 -18.45 -11.52
N ASN A 105 13.67 -18.78 -12.63
CA ASN A 105 13.89 -20.08 -13.27
C ASN A 105 14.97 -19.94 -14.32
N LEU A 106 16.09 -20.59 -14.07
CA LEU A 106 17.28 -20.51 -14.92
C LEU A 106 16.97 -20.92 -16.35
N GLU A 107 16.52 -22.15 -16.51
CA GLU A 107 16.22 -22.70 -17.82
C GLU A 107 15.18 -21.87 -18.56
N ARG A 108 14.12 -21.48 -17.86
CA ARG A 108 13.07 -20.68 -18.45
C ARG A 108 13.58 -19.29 -18.78
N ALA A 109 14.56 -18.81 -18.03
CA ALA A 109 15.14 -17.52 -18.28
C ALA A 109 15.81 -17.53 -19.64
N LEU A 110 16.66 -18.52 -19.84
CA LEU A 110 17.29 -18.74 -21.13
C LEU A 110 16.23 -18.96 -22.20
N ASP A 111 15.19 -19.68 -21.81
CA ASP A 111 14.02 -19.92 -22.67
C ASP A 111 13.39 -18.60 -23.08
N TRP A 112 13.24 -17.72 -22.10
CA TRP A 112 12.64 -16.40 -22.29
C TRP A 112 13.55 -15.53 -23.13
N ILE A 113 14.82 -15.55 -22.80
CA ILE A 113 15.83 -14.79 -23.52
C ILE A 113 15.89 -15.26 -24.97
N PHE A 114 15.79 -16.58 -25.16
CA PHE A 114 15.79 -17.18 -26.49
C PHE A 114 14.49 -16.85 -27.23
N SER A 115 13.45 -16.52 -26.47
CA SER A 115 12.16 -16.19 -27.05
C SER A 115 12.18 -14.76 -27.59
N HIS A 116 13.28 -14.07 -27.34
CA HIS A 116 13.44 -12.72 -27.85
C HIS A 116 14.88 -12.49 -28.30
N PRO A 117 15.26 -13.11 -29.43
CA PRO A 117 16.58 -12.93 -30.05
C PRO A 117 16.91 -11.45 -30.24
N GLU A 118 16.09 -10.80 -31.05
CA GLU A 118 16.16 -9.37 -31.25
C GLU A 118 14.80 -8.86 -31.70
N PHE A 119 14.30 -9.46 -32.77
CA PHE A 119 12.99 -9.13 -33.30
C PHE A 119 12.24 -10.43 -33.60
N GLU A 120 12.79 -11.52 -33.08
CA GLU A 120 12.25 -12.86 -33.30
C GLU A 120 12.34 -13.27 -34.77
N GLU A 121 11.93 -14.49 -35.06
CA GLU A 121 11.95 -15.01 -36.40
C GLU A 121 10.56 -15.39 -36.81
N ASP A 122 10.16 -15.00 -38.00
CA ASP A 122 8.87 -15.40 -38.52
C ASP A 122 8.91 -15.61 -40.02
N SER A 123 9.38 -14.59 -40.75
CA SER A 123 9.40 -14.61 -42.22
C SER A 123 8.08 -15.17 -42.76
N ASP A 124 6.98 -14.55 -42.35
CA ASP A 124 5.65 -15.04 -42.68
C ASP A 124 5.20 -14.54 -44.03
N PHE A 125 4.60 -15.45 -44.80
CA PHE A 125 4.09 -15.16 -46.14
C PHE A 125 5.23 -14.93 -47.12
N VAL A 126 5.81 -16.03 -47.57
CA VAL A 126 6.87 -15.98 -48.57
C VAL A 126 6.60 -17.04 -49.64
N ASP A 1 -27.55 29.91 25.66
CA ASP A 1 -26.97 28.91 26.58
C ASP A 1 -26.86 27.58 25.84
N ILE A 2 -26.08 26.65 26.39
CA ILE A 2 -25.71 25.43 25.68
C ILE A 2 -25.27 25.77 24.27
N ASP A 3 -24.07 26.32 24.14
CA ASP A 3 -23.55 26.72 22.84
C ASP A 3 -23.38 25.51 21.95
N GLU A 4 -24.37 25.27 21.09
CA GLU A 4 -24.36 24.14 20.19
C GLU A 4 -23.34 24.30 19.08
N SER A 5 -22.68 25.46 19.03
CA SER A 5 -21.53 25.62 18.17
C SER A 5 -20.50 24.55 18.50
N SER A 6 -20.43 24.20 19.78
CA SER A 6 -19.51 23.17 20.25
C SER A 6 -19.87 21.80 19.68
N VAL A 7 -21.13 21.40 19.84
CA VAL A 7 -21.56 20.09 19.37
C VAL A 7 -21.58 20.03 17.85
N MET A 8 -22.04 21.09 17.22
CA MET A 8 -22.05 21.17 15.77
C MET A 8 -20.65 21.03 15.21
N GLN A 9 -19.67 21.57 15.92
CA GLN A 9 -18.26 21.40 15.53
C GLN A 9 -17.86 19.94 15.57
N LEU A 10 -18.28 19.22 16.61
CA LEU A 10 -18.02 17.78 16.69
C LEU A 10 -18.73 17.07 15.54
N ALA A 11 -19.98 17.47 15.33
CA ALA A 11 -20.82 16.88 14.31
C ALA A 11 -20.25 17.11 12.92
N GLU A 12 -19.60 18.26 12.74
CA GLU A 12 -18.87 18.55 11.51
C GLU A 12 -17.78 17.51 11.28
N MET A 13 -17.24 16.98 12.37
CA MET A 13 -16.18 16.00 12.30
C MET A 13 -16.72 14.58 12.32
N GLY A 14 -18.03 14.41 12.21
CA GLY A 14 -18.59 13.10 12.13
C GLY A 14 -20.00 12.98 12.68
N PHE A 15 -20.11 12.43 13.87
CA PHE A 15 -21.41 12.06 14.43
C PHE A 15 -22.12 13.24 15.08
N PRO A 16 -23.46 13.26 14.99
CA PRO A 16 -24.30 14.24 15.69
C PRO A 16 -24.26 13.99 17.21
N LEU A 17 -23.27 14.56 17.86
CA LEU A 17 -23.00 14.27 19.25
C LEU A 17 -23.91 15.04 20.20
N GLU A 18 -25.19 14.66 20.24
CA GLU A 18 -26.14 15.21 21.21
C GLU A 18 -25.63 15.00 22.64
N ALA A 19 -24.78 13.99 22.81
CA ALA A 19 -24.10 13.77 24.08
C ALA A 19 -23.28 14.99 24.45
N CYS A 20 -22.79 15.69 23.44
CA CYS A 20 -22.08 16.94 23.62
C CYS A 20 -23.06 18.02 23.99
N ARG A 21 -24.18 18.05 23.30
CA ARG A 21 -25.23 19.03 23.55
C ARG A 21 -25.56 19.08 25.05
N LYS A 22 -25.93 17.93 25.60
CA LYS A 22 -26.23 17.82 27.02
C LYS A 22 -24.98 18.05 27.86
N ALA A 23 -23.82 17.66 27.33
CA ALA A 23 -22.55 17.86 28.02
C ALA A 23 -22.22 19.33 28.15
N VAL A 24 -22.49 20.10 27.10
CA VAL A 24 -22.28 21.54 27.12
C VAL A 24 -23.07 22.16 28.26
N TYR A 25 -24.30 21.74 28.44
CA TYR A 25 -25.08 22.22 29.58
C TYR A 25 -24.50 21.68 30.89
N PHE A 26 -24.13 20.39 30.89
CA PHE A 26 -23.60 19.74 32.08
C PHE A 26 -22.28 20.37 32.54
N THR A 27 -21.42 20.71 31.57
CA THR A 27 -20.13 21.31 31.88
C THR A 27 -20.31 22.70 32.49
N GLY A 28 -21.45 23.30 32.23
CA GLY A 28 -21.71 24.64 32.70
C GLY A 28 -21.48 25.67 31.62
N ASN A 29 -21.62 25.23 30.36
CA ASN A 29 -21.43 26.09 29.19
C ASN A 29 -19.99 26.58 29.15
N MET A 30 -19.06 25.63 29.03
CA MET A 30 -17.64 25.94 29.15
C MET A 30 -16.95 26.02 27.78
N GLY A 31 -17.73 26.25 26.73
CA GLY A 31 -17.15 26.43 25.42
C GLY A 31 -16.95 25.12 24.68
N ALA A 32 -16.47 25.24 23.43
CA ALA A 32 -16.30 24.08 22.57
C ALA A 32 -15.18 23.17 23.05
N GLU A 33 -14.06 23.77 23.42
CA GLU A 33 -12.87 23.02 23.80
C GLU A 33 -13.13 22.08 24.98
N VAL A 34 -13.84 22.58 25.98
CA VAL A 34 -14.14 21.79 27.17
C VAL A 34 -15.11 20.66 26.83
N ALA A 35 -16.10 20.93 25.99
CA ALA A 35 -17.09 19.93 25.64
C ALA A 35 -16.53 18.92 24.63
N PHE A 36 -15.61 19.37 23.79
CA PHE A 36 -14.87 18.47 22.90
C PHE A 36 -14.15 17.43 23.75
N ASN A 37 -13.55 17.91 24.84
CA ASN A 37 -12.89 17.03 25.79
C ASN A 37 -13.91 16.11 26.46
N TRP A 38 -15.06 16.68 26.83
CA TRP A 38 -16.08 15.93 27.55
C TRP A 38 -16.62 14.81 26.68
N ILE A 39 -16.70 15.05 25.37
CA ILE A 39 -17.27 14.07 24.46
C ILE A 39 -16.29 12.93 24.21
N ILE A 40 -15.01 13.23 24.09
CA ILE A 40 -14.02 12.20 23.84
C ILE A 40 -13.85 11.31 25.07
N VAL A 41 -14.22 11.83 26.22
CA VAL A 41 -14.31 11.04 27.43
C VAL A 41 -15.57 10.17 27.40
N HIS A 42 -16.71 10.80 27.09
CA HIS A 42 -18.01 10.14 27.17
C HIS A 42 -18.30 9.33 25.88
N MET A 43 -17.34 9.31 24.97
CA MET A 43 -17.51 8.62 23.69
C MET A 43 -17.57 7.12 23.85
N GLU A 44 -17.05 6.60 24.96
CA GLU A 44 -16.97 5.15 25.17
C GLU A 44 -18.36 4.53 25.34
N GLU A 45 -19.37 5.36 25.53
CA GLU A 45 -20.74 4.88 25.66
C GLU A 45 -21.22 4.28 24.34
N PRO A 46 -22.00 3.18 24.44
CA PRO A 46 -22.56 2.49 23.27
C PRO A 46 -23.51 3.38 22.46
N ASP A 47 -24.34 4.12 23.16
CA ASP A 47 -25.42 4.86 22.55
C ASP A 47 -25.22 6.36 22.74
N PHE A 48 -23.96 6.76 22.88
CA PHE A 48 -23.61 8.16 23.14
C PHE A 48 -24.16 9.10 22.05
N ALA A 49 -24.32 8.58 20.85
CA ALA A 49 -24.85 9.35 19.75
C ALA A 49 -25.54 8.42 18.75
N GLU A 50 -26.85 8.57 18.64
CA GLU A 50 -27.63 7.82 17.66
C GLU A 50 -27.09 8.09 16.26
N PRO A 51 -26.61 7.03 15.58
CA PRO A 51 -25.98 7.15 14.27
C PRO A 51 -26.97 7.45 13.15
N LEU A 52 -27.46 8.68 13.12
CA LEU A 52 -28.32 9.14 12.04
C LEU A 52 -27.47 9.52 10.84
N THR A 53 -27.09 8.51 10.06
CA THR A 53 -26.15 8.68 8.96
C THR A 53 -24.75 8.95 9.48
N MET A 54 -23.92 7.91 9.51
CA MET A 54 -22.56 8.03 9.99
C MET A 54 -21.62 8.47 8.86
N PRO A 55 -21.12 9.71 8.93
CA PRO A 55 -20.20 10.26 7.94
C PRO A 55 -18.76 9.83 8.20
N GLY A 56 -18.05 9.50 7.13
CA GLY A 56 -16.66 9.11 7.26
C GLY A 56 -15.74 10.30 7.15
N TYR A 57 -15.43 10.90 8.30
CA TYR A 57 -14.55 12.06 8.34
C TYR A 57 -13.09 11.60 8.25
N GLY A 58 -12.72 11.07 7.10
CA GLY A 58 -11.38 10.60 6.88
C GLY A 58 -11.22 10.01 5.49
N GLY A 59 -11.98 8.97 5.20
CA GLY A 59 -11.96 8.39 3.87
C GLY A 59 -12.33 6.92 3.87
N ALA A 60 -12.18 6.27 2.73
CA ALA A 60 -12.47 4.86 2.60
C ALA A 60 -11.35 4.02 3.22
N ALA A 61 -10.16 4.10 2.62
CA ALA A 61 -9.00 3.37 3.08
C ALA A 61 -9.27 1.87 3.18
N SER A 62 -9.74 1.29 2.09
CA SER A 62 -10.04 -0.13 2.05
C SER A 62 -8.83 -0.92 1.54
N ALA A 63 -8.66 -2.13 2.06
CA ALA A 63 -7.54 -2.97 1.66
C ALA A 63 -7.90 -4.44 1.82
N GLY A 64 -7.43 -5.26 0.89
CA GLY A 64 -7.70 -6.68 0.93
C GLY A 64 -6.61 -7.47 0.24
N ALA A 65 -6.02 -8.43 0.96
CA ALA A 65 -4.93 -9.24 0.44
C ALA A 65 -3.71 -8.37 0.13
N SER A 66 -3.43 -7.45 1.04
CA SER A 66 -2.30 -6.55 0.89
C SER A 66 -1.04 -7.18 1.49
N VAL A 67 0.12 -6.68 1.06
CA VAL A 67 1.41 -7.18 1.54
C VAL A 67 1.56 -8.67 1.20
N PHE A 68 1.68 -8.95 -0.08
CA PHE A 68 1.84 -10.33 -0.55
C PHE A 68 3.25 -10.83 -0.23
N GLY A 69 3.34 -12.08 0.15
CA GLY A 69 4.61 -12.66 0.51
C GLY A 69 5.48 -12.96 -0.69
N ALA A 70 6.31 -12.00 -1.08
CA ALA A 70 7.24 -12.19 -2.18
C ALA A 70 8.50 -12.87 -1.67
N SER A 71 8.49 -14.19 -1.63
CA SER A 71 9.61 -14.97 -1.14
C SER A 71 10.65 -15.16 -2.24
N GLY A 72 10.18 -15.39 -3.45
CA GLY A 72 11.08 -15.61 -4.56
C GLY A 72 10.89 -14.61 -5.67
N LEU A 73 11.54 -13.46 -5.54
CA LEU A 73 11.51 -12.46 -6.60
C LEU A 73 12.17 -13.01 -7.85
N ASP A 74 13.45 -13.35 -7.73
CA ASP A 74 14.21 -13.97 -8.82
C ASP A 74 15.66 -14.14 -8.40
N ASN A 75 16.30 -15.18 -8.89
CA ASN A 75 17.72 -15.39 -8.63
C ASN A 75 18.48 -14.71 -9.74
N GLN A 76 18.52 -13.39 -9.67
CA GLN A 76 18.99 -12.59 -10.78
C GLN A 76 20.47 -12.85 -11.06
N PRO A 77 20.77 -13.11 -12.33
CA PRO A 77 22.14 -13.27 -12.82
C PRO A 77 23.00 -12.03 -12.58
N PRO A 78 24.33 -12.17 -12.74
CA PRO A 78 25.26 -11.07 -12.56
C PRO A 78 25.07 -10.01 -13.65
N GLU A 79 24.58 -8.84 -13.24
CA GLU A 79 24.35 -7.72 -14.14
C GLU A 79 25.59 -7.40 -14.96
N GLU A 80 26.75 -7.68 -14.38
CA GLU A 80 28.01 -7.52 -15.07
C GLU A 80 28.04 -8.39 -16.32
N ILE A 81 27.72 -9.65 -16.14
CA ILE A 81 27.77 -10.60 -17.23
C ILE A 81 26.60 -10.43 -18.18
N VAL A 82 25.41 -10.17 -17.65
CA VAL A 82 24.25 -9.95 -18.51
C VAL A 82 24.58 -8.80 -19.46
N ALA A 83 25.28 -7.81 -18.90
CA ALA A 83 25.78 -6.66 -19.65
C ALA A 83 26.73 -7.11 -20.75
N ILE A 84 27.70 -7.94 -20.37
CA ILE A 84 28.69 -8.45 -21.31
C ILE A 84 28.02 -9.23 -22.43
N ILE A 85 27.00 -9.99 -22.08
CA ILE A 85 26.28 -10.81 -23.03
C ILE A 85 25.50 -9.97 -24.03
N THR A 86 24.77 -8.98 -23.53
CA THR A 86 24.05 -8.08 -24.42
C THR A 86 25.03 -7.19 -25.20
N SER A 87 26.24 -7.02 -24.67
CA SER A 87 27.30 -6.33 -25.40
C SER A 87 27.86 -7.23 -26.51
N MET A 88 27.74 -8.54 -26.32
CA MET A 88 28.17 -9.51 -27.33
C MET A 88 27.26 -9.45 -28.54
N GLY A 89 26.04 -9.03 -28.32
CA GLY A 89 25.06 -8.95 -29.38
C GLY A 89 23.73 -9.55 -28.98
N PHE A 90 23.69 -10.09 -27.77
CA PHE A 90 22.48 -10.70 -27.26
C PHE A 90 21.67 -9.70 -26.46
N GLN A 91 20.60 -10.16 -25.83
CA GLN A 91 19.75 -9.30 -25.03
C GLN A 91 20.10 -9.45 -23.56
N ARG A 92 19.95 -8.38 -22.78
CA ARG A 92 20.23 -8.43 -21.34
C ARG A 92 19.40 -9.52 -20.66
N ASN A 93 18.09 -9.44 -20.85
CA ASN A 93 17.17 -10.41 -20.26
C ASN A 93 17.46 -11.82 -20.77
N GLN A 94 17.84 -11.90 -22.03
CA GLN A 94 18.22 -13.16 -22.64
C GLN A 94 19.48 -13.70 -21.96
N ALA A 95 20.38 -12.78 -21.64
CA ALA A 95 21.57 -13.09 -20.88
C ALA A 95 21.20 -13.56 -19.47
N ILE A 96 20.21 -12.89 -18.88
CA ILE A 96 19.70 -13.28 -17.58
C ILE A 96 19.17 -14.71 -17.60
N GLN A 97 18.29 -15.00 -18.55
CA GLN A 97 17.74 -16.34 -18.71
C GLN A 97 18.86 -17.36 -18.82
N ALA A 98 19.82 -17.04 -19.66
CA ALA A 98 20.94 -17.93 -19.89
C ALA A 98 21.70 -18.18 -18.60
N LEU A 99 22.12 -17.11 -17.93
CA LEU A 99 22.87 -17.25 -16.68
C LEU A 99 22.06 -17.95 -15.61
N ARG A 100 20.74 -17.79 -15.65
CA ARG A 100 19.87 -18.51 -14.71
C ARG A 100 20.13 -20.00 -14.84
N ALA A 101 20.18 -20.45 -16.08
CA ALA A 101 20.40 -21.86 -16.38
C ALA A 101 21.87 -22.25 -16.22
N THR A 102 22.79 -21.36 -16.56
CA THR A 102 24.20 -21.65 -16.52
C THR A 102 24.79 -21.48 -15.13
N ASN A 103 23.94 -21.04 -14.20
CA ASN A 103 24.34 -20.76 -12.82
C ASN A 103 25.26 -19.54 -12.77
N ASN A 104 24.92 -18.53 -13.56
CA ASN A 104 25.67 -17.27 -13.63
C ASN A 104 27.00 -17.46 -14.34
N ASN A 105 27.12 -18.54 -15.10
CA ASN A 105 28.31 -18.77 -15.90
C ASN A 105 28.19 -17.99 -17.21
N LEU A 106 29.09 -17.04 -17.38
CA LEU A 106 29.09 -16.13 -18.52
C LEU A 106 29.20 -16.89 -19.84
N GLU A 107 30.28 -17.63 -19.98
CA GLU A 107 30.54 -18.42 -21.20
C GLU A 107 29.37 -19.34 -21.51
N ARG A 108 28.96 -20.12 -20.52
CA ARG A 108 27.87 -21.06 -20.71
C ARG A 108 26.58 -20.33 -21.04
N ALA A 109 26.44 -19.10 -20.56
CA ALA A 109 25.25 -18.34 -20.85
C ALA A 109 25.16 -18.08 -22.33
N LEU A 110 26.26 -17.58 -22.88
CA LEU A 110 26.39 -17.37 -24.32
C LEU A 110 26.20 -18.68 -25.05
N ASP A 111 26.73 -19.74 -24.45
CA ASP A 111 26.55 -21.10 -24.93
C ASP A 111 25.07 -21.44 -25.02
N TRP A 112 24.39 -21.20 -23.91
CA TRP A 112 22.96 -21.47 -23.77
C TRP A 112 22.16 -20.64 -24.75
N ILE A 113 22.48 -19.36 -24.80
CA ILE A 113 21.82 -18.43 -25.70
C ILE A 113 22.03 -18.83 -27.15
N PHE A 114 23.25 -19.24 -27.47
CA PHE A 114 23.57 -19.67 -28.82
C PHE A 114 22.84 -20.95 -29.18
N SER A 115 22.59 -21.77 -28.17
CA SER A 115 21.89 -23.02 -28.36
C SER A 115 20.38 -22.79 -28.32
N HIS A 116 19.98 -21.55 -28.13
CA HIS A 116 18.57 -21.20 -28.10
C HIS A 116 18.33 -19.86 -28.79
N PRO A 117 18.43 -19.83 -30.13
CA PRO A 117 18.15 -18.65 -30.94
C PRO A 117 16.83 -18.01 -30.56
N GLU A 118 15.84 -18.86 -30.31
CA GLU A 118 14.53 -18.46 -29.85
C GLU A 118 13.69 -19.70 -29.62
N PHE A 119 13.61 -20.53 -30.65
CA PHE A 119 12.95 -21.81 -30.55
C PHE A 119 13.65 -22.82 -31.45
N GLU A 120 14.82 -22.42 -31.92
CA GLU A 120 15.70 -23.29 -32.69
C GLU A 120 15.00 -23.82 -33.93
N GLU A 121 15.51 -24.88 -34.51
CA GLU A 121 14.83 -25.52 -35.63
C GLU A 121 13.73 -26.42 -35.12
N ASP A 122 12.76 -26.66 -35.96
CA ASP A 122 11.66 -27.52 -35.60
C ASP A 122 11.99 -28.97 -35.92
N SER A 123 12.25 -29.74 -34.88
CA SER A 123 12.64 -31.13 -35.01
C SER A 123 11.51 -31.98 -35.59
N ASP A 124 11.87 -33.12 -36.14
CA ASP A 124 10.90 -34.05 -36.71
C ASP A 124 9.99 -34.61 -35.63
N PHE A 125 8.70 -34.37 -35.78
CA PHE A 125 7.72 -34.89 -34.84
C PHE A 125 7.25 -36.26 -35.30
N VAL A 126 7.59 -36.60 -36.54
CA VAL A 126 7.26 -37.89 -37.09
C VAL A 126 8.47 -38.49 -37.79
N ASP A 1 -27.41 33.22 23.13
CA ASP A 1 -28.29 32.17 23.69
C ASP A 1 -27.64 30.81 23.57
N ILE A 2 -28.44 29.76 23.70
CA ILE A 2 -27.95 28.39 23.64
C ILE A 2 -27.26 28.10 22.31
N ASP A 3 -25.97 27.87 22.35
CA ASP A 3 -25.23 27.47 21.17
C ASP A 3 -25.35 25.98 20.94
N GLU A 4 -26.46 25.59 20.32
CA GLU A 4 -26.72 24.20 20.00
C GLU A 4 -25.81 23.70 18.88
N SER A 5 -24.99 24.58 18.34
CA SER A 5 -23.92 24.17 17.46
C SER A 5 -22.98 23.25 18.24
N SER A 6 -22.80 23.54 19.52
CA SER A 6 -21.92 22.75 20.39
C SER A 6 -22.37 21.30 20.45
N VAL A 7 -23.67 21.08 20.70
CA VAL A 7 -24.19 19.74 20.81
C VAL A 7 -24.08 19.00 19.48
N MET A 8 -24.37 19.71 18.40
CA MET A 8 -24.24 19.13 17.07
C MET A 8 -22.79 18.77 16.75
N GLN A 9 -21.84 19.50 17.32
CA GLN A 9 -20.44 19.17 17.15
C GLN A 9 -20.12 17.82 17.77
N LEU A 10 -20.63 17.58 18.97
CA LEU A 10 -20.47 16.26 19.61
C LEU A 10 -21.28 15.22 18.84
N ALA A 11 -22.47 15.63 18.44
CA ALA A 11 -23.41 14.75 17.77
C ALA A 11 -22.86 14.20 16.46
N GLU A 12 -22.36 15.10 15.62
CA GLU A 12 -21.89 14.72 14.28
C GLU A 12 -20.61 13.91 14.35
N MET A 13 -19.90 13.98 15.47
CA MET A 13 -18.64 13.23 15.60
C MET A 13 -18.84 11.94 16.39
N GLY A 14 -20.06 11.72 16.89
CA GLY A 14 -20.31 10.54 17.68
C GLY A 14 -21.79 10.29 17.93
N PHE A 15 -22.26 10.70 19.09
CA PHE A 15 -23.63 10.42 19.52
C PHE A 15 -24.41 11.70 19.75
N PRO A 16 -25.75 11.64 19.70
CA PRO A 16 -26.61 12.80 19.93
C PRO A 16 -26.63 13.21 21.41
N LEU A 17 -25.61 13.97 21.82
CA LEU A 17 -25.53 14.45 23.19
C LEU A 17 -26.53 15.57 23.47
N GLU A 18 -27.82 15.26 23.51
CA GLU A 18 -28.79 16.26 23.93
C GLU A 18 -28.43 16.76 25.33
N ALA A 19 -27.70 15.94 26.08
CA ALA A 19 -27.15 16.35 27.36
C ALA A 19 -26.23 17.55 27.16
N CYS A 20 -25.63 17.64 25.99
CA CYS A 20 -24.81 18.80 25.62
C CYS A 20 -25.70 19.99 25.42
N ARG A 21 -26.81 19.78 24.73
CA ARG A 21 -27.82 20.83 24.56
C ARG A 21 -28.23 21.37 25.93
N LYS A 22 -28.56 20.46 26.84
CA LYS A 22 -28.93 20.81 28.21
C LYS A 22 -27.74 21.48 28.91
N ALA A 23 -26.55 20.95 28.65
CA ALA A 23 -25.31 21.44 29.25
C ALA A 23 -24.99 22.85 28.79
N VAL A 24 -25.15 23.11 27.51
CA VAL A 24 -24.91 24.44 26.97
C VAL A 24 -25.75 25.47 27.71
N TYR A 25 -27.04 25.17 27.88
CA TYR A 25 -27.92 26.06 28.62
C TYR A 25 -27.51 26.11 30.09
N PHE A 26 -27.08 24.96 30.62
CA PHE A 26 -26.68 24.86 32.03
C PHE A 26 -25.40 25.63 32.30
N THR A 27 -24.40 25.46 31.43
CA THR A 27 -23.11 26.11 31.59
C THR A 27 -23.24 27.63 31.55
N GLY A 28 -24.28 28.10 30.86
CA GLY A 28 -24.49 29.52 30.71
C GLY A 28 -24.08 30.00 29.33
N ASN A 29 -24.17 29.09 28.36
CA ASN A 29 -23.82 29.39 26.97
C ASN A 29 -22.36 29.82 26.90
N MET A 30 -21.49 29.01 27.48
CA MET A 30 -20.07 29.35 27.58
C MET A 30 -19.32 29.04 26.30
N GLY A 31 -19.70 27.97 25.62
CA GLY A 31 -19.05 27.65 24.36
C GLY A 31 -19.03 26.16 24.06
N ALA A 32 -18.65 25.82 22.85
CA ALA A 32 -18.59 24.44 22.39
C ALA A 32 -17.57 23.63 23.19
N GLU A 33 -16.42 24.23 23.47
CA GLU A 33 -15.36 23.55 24.19
C GLU A 33 -15.78 23.30 25.63
N VAL A 34 -16.45 24.28 26.20
CA VAL A 34 -16.90 24.20 27.58
C VAL A 34 -17.93 23.09 27.76
N ALA A 35 -18.84 22.97 26.80
CA ALA A 35 -19.84 21.91 26.85
C ALA A 35 -19.24 20.57 26.46
N PHE A 36 -18.27 20.59 25.54
CA PHE A 36 -17.52 19.39 25.20
C PHE A 36 -16.91 18.81 26.47
N ASN A 37 -16.35 19.68 27.30
CA ASN A 37 -15.77 19.28 28.57
C ASN A 37 -16.86 18.82 29.54
N TRP A 38 -18.02 19.47 29.47
CA TRP A 38 -19.12 19.11 30.35
C TRP A 38 -19.61 17.68 30.01
N ILE A 39 -19.52 17.33 28.74
CA ILE A 39 -19.94 16.02 28.28
C ILE A 39 -18.92 14.93 28.61
N ILE A 40 -17.63 15.24 28.53
CA ILE A 40 -16.61 14.25 28.89
C ILE A 40 -16.73 13.90 30.37
N VAL A 41 -17.18 14.87 31.14
CA VAL A 41 -17.54 14.63 32.53
C VAL A 41 -18.81 13.78 32.63
N HIS A 42 -19.85 14.21 31.91
CA HIS A 42 -21.16 13.57 32.01
C HIS A 42 -21.31 12.37 31.07
N MET A 43 -20.19 11.89 30.52
CA MET A 43 -20.24 10.72 29.64
C MET A 43 -20.61 9.45 30.40
N GLU A 44 -20.38 9.48 31.70
CA GLU A 44 -20.71 8.33 32.56
C GLU A 44 -22.17 8.36 32.98
N GLU A 45 -22.94 9.26 32.40
CA GLU A 45 -24.38 9.31 32.62
C GLU A 45 -25.08 8.21 31.83
N PRO A 46 -26.06 7.55 32.45
CA PRO A 46 -26.89 6.54 31.77
C PRO A 46 -27.62 7.12 30.57
N ASP A 47 -28.01 8.37 30.72
CA ASP A 47 -28.87 9.03 29.75
C ASP A 47 -28.13 10.20 29.08
N PHE A 48 -26.80 10.12 29.06
CA PHE A 48 -25.97 11.21 28.53
C PHE A 48 -26.28 11.47 27.06
N ALA A 49 -26.55 10.42 26.31
CA ALA A 49 -26.87 10.55 24.90
C ALA A 49 -28.11 9.74 24.59
N GLU A 50 -29.24 10.42 24.55
CA GLU A 50 -30.52 9.79 24.29
C GLU A 50 -30.51 9.13 22.90
N PRO A 51 -30.85 7.84 22.84
CA PRO A 51 -30.77 7.04 21.62
C PRO A 51 -31.84 7.38 20.59
N LEU A 52 -31.78 8.60 20.09
CA LEU A 52 -32.70 9.05 19.05
C LEU A 52 -31.88 9.63 17.91
N THR A 53 -31.87 8.90 16.79
CA THR A 53 -31.08 9.24 15.60
C THR A 53 -29.59 9.35 15.93
N MET A 54 -28.99 8.19 16.19
CA MET A 54 -27.59 8.10 16.57
C MET A 54 -26.72 8.02 15.31
N PRO A 55 -25.83 8.99 15.12
CA PRO A 55 -24.88 9.01 13.99
C PRO A 55 -23.84 7.89 14.09
N GLY A 56 -23.12 7.84 15.20
CA GLY A 56 -22.09 6.83 15.37
C GLY A 56 -20.98 7.00 14.36
N TYR A 57 -20.32 8.16 14.43
CA TYR A 57 -19.35 8.53 13.41
C TYR A 57 -18.02 7.80 13.59
N GLY A 58 -17.63 7.09 12.54
CA GLY A 58 -16.35 6.41 12.53
C GLY A 58 -15.92 6.10 11.11
N GLY A 59 -14.63 6.12 10.85
CA GLY A 59 -14.14 5.86 9.50
C GLY A 59 -13.13 4.73 9.46
N ALA A 60 -13.15 3.91 10.51
CA ALA A 60 -12.21 2.79 10.68
C ALA A 60 -10.76 3.26 10.70
N ALA A 61 -10.18 3.43 9.52
CA ALA A 61 -8.81 3.90 9.40
C ALA A 61 -8.61 4.63 8.08
N SER A 62 -8.19 5.89 8.17
CA SER A 62 -7.95 6.70 6.99
C SER A 62 -6.54 6.44 6.46
N ALA A 63 -6.32 5.22 6.00
CA ALA A 63 -5.00 4.80 5.55
C ALA A 63 -4.99 4.54 4.05
N GLY A 64 -4.54 5.52 3.29
CA GLY A 64 -4.43 5.35 1.85
C GLY A 64 -3.09 4.80 1.45
N ALA A 65 -3.09 3.66 0.78
CA ALA A 65 -1.86 3.01 0.37
C ALA A 65 -2.06 2.18 -0.89
N SER A 66 -1.01 2.03 -1.66
CA SER A 66 -1.06 1.23 -2.88
C SER A 66 -0.58 -0.18 -2.58
N VAL A 67 -1.45 -1.15 -2.81
CA VAL A 67 -1.17 -2.53 -2.43
C VAL A 67 -0.59 -3.34 -3.59
N PHE A 68 -0.62 -2.78 -4.79
CA PHE A 68 -0.10 -3.46 -5.96
C PHE A 68 1.07 -2.70 -6.55
N GLY A 69 2.08 -3.43 -6.99
CA GLY A 69 3.27 -2.81 -7.56
C GLY A 69 3.86 -3.65 -8.67
N ALA A 70 5.14 -3.99 -8.53
CA ALA A 70 5.83 -4.76 -9.54
C ALA A 70 5.84 -6.25 -9.17
N SER A 71 5.45 -7.09 -10.12
CA SER A 71 5.37 -8.53 -9.88
C SER A 71 6.75 -9.21 -10.06
N GLY A 72 7.80 -8.48 -9.72
CA GLY A 72 9.14 -9.01 -9.83
C GLY A 72 9.98 -8.22 -10.80
N LEU A 73 9.71 -8.41 -12.09
CA LEU A 73 10.43 -7.70 -13.15
C LEU A 73 11.92 -8.01 -13.08
N ASP A 74 12.25 -9.28 -12.89
CA ASP A 74 13.64 -9.71 -12.79
C ASP A 74 13.77 -11.12 -13.36
N ASN A 75 14.45 -11.24 -14.50
CA ASN A 75 14.55 -12.51 -15.19
C ASN A 75 15.73 -12.49 -16.16
N GLN A 76 16.92 -12.40 -15.61
CA GLN A 76 18.12 -12.35 -16.40
C GLN A 76 19.09 -13.44 -15.98
N PRO A 77 19.77 -14.10 -16.94
CA PRO A 77 20.86 -15.05 -16.66
C PRO A 77 21.97 -14.43 -15.83
N PRO A 78 22.85 -15.26 -15.26
CA PRO A 78 23.95 -14.77 -14.42
C PRO A 78 24.91 -13.91 -15.20
N GLU A 79 24.95 -12.62 -14.85
CA GLU A 79 25.81 -11.67 -15.52
C GLU A 79 27.26 -12.11 -15.47
N GLU A 80 27.60 -12.85 -14.42
CA GLU A 80 28.92 -13.45 -14.29
C GLU A 80 29.19 -14.35 -15.50
N ILE A 81 28.25 -15.24 -15.78
CA ILE A 81 28.43 -16.21 -16.82
C ILE A 81 28.25 -15.60 -18.20
N VAL A 82 27.24 -14.74 -18.36
CA VAL A 82 27.04 -14.08 -19.64
C VAL A 82 28.32 -13.36 -20.03
N ALA A 83 28.96 -12.78 -19.01
CA ALA A 83 30.26 -12.13 -19.14
C ALA A 83 31.31 -13.11 -19.62
N ILE A 84 31.37 -14.26 -18.95
CA ILE A 84 32.34 -15.30 -19.30
C ILE A 84 32.13 -15.76 -20.73
N ILE A 85 30.88 -15.93 -21.11
CA ILE A 85 30.53 -16.38 -22.44
C ILE A 85 30.95 -15.37 -23.50
N THR A 86 30.64 -14.11 -23.29
CA THR A 86 31.07 -13.09 -24.23
C THR A 86 32.59 -12.90 -24.17
N SER A 87 33.21 -13.29 -23.07
CA SER A 87 34.67 -13.30 -22.96
C SER A 87 35.26 -14.48 -23.72
N MET A 88 34.45 -15.51 -23.94
CA MET A 88 34.86 -16.66 -24.74
C MET A 88 34.95 -16.27 -26.21
N GLY A 89 34.21 -15.25 -26.56
CA GLY A 89 34.17 -14.77 -27.93
C GLY A 89 32.74 -14.61 -28.41
N PHE A 90 31.79 -14.90 -27.54
CA PHE A 90 30.38 -14.82 -27.87
C PHE A 90 29.82 -13.46 -27.47
N GLN A 91 28.51 -13.29 -27.60
CA GLN A 91 27.86 -12.05 -27.24
C GLN A 91 27.20 -12.19 -25.87
N ARG A 92 27.16 -11.11 -25.08
CA ARG A 92 26.53 -11.17 -23.76
C ARG A 92 25.06 -11.59 -23.89
N ASN A 93 24.34 -10.88 -24.73
CA ASN A 93 22.93 -11.17 -24.99
C ASN A 93 22.75 -12.58 -25.53
N GLN A 94 23.68 -13.01 -26.35
CA GLN A 94 23.70 -14.36 -26.89
C GLN A 94 23.90 -15.35 -25.74
N ALA A 95 24.78 -14.98 -24.82
CA ALA A 95 25.02 -15.74 -23.62
C ALA A 95 23.77 -15.82 -22.76
N ILE A 96 23.02 -14.71 -22.71
CA ILE A 96 21.77 -14.66 -21.97
C ILE A 96 20.77 -15.66 -22.53
N GLN A 97 20.54 -15.60 -23.83
CA GLN A 97 19.64 -16.51 -24.49
C GLN A 97 20.03 -17.96 -24.23
N ALA A 98 21.32 -18.21 -24.33
CA ALA A 98 21.85 -19.53 -24.09
C ALA A 98 21.55 -19.99 -22.68
N LEU A 99 21.92 -19.17 -21.69
CA LEU A 99 21.69 -19.52 -20.29
C LEU A 99 20.20 -19.64 -19.98
N ARG A 100 19.38 -18.90 -20.69
CA ARG A 100 17.93 -19.02 -20.56
C ARG A 100 17.49 -20.45 -20.82
N ALA A 101 17.94 -20.97 -21.93
CA ALA A 101 17.61 -22.32 -22.35
C ALA A 101 18.26 -23.35 -21.41
N THR A 102 19.51 -23.10 -21.04
CA THR A 102 20.28 -24.04 -20.25
C THR A 102 19.97 -23.93 -18.76
N ASN A 103 19.18 -22.93 -18.40
CA ASN A 103 18.90 -22.59 -17.00
C ASN A 103 20.18 -22.23 -16.28
N ASN A 104 20.73 -21.09 -16.69
CA ASN A 104 21.94 -20.48 -16.13
C ASN A 104 23.13 -21.45 -16.10
N ASN A 105 23.07 -22.50 -16.90
CA ASN A 105 24.19 -23.42 -17.04
C ASN A 105 25.21 -22.85 -18.01
N LEU A 106 26.36 -22.46 -17.46
CA LEU A 106 27.43 -21.80 -18.20
C LEU A 106 27.90 -22.65 -19.37
N GLU A 107 28.39 -23.82 -19.06
CA GLU A 107 28.91 -24.75 -20.07
C GLU A 107 27.86 -25.08 -21.10
N ARG A 108 26.64 -25.36 -20.65
CA ARG A 108 25.55 -25.68 -21.55
C ARG A 108 25.16 -24.47 -22.38
N ALA A 109 25.37 -23.27 -21.84
CA ALA A 109 25.09 -22.07 -22.58
C ALA A 109 26.00 -22.00 -23.79
N LEU A 110 27.29 -22.18 -23.52
CA LEU A 110 28.29 -22.24 -24.58
C LEU A 110 27.97 -23.40 -25.52
N ASP A 111 27.49 -24.49 -24.93
CA ASP A 111 26.98 -25.63 -25.69
C ASP A 111 25.92 -25.19 -26.68
N TRP A 112 24.94 -24.49 -26.13
CA TRP A 112 23.82 -23.97 -26.89
C TRP A 112 24.28 -22.99 -27.95
N ILE A 113 25.17 -22.11 -27.54
CA ILE A 113 25.70 -21.09 -28.42
C ILE A 113 26.57 -21.71 -29.53
N PHE A 114 27.34 -22.72 -29.16
CA PHE A 114 28.22 -23.41 -30.10
C PHE A 114 27.41 -24.18 -31.14
N SER A 115 26.15 -24.45 -30.80
CA SER A 115 25.23 -25.07 -31.74
C SER A 115 24.91 -24.09 -32.87
N HIS A 116 25.27 -22.83 -32.67
CA HIS A 116 25.22 -21.81 -33.71
C HIS A 116 26.59 -21.16 -33.84
N PRO A 117 27.57 -21.96 -34.31
CA PRO A 117 29.01 -21.62 -34.33
C PRO A 117 29.31 -20.18 -34.69
N GLU A 118 28.99 -19.83 -35.92
CA GLU A 118 29.32 -18.55 -36.48
C GLU A 118 28.56 -18.37 -37.78
N PHE A 119 28.53 -19.43 -38.56
CA PHE A 119 27.78 -19.47 -39.79
C PHE A 119 27.25 -20.88 -39.99
N GLU A 120 26.99 -21.56 -38.87
CA GLU A 120 26.59 -22.96 -38.86
C GLU A 120 27.73 -23.82 -39.40
N GLU A 121 27.45 -25.05 -39.78
CA GLU A 121 28.47 -25.89 -40.37
C GLU A 121 28.55 -25.68 -41.88
N ASP A 122 29.69 -25.19 -42.32
CA ASP A 122 29.91 -24.96 -43.73
C ASP A 122 31.30 -25.46 -44.12
N SER A 123 31.32 -26.55 -44.87
CA SER A 123 32.57 -27.22 -45.24
C SER A 123 33.49 -26.25 -45.98
N ASP A 124 34.66 -25.99 -45.40
CA ASP A 124 35.64 -25.12 -46.01
C ASP A 124 36.62 -25.93 -46.84
N PHE A 125 36.36 -25.99 -48.13
CA PHE A 125 37.18 -26.79 -49.03
C PHE A 125 38.46 -26.04 -49.37
N VAL A 126 39.54 -26.35 -48.65
CA VAL A 126 40.83 -25.75 -48.92
C VAL A 126 41.41 -26.33 -50.19
N ASP A 1 -30.28 28.36 16.94
CA ASP A 1 -31.04 27.64 18.00
C ASP A 1 -30.09 26.77 18.81
N ILE A 2 -29.25 26.06 18.10
CA ILE A 2 -28.36 25.10 18.69
C ILE A 2 -26.93 25.34 18.19
N ASP A 3 -26.05 25.78 19.08
CA ASP A 3 -24.64 25.93 18.72
C ASP A 3 -24.00 24.57 18.54
N GLU A 4 -24.17 24.01 17.35
CA GLU A 4 -23.58 22.74 17.01
C GLU A 4 -22.08 22.86 16.89
N SER A 5 -21.60 24.10 17.00
CA SER A 5 -20.18 24.35 17.13
C SER A 5 -19.64 23.63 18.36
N SER A 6 -20.46 23.59 19.41
CA SER A 6 -20.09 22.91 20.65
C SER A 6 -19.93 21.40 20.42
N VAL A 7 -20.96 20.77 19.83
CA VAL A 7 -20.93 19.33 19.61
C VAL A 7 -19.83 18.93 18.65
N MET A 8 -19.62 19.74 17.62
CA MET A 8 -18.58 19.47 16.64
C MET A 8 -17.19 19.58 17.25
N GLN A 9 -17.04 20.46 18.24
CA GLN A 9 -15.78 20.57 18.96
C GLN A 9 -15.49 19.26 19.69
N LEU A 10 -16.53 18.65 20.26
CA LEU A 10 -16.37 17.33 20.87
C LEU A 10 -16.16 16.28 19.79
N ALA A 11 -16.96 16.41 18.75
CA ALA A 11 -17.04 15.42 17.68
C ALA A 11 -15.71 15.27 16.95
N GLU A 12 -15.07 16.39 16.66
CA GLU A 12 -13.80 16.39 15.93
C GLU A 12 -12.66 15.80 16.75
N MET A 13 -12.88 15.55 18.04
CA MET A 13 -11.87 14.91 18.87
C MET A 13 -11.74 13.44 18.51
N GLY A 14 -12.79 12.88 17.93
CA GLY A 14 -12.75 11.51 17.48
C GLY A 14 -13.87 10.66 18.06
N PHE A 15 -15.08 11.20 17.98
CA PHE A 15 -16.28 10.48 18.44
C PHE A 15 -17.50 11.37 18.24
N PRO A 16 -18.58 10.79 17.71
CA PRO A 16 -19.82 11.51 17.45
C PRO A 16 -20.62 11.78 18.72
N LEU A 17 -20.35 12.91 19.38
CA LEU A 17 -21.12 13.25 20.57
C LEU A 17 -22.49 13.84 20.19
N GLU A 18 -23.27 13.07 19.44
CA GLU A 18 -24.63 13.45 19.11
C GLU A 18 -25.44 13.70 20.38
N ALA A 19 -25.01 13.11 21.49
CA ALA A 19 -25.60 13.40 22.78
C ALA A 19 -25.44 14.87 23.12
N CYS A 20 -24.35 15.45 22.63
CA CYS A 20 -24.08 16.87 22.82
C CYS A 20 -24.98 17.69 21.92
N ARG A 21 -25.21 17.20 20.70
CA ARG A 21 -26.18 17.81 19.79
C ARG A 21 -27.50 18.01 20.53
N LYS A 22 -27.96 16.92 21.13
CA LYS A 22 -29.16 16.94 21.96
C LYS A 22 -28.94 17.82 23.18
N ALA A 23 -27.78 17.66 23.82
CA ALA A 23 -27.43 18.40 25.03
C ALA A 23 -27.50 19.91 24.81
N VAL A 24 -26.94 20.38 23.72
CA VAL A 24 -26.99 21.80 23.39
C VAL A 24 -28.43 22.26 23.27
N TYR A 25 -29.24 21.47 22.60
CA TYR A 25 -30.67 21.75 22.50
C TYR A 25 -31.33 21.72 23.90
N PHE A 26 -30.98 20.72 24.70
CA PHE A 26 -31.57 20.56 26.04
C PHE A 26 -31.12 21.67 27.00
N THR A 27 -29.85 22.06 26.92
CA THR A 27 -29.31 23.08 27.82
C THR A 27 -29.94 24.44 27.56
N GLY A 28 -30.59 24.56 26.40
CA GLY A 28 -31.10 25.85 25.99
C GLY A 28 -30.05 26.63 25.25
N ASN A 29 -29.08 25.89 24.72
CA ASN A 29 -27.92 26.45 24.05
C ASN A 29 -27.14 27.36 24.99
N MET A 30 -26.46 26.73 25.94
CA MET A 30 -25.71 27.45 26.94
C MET A 30 -24.24 27.62 26.55
N GLY A 31 -23.93 27.28 25.30
CA GLY A 31 -22.58 27.44 24.81
C GLY A 31 -21.76 26.18 24.93
N ALA A 32 -20.57 26.22 24.34
CA ALA A 32 -19.67 25.07 24.30
C ALA A 32 -19.32 24.54 25.68
N GLU A 33 -18.90 25.45 26.57
CA GLU A 33 -18.45 25.06 27.91
C GLU A 33 -19.49 24.23 28.65
N VAL A 34 -20.76 24.64 28.56
CA VAL A 34 -21.83 23.97 29.27
C VAL A 34 -22.15 22.63 28.63
N ALA A 35 -22.15 22.57 27.32
CA ALA A 35 -22.46 21.32 26.63
C ALA A 35 -21.30 20.35 26.68
N PHE A 36 -20.08 20.87 26.72
CA PHE A 36 -18.91 20.04 26.96
C PHE A 36 -19.05 19.38 28.32
N ASN A 37 -19.51 20.15 29.30
CA ASN A 37 -19.78 19.63 30.63
C ASN A 37 -20.94 18.65 30.59
N TRP A 38 -21.96 18.97 29.81
CA TRP A 38 -23.14 18.12 29.72
C TRP A 38 -22.76 16.76 29.13
N ILE A 39 -21.76 16.75 28.25
CA ILE A 39 -21.30 15.51 27.64
C ILE A 39 -20.45 14.71 28.62
N ILE A 40 -19.60 15.39 29.39
CA ILE A 40 -18.75 14.71 30.35
C ILE A 40 -19.56 14.19 31.53
N VAL A 41 -20.77 14.72 31.65
CA VAL A 41 -21.76 14.16 32.57
C VAL A 41 -22.41 12.93 31.95
N HIS A 42 -22.66 12.98 30.64
CA HIS A 42 -23.30 11.86 29.93
C HIS A 42 -22.29 10.83 29.44
N MET A 43 -21.02 11.02 29.78
CA MET A 43 -19.98 10.07 29.39
C MET A 43 -20.24 8.69 29.98
N GLU A 44 -21.00 8.64 31.07
CA GLU A 44 -21.33 7.38 31.73
C GLU A 44 -22.67 6.82 31.26
N GLU A 45 -23.17 7.37 30.17
CA GLU A 45 -24.38 6.87 29.54
C GLU A 45 -24.04 5.85 28.46
N PRO A 46 -24.71 4.70 28.49
CA PRO A 46 -24.52 3.64 27.50
C PRO A 46 -25.00 4.02 26.11
N ASP A 47 -26.14 4.70 26.05
CA ASP A 47 -26.83 4.96 24.79
C ASP A 47 -26.90 6.46 24.49
N PHE A 48 -25.97 7.22 25.03
CA PHE A 48 -26.00 8.67 24.85
C PHE A 48 -25.67 9.07 23.42
N ALA A 49 -24.76 8.35 22.78
CA ALA A 49 -24.30 8.68 21.45
C ALA A 49 -23.94 7.42 20.69
N GLU A 50 -24.70 7.16 19.64
CA GLU A 50 -24.41 6.06 18.75
C GLU A 50 -23.04 6.26 18.10
N PRO A 51 -22.14 5.28 18.20
CA PRO A 51 -20.81 5.33 17.59
C PRO A 51 -20.87 5.15 16.07
N LEU A 52 -21.89 5.74 15.48
CA LEU A 52 -22.14 5.63 14.05
C LEU A 52 -21.18 6.53 13.28
N THR A 53 -20.20 5.93 12.63
CA THR A 53 -19.17 6.65 11.91
C THR A 53 -18.36 7.54 12.87
N MET A 54 -17.68 6.88 13.81
CA MET A 54 -16.85 7.60 14.76
C MET A 54 -15.47 7.86 14.16
N PRO A 55 -15.06 9.14 14.12
CA PRO A 55 -13.79 9.54 13.54
C PRO A 55 -12.62 9.35 14.51
N GLY A 56 -11.44 9.81 14.09
CA GLY A 56 -10.27 9.70 14.93
C GLY A 56 -9.34 10.87 14.76
N TYR A 57 -9.04 11.56 15.85
CA TYR A 57 -8.14 12.70 15.80
C TYR A 57 -6.88 12.41 16.62
N GLY A 58 -5.74 12.53 15.96
CA GLY A 58 -4.48 12.34 16.63
C GLY A 58 -3.35 13.08 15.94
N GLY A 59 -2.23 13.21 16.61
CA GLY A 59 -1.08 13.87 16.02
C GLY A 59 -0.18 12.89 15.29
N ALA A 60 -0.62 11.64 15.24
CA ALA A 60 0.13 10.59 14.60
C ALA A 60 -0.74 9.88 13.57
N ALA A 61 -0.10 9.18 12.64
CA ALA A 61 -0.81 8.46 11.59
C ALA A 61 -0.88 6.98 11.91
N SER A 62 -1.83 6.29 11.30
CA SER A 62 -2.01 4.87 11.50
C SER A 62 -1.47 4.08 10.30
N ALA A 63 -0.22 3.64 10.42
CA ALA A 63 0.43 2.90 9.35
C ALA A 63 0.29 1.40 9.58
N GLY A 64 -0.05 0.68 8.52
CA GLY A 64 -0.21 -0.76 8.63
C GLY A 64 0.53 -1.51 7.56
N ALA A 65 -0.19 -1.91 6.51
CA ALA A 65 0.40 -2.64 5.38
C ALA A 65 1.07 -3.92 5.85
N SER A 66 0.27 -4.94 6.14
CA SER A 66 0.78 -6.20 6.65
C SER A 66 1.42 -7.02 5.54
N VAL A 67 0.76 -7.06 4.39
CA VAL A 67 1.21 -7.90 3.29
C VAL A 67 1.74 -7.07 2.13
N PHE A 68 2.66 -7.67 1.38
CA PHE A 68 3.20 -7.04 0.18
C PHE A 68 2.90 -7.92 -1.02
N GLY A 69 2.71 -7.32 -2.19
CA GLY A 69 2.37 -8.10 -3.36
C GLY A 69 3.35 -7.92 -4.50
N ALA A 70 4.49 -8.57 -4.40
CA ALA A 70 5.47 -8.57 -5.49
C ALA A 70 5.06 -9.60 -6.54
N SER A 71 5.31 -10.87 -6.23
CA SER A 71 4.91 -11.99 -7.09
C SER A 71 5.53 -11.93 -8.48
N GLY A 72 4.92 -11.18 -9.38
CA GLY A 72 5.37 -11.12 -10.75
C GLY A 72 6.59 -10.23 -10.91
N LEU A 73 7.76 -10.83 -10.75
CA LEU A 73 9.00 -10.08 -10.83
C LEU A 73 9.73 -10.40 -12.14
N ASP A 74 9.59 -9.51 -13.10
CA ASP A 74 10.30 -9.64 -14.38
C ASP A 74 11.74 -9.17 -14.22
N ASN A 75 12.66 -9.85 -14.88
CA ASN A 75 14.06 -9.54 -14.75
C ASN A 75 14.74 -9.83 -16.07
N GLN A 76 15.58 -8.92 -16.51
CA GLN A 76 16.32 -9.14 -17.72
C GLN A 76 17.74 -9.56 -17.35
N PRO A 77 18.27 -10.59 -18.01
CA PRO A 77 19.66 -11.01 -17.86
C PRO A 77 20.62 -9.84 -18.05
N PRO A 78 21.87 -9.99 -17.59
CA PRO A 78 22.86 -8.93 -17.66
C PRO A 78 23.14 -8.53 -19.09
N GLU A 79 22.70 -7.33 -19.45
CA GLU A 79 22.89 -6.80 -20.79
C GLU A 79 24.36 -6.79 -21.19
N GLU A 80 25.23 -6.70 -20.20
CA GLU A 80 26.66 -6.87 -20.42
C GLU A 80 26.93 -8.25 -21.01
N ILE A 81 26.41 -9.27 -20.35
CA ILE A 81 26.68 -10.64 -20.76
C ILE A 81 25.90 -11.02 -22.01
N VAL A 82 24.63 -10.62 -22.09
CA VAL A 82 23.85 -10.92 -23.28
C VAL A 82 24.58 -10.37 -24.50
N ALA A 83 25.18 -9.19 -24.30
CA ALA A 83 26.00 -8.54 -25.30
C ALA A 83 27.20 -9.40 -25.66
N ILE A 84 27.91 -9.89 -24.64
CA ILE A 84 29.06 -10.75 -24.85
C ILE A 84 28.67 -12.00 -25.62
N ILE A 85 27.54 -12.57 -25.26
CA ILE A 85 27.06 -13.79 -25.89
C ILE A 85 26.74 -13.59 -27.36
N THR A 86 26.00 -12.54 -27.68
CA THR A 86 25.70 -12.23 -29.07
C THR A 86 26.96 -11.79 -29.82
N SER A 87 27.96 -11.30 -29.08
CA SER A 87 29.26 -11.00 -29.66
C SER A 87 30.00 -12.30 -30.01
N MET A 88 29.75 -13.34 -29.22
CA MET A 88 30.33 -14.67 -29.46
C MET A 88 29.80 -15.24 -30.76
N GLY A 89 28.65 -14.75 -31.18
CA GLY A 89 28.05 -15.19 -32.41
C GLY A 89 26.62 -15.65 -32.21
N PHE A 90 26.12 -15.50 -31.00
CA PHE A 90 24.76 -15.89 -30.66
C PHE A 90 23.82 -14.70 -30.76
N GLN A 91 22.58 -14.89 -30.38
CA GLN A 91 21.61 -13.81 -30.36
C GLN A 91 21.53 -13.21 -28.97
N ARG A 92 21.26 -11.92 -28.88
CA ARG A 92 21.09 -11.27 -27.60
C ARG A 92 19.96 -11.92 -26.81
N ASN A 93 18.81 -12.03 -27.46
CA ASN A 93 17.63 -12.65 -26.86
C ASN A 93 17.88 -14.11 -26.52
N GLN A 94 18.67 -14.77 -27.35
CA GLN A 94 19.07 -16.14 -27.10
C GLN A 94 19.97 -16.19 -25.88
N ALA A 95 20.82 -15.18 -25.76
CA ALA A 95 21.65 -15.02 -24.59
C ALA A 95 20.80 -14.78 -23.35
N ILE A 96 19.74 -13.99 -23.51
CA ILE A 96 18.81 -13.73 -22.41
C ILE A 96 18.21 -15.03 -21.88
N GLN A 97 17.65 -15.81 -22.79
CA GLN A 97 17.03 -17.09 -22.43
C GLN A 97 18.04 -18.00 -21.74
N ALA A 98 19.24 -18.05 -22.30
CA ALA A 98 20.30 -18.85 -21.74
C ALA A 98 20.64 -18.42 -20.32
N LEU A 99 20.85 -17.11 -20.14
CA LEU A 99 21.14 -16.57 -18.81
C LEU A 99 19.97 -16.78 -17.86
N ARG A 100 18.75 -16.69 -18.38
CA ARG A 100 17.56 -16.96 -17.57
C ARG A 100 17.66 -18.33 -16.91
N ALA A 101 18.01 -19.30 -17.73
CA ALA A 101 18.16 -20.68 -17.28
C ALA A 101 19.39 -20.85 -16.39
N THR A 102 20.48 -20.20 -16.75
CA THR A 102 21.75 -20.35 -16.07
C THR A 102 21.91 -19.41 -14.88
N ASN A 103 20.86 -18.63 -14.60
CA ASN A 103 20.85 -17.66 -13.51
C ASN A 103 21.88 -16.56 -13.75
N ASN A 104 21.90 -16.04 -14.98
CA ASN A 104 22.79 -14.96 -15.39
C ASN A 104 24.25 -15.40 -15.41
N ASN A 105 24.46 -16.71 -15.50
CA ASN A 105 25.81 -17.25 -15.63
C ASN A 105 26.24 -17.20 -17.09
N LEU A 106 27.11 -16.24 -17.37
CA LEU A 106 27.63 -15.99 -18.72
C LEU A 106 28.10 -17.28 -19.40
N GLU A 107 29.08 -17.91 -18.78
CA GLU A 107 29.65 -19.15 -19.30
C GLU A 107 28.59 -20.23 -19.47
N ARG A 108 27.75 -20.41 -18.47
CA ARG A 108 26.72 -21.44 -18.54
C ARG A 108 25.66 -21.08 -19.57
N ALA A 109 25.47 -19.79 -19.80
CA ALA A 109 24.56 -19.33 -20.82
C ALA A 109 25.04 -19.82 -22.17
N LEU A 110 26.31 -19.56 -22.45
CA LEU A 110 26.95 -20.05 -23.65
C LEU A 110 26.89 -21.56 -23.68
N ASP A 111 27.13 -22.17 -22.52
CA ASP A 111 27.02 -23.62 -22.37
C ASP A 111 25.64 -24.10 -22.79
N TRP A 112 24.64 -23.41 -22.26
CA TRP A 112 23.25 -23.69 -22.56
C TRP A 112 22.96 -23.50 -24.03
N ILE A 113 23.42 -22.36 -24.55
CA ILE A 113 23.25 -22.04 -25.95
C ILE A 113 24.00 -23.04 -26.84
N PHE A 114 25.19 -23.42 -26.41
CA PHE A 114 26.01 -24.44 -27.08
C PHE A 114 25.29 -25.78 -27.10
N SER A 115 24.56 -26.05 -26.04
CA SER A 115 23.83 -27.29 -25.90
C SER A 115 22.50 -27.21 -26.64
N HIS A 116 22.36 -26.19 -27.45
CA HIS A 116 21.17 -25.99 -28.26
C HIS A 116 21.58 -25.65 -29.69
N PRO A 117 22.09 -26.67 -30.42
CA PRO A 117 22.54 -26.53 -31.80
C PRO A 117 21.52 -25.84 -32.69
N GLU A 118 20.37 -26.49 -32.82
CA GLU A 118 19.27 -26.01 -33.63
C GLU A 118 18.11 -26.99 -33.55
N PHE A 119 18.37 -28.25 -33.83
CA PHE A 119 17.33 -29.26 -33.83
C PHE A 119 17.58 -30.27 -32.71
N GLU A 120 18.57 -29.96 -31.88
CA GLU A 120 18.90 -30.76 -30.69
C GLU A 120 19.19 -32.21 -31.04
N GLU A 121 19.24 -33.07 -30.02
CA GLU A 121 19.31 -34.50 -30.24
C GLU A 121 18.62 -35.24 -29.10
N ASP A 122 18.19 -36.46 -29.37
CA ASP A 122 17.47 -37.25 -28.39
C ASP A 122 18.23 -38.54 -28.09
N SER A 123 19.55 -38.44 -28.04
CA SER A 123 20.40 -39.57 -27.73
C SER A 123 20.32 -39.92 -26.24
N ASP A 124 19.87 -38.95 -25.45
CA ASP A 124 19.76 -39.13 -24.01
C ASP A 124 18.82 -38.10 -23.42
N PHE A 125 17.98 -38.53 -22.48
CA PHE A 125 17.06 -37.64 -21.80
C PHE A 125 17.38 -37.57 -20.31
N VAL A 126 18.33 -38.37 -19.89
CA VAL A 126 18.68 -38.47 -18.48
C VAL A 126 20.06 -37.87 -18.23
N ASP A 1 -26.86 26.55 15.01
CA ASP A 1 -26.40 27.10 16.30
C ASP A 1 -25.47 26.12 16.99
N ILE A 2 -26.02 24.95 17.32
CA ILE A 2 -25.25 23.89 17.92
C ILE A 2 -24.20 23.37 16.94
N ASP A 3 -22.94 23.44 17.34
CA ASP A 3 -21.85 22.92 16.52
C ASP A 3 -21.89 21.40 16.48
N GLU A 4 -22.74 20.87 15.62
CA GLU A 4 -22.85 19.43 15.45
C GLU A 4 -21.62 18.87 14.75
N SER A 5 -20.80 19.75 14.22
CA SER A 5 -19.51 19.35 13.68
C SER A 5 -18.68 18.72 14.80
N SER A 6 -18.94 19.17 16.03
CA SER A 6 -18.25 18.64 17.20
C SER A 6 -18.67 17.19 17.48
N VAL A 7 -19.97 16.95 17.53
CA VAL A 7 -20.45 15.60 17.83
C VAL A 7 -20.03 14.63 16.74
N MET A 8 -20.20 15.03 15.50
CA MET A 8 -19.85 14.17 14.39
C MET A 8 -18.34 13.98 14.26
N GLN A 9 -17.55 14.95 14.74
CA GLN A 9 -16.10 14.79 14.73
C GLN A 9 -15.69 13.70 15.73
N LEU A 10 -16.42 13.62 16.84
CA LEU A 10 -16.22 12.54 17.80
C LEU A 10 -16.68 11.23 17.18
N ALA A 11 -17.83 11.31 16.52
CA ALA A 11 -18.46 10.15 15.92
C ALA A 11 -17.60 9.53 14.83
N GLU A 12 -16.91 10.37 14.07
CA GLU A 12 -16.03 9.91 13.00
C GLU A 12 -14.82 9.14 13.53
N MET A 13 -14.45 9.37 14.78
CA MET A 13 -13.23 8.78 15.32
C MET A 13 -13.51 7.83 16.48
N GLY A 14 -14.76 7.73 16.89
CA GLY A 14 -15.08 6.91 18.05
C GLY A 14 -16.49 6.35 18.03
N PHE A 15 -17.36 6.99 18.81
CA PHE A 15 -18.71 6.49 19.02
C PHE A 15 -19.72 7.55 18.66
N PRO A 16 -21.01 7.17 18.51
CA PRO A 16 -22.09 8.13 18.26
C PRO A 16 -22.41 8.95 19.50
N LEU A 17 -21.64 10.01 19.73
CA LEU A 17 -21.84 10.84 20.90
C LEU A 17 -23.05 11.76 20.75
N GLU A 18 -24.24 11.18 20.70
CA GLU A 18 -25.47 11.96 20.78
C GLU A 18 -25.46 12.78 22.06
N ALA A 19 -24.73 12.28 23.06
CA ALA A 19 -24.47 13.03 24.28
C ALA A 19 -23.77 14.33 23.97
N CYS A 20 -22.98 14.33 22.90
CA CYS A 20 -22.26 15.51 22.44
C CYS A 20 -23.22 16.49 21.80
N ARG A 21 -24.18 15.94 21.09
CA ARG A 21 -25.27 16.75 20.52
C ARG A 21 -25.87 17.62 21.62
N LYS A 22 -26.24 16.97 22.71
CA LYS A 22 -26.76 17.64 23.89
C LYS A 22 -25.68 18.44 24.61
N ALA A 23 -24.46 17.93 24.59
CA ALA A 23 -23.32 18.59 25.22
C ALA A 23 -23.05 19.96 24.60
N VAL A 24 -23.09 20.02 23.28
CA VAL A 24 -22.88 21.26 22.58
C VAL A 24 -23.99 22.25 22.89
N TYR A 25 -25.22 21.74 22.95
CA TYR A 25 -26.36 22.55 23.37
C TYR A 25 -26.17 23.02 24.83
N PHE A 26 -25.67 22.13 25.67
CA PHE A 26 -25.43 22.44 27.07
C PHE A 26 -24.28 23.44 27.23
N THR A 27 -23.19 23.22 26.49
CA THR A 27 -22.02 24.08 26.57
C THR A 27 -22.33 25.49 26.04
N GLY A 28 -23.42 25.60 25.30
CA GLY A 28 -23.84 26.87 24.76
C GLY A 28 -23.06 27.24 23.50
N ASN A 29 -23.01 26.28 22.56
CA ASN A 29 -22.25 26.43 21.29
C ASN A 29 -20.88 27.07 21.53
N MET A 30 -20.19 26.58 22.55
CA MET A 30 -18.87 27.08 22.90
C MET A 30 -17.85 26.79 21.79
N GLY A 31 -17.62 25.52 21.55
CA GLY A 31 -16.66 25.13 20.54
C GLY A 31 -16.64 23.63 20.33
N ALA A 32 -15.99 23.20 19.25
CA ALA A 32 -15.93 21.81 18.91
C ALA A 32 -15.13 21.03 19.94
N GLU A 33 -13.98 21.58 20.32
CA GLU A 33 -13.10 20.92 21.25
C GLU A 33 -13.64 21.04 22.68
N VAL A 34 -14.40 22.10 22.93
CA VAL A 34 -15.03 22.29 24.24
C VAL A 34 -15.95 21.11 24.57
N ALA A 35 -16.72 20.67 23.58
CA ALA A 35 -17.61 19.54 23.78
C ALA A 35 -16.83 18.23 23.72
N PHE A 36 -15.78 18.21 22.92
CA PHE A 36 -14.82 17.10 22.93
C PHE A 36 -14.36 16.84 24.37
N ASN A 37 -14.02 17.92 25.06
CA ASN A 37 -13.65 17.86 26.47
C ASN A 37 -14.80 17.31 27.31
N TRP A 38 -15.99 17.84 27.08
CA TRP A 38 -17.15 17.44 27.86
C TRP A 38 -17.38 15.93 27.74
N ILE A 39 -17.11 15.40 26.55
CA ILE A 39 -17.30 13.99 26.27
C ILE A 39 -16.21 13.13 26.91
N ILE A 40 -14.95 13.52 26.76
CA ILE A 40 -13.87 12.70 27.29
C ILE A 40 -13.84 12.76 28.82
N VAL A 41 -14.49 13.78 29.36
CA VAL A 41 -14.71 13.86 30.80
C VAL A 41 -15.90 12.97 31.21
N HIS A 42 -16.97 12.99 30.42
CA HIS A 42 -18.18 12.27 30.79
C HIS A 42 -18.33 10.97 30.02
N MET A 43 -17.23 10.47 29.48
CA MET A 43 -17.22 9.13 28.88
C MET A 43 -17.43 8.09 29.97
N GLU A 44 -17.14 8.48 31.20
CA GLU A 44 -17.26 7.61 32.36
C GLU A 44 -18.72 7.49 32.82
N GLU A 45 -19.64 8.06 32.07
CA GLU A 45 -21.06 7.92 32.36
C GLU A 45 -21.56 6.59 31.79
N PRO A 46 -22.37 5.86 32.58
CA PRO A 46 -22.87 4.53 32.19
C PRO A 46 -23.81 4.56 30.99
N ASP A 47 -24.69 5.55 30.97
CA ASP A 47 -25.78 5.60 30.02
C ASP A 47 -25.65 6.83 29.12
N PHE A 48 -24.41 7.31 28.97
CA PHE A 48 -24.14 8.54 28.22
C PHE A 48 -24.60 8.46 26.77
N ALA A 49 -24.49 7.28 26.19
CA ALA A 49 -24.87 7.05 24.80
C ALA A 49 -25.20 5.59 24.61
N GLU A 50 -26.46 5.32 24.27
CA GLU A 50 -26.91 3.96 24.03
C GLU A 50 -26.15 3.34 22.87
N PRO A 51 -25.34 2.31 23.15
CA PRO A 51 -24.41 1.73 22.18
C PRO A 51 -25.02 0.59 21.37
N LEU A 52 -26.05 0.91 20.61
CA LEU A 52 -26.66 -0.06 19.71
C LEU A 52 -26.66 0.50 18.29
N THR A 53 -25.58 1.20 17.97
CA THR A 53 -25.43 1.82 16.66
C THR A 53 -24.00 2.34 16.50
N MET A 54 -23.04 1.47 16.78
CA MET A 54 -21.63 1.85 16.70
C MET A 54 -21.17 1.86 15.24
N PRO A 55 -20.73 3.03 14.77
CA PRO A 55 -20.27 3.20 13.39
C PRO A 55 -18.80 2.85 13.22
N GLY A 56 -18.37 2.72 11.98
CA GLY A 56 -16.96 2.46 11.70
C GLY A 56 -16.17 3.75 11.62
N TYR A 57 -15.23 3.91 12.54
CA TYR A 57 -14.45 5.13 12.62
C TYR A 57 -13.51 5.27 11.43
N GLY A 58 -13.36 6.50 10.94
CA GLY A 58 -12.56 6.75 9.76
C GLY A 58 -11.09 6.92 10.08
N GLY A 59 -10.44 5.82 10.43
CA GLY A 59 -9.03 5.85 10.72
C GLY A 59 -8.42 4.48 10.62
N ALA A 60 -8.36 3.95 9.41
CA ALA A 60 -7.86 2.60 9.18
C ALA A 60 -6.39 2.63 8.76
N ALA A 61 -6.13 3.27 7.63
CA ALA A 61 -4.78 3.33 7.09
C ALA A 61 -4.50 4.72 6.53
N SER A 62 -3.25 5.15 6.62
CA SER A 62 -2.86 6.45 6.11
C SER A 62 -2.44 6.37 4.64
N ALA A 63 -3.17 7.07 3.78
CA ALA A 63 -2.84 7.13 2.37
C ALA A 63 -2.52 8.56 1.96
N GLY A 64 -1.38 9.05 2.43
CA GLY A 64 -0.96 10.39 2.11
C GLY A 64 0.45 10.44 1.59
N ALA A 65 1.31 9.60 2.16
CA ALA A 65 2.69 9.51 1.72
C ALA A 65 2.89 8.24 0.91
N SER A 66 3.32 8.41 -0.33
CA SER A 66 3.53 7.28 -1.22
C SER A 66 4.87 6.61 -0.91
N VAL A 67 4.85 5.68 0.04
CA VAL A 67 6.03 4.93 0.39
C VAL A 67 6.33 3.92 -0.71
N PHE A 68 5.37 3.03 -0.95
CA PHE A 68 5.49 1.99 -1.98
C PHE A 68 6.78 1.20 -1.80
N GLY A 69 6.74 0.22 -0.92
CA GLY A 69 7.95 -0.53 -0.60
C GLY A 69 8.33 -1.52 -1.68
N ALA A 70 8.98 -1.03 -2.72
CA ALA A 70 9.43 -1.87 -3.82
C ALA A 70 10.82 -2.44 -3.53
N SER A 71 10.92 -3.16 -2.42
CA SER A 71 12.18 -3.76 -2.01
C SER A 71 12.55 -4.91 -2.95
N GLY A 72 11.53 -5.59 -3.44
CA GLY A 72 11.76 -6.67 -4.39
C GLY A 72 11.25 -6.32 -5.77
N LEU A 73 9.93 -6.16 -5.88
CA LEU A 73 9.27 -5.83 -7.14
C LEU A 73 9.59 -6.86 -8.23
N ASP A 74 10.61 -6.57 -9.05
CA ASP A 74 11.01 -7.46 -10.12
C ASP A 74 12.51 -7.42 -10.29
N ASN A 75 13.05 -8.46 -10.92
CA ASN A 75 14.47 -8.54 -11.19
C ASN A 75 14.70 -9.15 -12.58
N GLN A 76 13.78 -8.82 -13.48
CA GLN A 76 13.84 -9.31 -14.85
C GLN A 76 14.93 -8.55 -15.62
N PRO A 77 15.65 -9.25 -16.51
CA PRO A 77 16.65 -8.63 -17.39
C PRO A 77 16.07 -7.48 -18.19
N PRO A 78 16.93 -6.64 -18.78
CA PRO A 78 16.51 -5.50 -19.56
C PRO A 78 15.74 -5.94 -20.79
N GLU A 79 14.44 -5.66 -20.80
CA GLU A 79 13.55 -6.05 -21.88
C GLU A 79 14.03 -5.47 -23.20
N GLU A 80 14.74 -4.36 -23.13
CA GLU A 80 15.38 -3.80 -24.31
C GLU A 80 16.37 -4.80 -24.88
N ILE A 81 17.23 -5.32 -24.02
CA ILE A 81 18.29 -6.21 -24.44
C ILE A 81 17.76 -7.58 -24.79
N VAL A 82 16.86 -8.11 -23.97
CA VAL A 82 16.27 -9.41 -24.25
C VAL A 82 15.66 -9.38 -25.64
N ALA A 83 15.06 -8.22 -25.96
CA ALA A 83 14.49 -7.94 -27.26
C ALA A 83 15.57 -7.97 -28.33
N ILE A 84 16.67 -7.28 -28.09
CA ILE A 84 17.78 -7.22 -29.02
C ILE A 84 18.33 -8.63 -29.28
N ILE A 85 18.45 -9.40 -28.22
CA ILE A 85 18.97 -10.74 -28.30
C ILE A 85 18.06 -11.64 -29.15
N THR A 86 16.77 -11.60 -28.90
CA THR A 86 15.84 -12.39 -29.69
C THR A 86 15.70 -11.81 -31.11
N SER A 87 16.04 -10.52 -31.26
CA SER A 87 16.09 -9.91 -32.58
C SER A 87 17.35 -10.36 -33.33
N MET A 88 18.36 -10.80 -32.58
CA MET A 88 19.59 -11.35 -33.16
C MET A 88 19.31 -12.72 -33.74
N GLY A 89 18.31 -13.39 -33.21
CA GLY A 89 17.94 -14.70 -33.68
C GLY A 89 17.76 -15.68 -32.54
N PHE A 90 17.87 -15.18 -31.31
CA PHE A 90 17.74 -16.00 -30.12
C PHE A 90 16.33 -15.89 -29.55
N GLN A 91 16.08 -16.55 -28.44
CA GLN A 91 14.82 -16.47 -27.75
C GLN A 91 14.88 -15.40 -26.67
N ARG A 92 13.80 -14.65 -26.48
CA ARG A 92 13.74 -13.62 -25.45
C ARG A 92 14.00 -14.20 -24.07
N ASN A 93 13.28 -15.25 -23.73
CA ASN A 93 13.45 -15.93 -22.45
C ASN A 93 14.88 -16.46 -22.32
N GLN A 94 15.43 -16.89 -23.45
CA GLN A 94 16.81 -17.33 -23.52
C GLN A 94 17.74 -16.15 -23.27
N ALA A 95 17.36 -15.01 -23.82
CA ALA A 95 18.06 -13.77 -23.59
C ALA A 95 17.99 -13.38 -22.11
N ILE A 96 16.81 -13.59 -21.51
CA ILE A 96 16.62 -13.33 -20.08
C ILE A 96 17.60 -14.18 -19.26
N GLN A 97 17.60 -15.47 -19.52
CA GLN A 97 18.48 -16.40 -18.83
C GLN A 97 19.94 -15.99 -18.99
N ALA A 98 20.31 -15.67 -20.22
CA ALA A 98 21.67 -15.26 -20.52
C ALA A 98 22.04 -14.02 -19.73
N LEU A 99 21.19 -12.99 -19.78
CA LEU A 99 21.43 -11.75 -19.05
C LEU A 99 21.47 -11.99 -17.54
N ARG A 100 20.66 -12.91 -17.05
CA ARG A 100 20.67 -13.28 -15.64
C ARG A 100 22.08 -13.68 -15.22
N ALA A 101 22.68 -14.50 -16.05
CA ALA A 101 24.04 -14.98 -15.81
C ALA A 101 25.06 -13.87 -16.05
N THR A 102 24.87 -13.08 -17.10
CA THR A 102 25.82 -12.07 -17.50
C THR A 102 25.61 -10.74 -16.77
N ASN A 103 24.66 -10.72 -15.84
CA ASN A 103 24.34 -9.53 -15.04
C ASN A 103 23.78 -8.43 -15.95
N ASN A 104 22.84 -8.81 -16.82
CA ASN A 104 22.18 -7.89 -17.75
C ASN A 104 23.15 -7.37 -18.80
N ASN A 105 24.29 -8.04 -18.94
CA ASN A 105 25.26 -7.68 -19.96
C ASN A 105 24.79 -8.24 -21.30
N LEU A 106 24.40 -7.32 -22.19
CA LEU A 106 23.86 -7.66 -23.51
C LEU A 106 24.84 -8.54 -24.28
N GLU A 107 26.02 -7.99 -24.49
CA GLU A 107 27.08 -8.66 -25.22
C GLU A 107 27.36 -10.04 -24.67
N ARG A 108 27.55 -10.14 -23.36
CA ARG A 108 27.87 -11.40 -22.72
C ARG A 108 26.68 -12.34 -22.75
N ALA A 109 25.47 -11.79 -22.77
CA ALA A 109 24.29 -12.61 -22.87
C ALA A 109 24.32 -13.36 -24.19
N LEU A 110 24.53 -12.60 -25.25
CA LEU A 110 24.68 -13.14 -26.58
C LEU A 110 25.86 -14.11 -26.60
N ASP A 111 26.92 -13.72 -25.92
CA ASP A 111 28.11 -14.57 -25.76
C ASP A 111 27.70 -15.90 -25.12
N TRP A 112 26.98 -15.80 -24.02
CA TRP A 112 26.49 -16.94 -23.27
C TRP A 112 25.58 -17.80 -24.14
N ILE A 113 24.70 -17.12 -24.85
CA ILE A 113 23.74 -17.78 -25.71
C ILE A 113 24.43 -18.40 -26.94
N PHE A 114 25.41 -17.69 -27.49
CA PHE A 114 26.16 -18.14 -28.66
C PHE A 114 26.98 -19.38 -28.34
N SER A 115 27.36 -19.50 -27.08
CA SER A 115 28.12 -20.65 -26.62
C SER A 115 27.18 -21.81 -26.31
N HIS A 116 25.91 -21.61 -26.62
CA HIS A 116 24.91 -22.66 -26.47
C HIS A 116 23.99 -22.68 -27.69
N PRO A 117 24.48 -23.28 -28.79
CA PRO A 117 23.70 -23.46 -30.02
C PRO A 117 22.32 -24.02 -29.76
N GLU A 118 22.30 -25.29 -29.38
CA GLU A 118 21.10 -25.97 -28.92
C GLU A 118 21.48 -27.26 -28.21
N PHE A 119 22.29 -28.07 -28.87
CA PHE A 119 22.71 -29.34 -28.32
C PHE A 119 24.23 -29.37 -28.13
N GLU A 120 24.85 -28.21 -28.30
CA GLU A 120 26.31 -28.08 -28.23
C GLU A 120 26.97 -28.92 -29.32
N GLU A 121 28.28 -29.04 -29.24
CA GLU A 121 29.00 -29.99 -30.08
C GLU A 121 29.14 -31.31 -29.34
N ASP A 122 29.04 -32.41 -30.06
CA ASP A 122 29.17 -33.72 -29.45
C ASP A 122 30.48 -34.38 -29.88
N SER A 123 31.00 -35.24 -29.01
CA SER A 123 32.29 -35.89 -29.21
C SER A 123 32.42 -36.51 -30.60
N ASP A 124 33.38 -36.01 -31.37
CA ASP A 124 33.63 -36.53 -32.71
C ASP A 124 34.69 -37.61 -32.66
N PHE A 125 34.57 -38.57 -33.57
CA PHE A 125 35.47 -39.70 -33.62
C PHE A 125 36.48 -39.52 -34.76
N VAL A 126 37.76 -39.58 -34.41
CA VAL A 126 38.81 -39.40 -35.40
C VAL A 126 39.28 -40.76 -35.94
N ASP A 1 -28.12 30.51 15.53
CA ASP A 1 -28.71 30.34 16.88
C ASP A 1 -28.04 29.20 17.61
N ILE A 2 -28.31 27.98 17.15
CA ILE A 2 -27.77 26.80 17.80
C ILE A 2 -26.32 26.57 17.40
N ASP A 3 -25.43 26.79 18.36
CA ASP A 3 -24.00 26.62 18.14
C ASP A 3 -23.63 25.14 18.06
N GLU A 4 -23.75 24.58 16.87
CA GLU A 4 -23.40 23.17 16.65
C GLU A 4 -21.89 22.95 16.66
N SER A 5 -21.13 24.03 16.77
CA SER A 5 -19.69 23.90 16.92
C SER A 5 -19.39 23.29 18.28
N SER A 6 -20.25 23.57 19.25
CA SER A 6 -20.13 23.02 20.60
C SER A 6 -20.30 21.50 20.58
N VAL A 7 -21.34 21.03 19.89
CA VAL A 7 -21.56 19.60 19.81
C VAL A 7 -20.47 18.93 18.98
N MET A 8 -20.08 19.57 17.89
CA MET A 8 -19.03 19.06 17.04
C MET A 8 -17.69 19.00 17.77
N GLN A 9 -17.47 19.92 18.72
CA GLN A 9 -16.25 19.90 19.49
C GLN A 9 -16.23 18.69 20.41
N LEU A 10 -17.40 18.35 20.98
CA LEU A 10 -17.53 17.12 21.76
C LEU A 10 -17.37 15.92 20.86
N ALA A 11 -18.02 16.01 19.71
CA ALA A 11 -18.11 14.91 18.76
C ALA A 11 -16.74 14.49 18.24
N GLU A 12 -15.85 15.46 18.10
CA GLU A 12 -14.51 15.19 17.59
C GLU A 12 -13.59 14.68 18.69
N MET A 13 -13.78 15.20 19.88
CA MET A 13 -12.92 14.85 21.02
C MET A 13 -13.47 13.65 21.81
N GLY A 14 -14.59 13.09 21.37
CA GLY A 14 -15.18 12.00 22.11
C GLY A 14 -16.17 11.19 21.31
N PHE A 15 -17.45 11.56 21.40
CA PHE A 15 -18.53 10.78 20.81
C PHE A 15 -19.52 11.71 20.10
N PRO A 16 -20.36 11.14 19.20
CA PRO A 16 -21.39 11.92 18.48
C PRO A 16 -22.49 12.40 19.42
N LEU A 17 -22.19 13.45 20.17
CA LEU A 17 -23.06 13.91 21.23
C LEU A 17 -24.16 14.85 20.71
N GLU A 18 -25.03 14.34 19.85
CA GLU A 18 -26.23 15.08 19.46
C GLU A 18 -27.03 15.45 20.70
N ALA A 19 -26.76 14.75 21.79
CA ALA A 19 -27.32 15.09 23.09
C ALA A 19 -26.91 16.52 23.45
N CYS A 20 -25.72 16.89 23.00
CA CYS A 20 -25.23 18.25 23.13
C CYS A 20 -26.01 19.16 22.21
N ARG A 21 -26.18 18.73 20.97
CA ARG A 21 -26.94 19.53 19.99
C ARG A 21 -28.33 19.89 20.54
N LYS A 22 -29.05 18.89 21.02
CA LYS A 22 -30.38 19.12 21.59
C LYS A 22 -30.28 19.84 22.93
N ALA A 23 -29.12 19.71 23.58
CA ALA A 23 -28.85 20.42 24.82
C ALA A 23 -28.60 21.90 24.56
N VAL A 24 -27.88 22.19 23.49
CA VAL A 24 -27.63 23.57 23.06
C VAL A 24 -28.94 24.30 22.84
N TYR A 25 -29.88 23.62 22.21
CA TYR A 25 -31.23 24.16 22.03
C TYR A 25 -31.92 24.33 23.38
N PHE A 26 -31.78 23.33 24.25
CA PHE A 26 -32.41 23.33 25.56
C PHE A 26 -31.83 24.40 26.47
N THR A 27 -30.51 24.56 26.44
CA THR A 27 -29.80 25.53 27.28
C THR A 27 -30.19 26.96 26.91
N GLY A 28 -30.67 27.13 25.68
CA GLY A 28 -31.01 28.46 25.20
C GLY A 28 -29.87 29.06 24.41
N ASN A 29 -29.03 28.20 23.84
CA ASN A 29 -27.88 28.61 23.02
C ASN A 29 -26.93 29.46 23.84
N MET A 30 -26.62 28.98 25.04
CA MET A 30 -25.83 29.75 25.99
C MET A 30 -24.34 29.78 25.64
N GLY A 31 -23.88 28.80 24.88
CA GLY A 31 -22.50 28.78 24.47
C GLY A 31 -21.86 27.41 24.55
N ALA A 32 -20.61 27.32 24.10
CA ALA A 32 -19.89 26.05 24.05
C ALA A 32 -19.68 25.45 25.42
N GLU A 33 -19.01 26.21 26.29
CA GLU A 33 -18.69 25.75 27.64
C GLU A 33 -19.96 25.33 28.39
N VAL A 34 -21.05 26.03 28.13
CA VAL A 34 -22.31 25.76 28.80
C VAL A 34 -22.86 24.39 28.40
N ALA A 35 -22.86 24.11 27.10
CA ALA A 35 -23.37 22.83 26.61
C ALA A 35 -22.35 21.72 26.84
N PHE A 36 -21.08 22.06 26.81
CA PHE A 36 -20.02 21.13 27.20
C PHE A 36 -20.26 20.69 28.64
N ASN A 37 -20.59 21.65 29.49
CA ASN A 37 -20.94 21.36 30.88
C ASN A 37 -22.21 20.53 30.96
N TRP A 38 -23.15 20.79 30.07
CA TRP A 38 -24.42 20.08 30.07
C TRP A 38 -24.20 18.61 29.71
N ILE A 39 -23.24 18.36 28.83
CA ILE A 39 -22.96 16.99 28.41
C ILE A 39 -22.18 16.23 29.47
N ILE A 40 -21.25 16.89 30.13
CA ILE A 40 -20.43 16.24 31.12
C ILE A 40 -21.25 15.91 32.37
N VAL A 41 -22.28 16.70 32.63
CA VAL A 41 -23.20 16.40 33.71
C VAL A 41 -24.21 15.33 33.27
N HIS A 42 -24.47 15.24 31.96
CA HIS A 42 -25.38 14.24 31.43
C HIS A 42 -24.65 13.04 30.84
N MET A 43 -23.34 12.95 31.08
CA MET A 43 -22.55 11.79 30.66
C MET A 43 -23.05 10.54 31.37
N GLU A 44 -23.74 10.75 32.50
CA GLU A 44 -24.41 9.67 33.22
C GLU A 44 -25.39 8.92 32.32
N GLU A 45 -25.74 9.55 31.20
CA GLU A 45 -26.54 8.90 30.17
C GLU A 45 -25.67 8.60 28.94
N PRO A 46 -25.02 7.42 28.93
CA PRO A 46 -24.16 6.99 27.82
C PRO A 46 -24.89 7.05 26.48
N ASP A 47 -26.11 6.54 26.52
CA ASP A 47 -26.89 6.33 25.32
C ASP A 47 -27.87 7.50 25.11
N PHE A 48 -27.51 8.65 25.66
CA PHE A 48 -28.30 9.86 25.47
C PHE A 48 -28.00 10.44 24.08
N ALA A 49 -26.94 9.96 23.47
CA ALA A 49 -26.58 10.31 22.10
C ALA A 49 -26.70 9.07 21.21
N GLU A 50 -25.66 8.79 20.45
CA GLU A 50 -25.60 7.57 19.65
C GLU A 50 -24.72 6.55 20.36
N PRO A 51 -24.88 5.27 20.01
CA PRO A 51 -24.02 4.19 20.49
C PRO A 51 -22.56 4.61 20.67
N LEU A 52 -21.93 4.10 21.72
CA LEU A 52 -20.63 4.59 22.15
C LEU A 52 -19.49 4.05 21.28
N THR A 53 -19.47 4.48 20.03
CA THR A 53 -18.37 4.15 19.14
C THR A 53 -17.39 5.32 19.06
N MET A 54 -16.11 5.04 19.21
CA MET A 54 -15.09 6.08 19.18
C MET A 54 -14.67 6.37 17.74
N PRO A 55 -14.94 7.60 17.27
CA PRO A 55 -14.63 8.00 15.90
C PRO A 55 -13.18 8.45 15.73
N GLY A 56 -12.33 8.06 16.67
CA GLY A 56 -10.92 8.38 16.60
C GLY A 56 -10.66 9.84 16.89
N TYR A 57 -10.61 10.18 18.18
CA TYR A 57 -10.43 11.57 18.62
C TYR A 57 -8.97 12.02 18.51
N GLY A 58 -8.21 11.38 17.64
CA GLY A 58 -6.82 11.73 17.47
C GLY A 58 -6.09 10.75 16.59
N GLY A 59 -6.40 10.77 15.30
CA GLY A 59 -5.73 9.89 14.36
C GLY A 59 -6.32 8.49 14.36
N ALA A 60 -5.50 7.52 14.00
CA ALA A 60 -5.91 6.13 13.93
C ALA A 60 -5.07 5.27 14.86
N ALA A 61 -5.15 3.96 14.68
CA ALA A 61 -4.50 3.02 15.60
C ALA A 61 -3.23 2.43 15.00
N SER A 62 -2.58 3.20 14.13
CA SER A 62 -1.27 2.85 13.58
C SER A 62 -1.33 1.53 12.79
N ALA A 63 -2.16 1.50 11.75
CA ALA A 63 -2.23 0.34 10.88
C ALA A 63 -1.10 0.37 9.86
N GLY A 64 -0.32 -0.71 9.81
CA GLY A 64 0.77 -0.80 8.87
C GLY A 64 0.92 -2.20 8.30
N ALA A 65 1.20 -2.28 7.01
CA ALA A 65 1.37 -3.58 6.36
C ALA A 65 2.72 -3.67 5.67
N SER A 66 3.57 -4.54 6.19
CA SER A 66 4.90 -4.72 5.64
C SER A 66 4.88 -5.67 4.45
N VAL A 67 4.74 -5.11 3.25
CA VAL A 67 4.72 -5.88 2.03
C VAL A 67 6.10 -5.86 1.37
N PHE A 68 6.65 -7.03 1.09
CA PHE A 68 7.97 -7.15 0.51
C PHE A 68 7.88 -7.03 -1.02
N GLY A 69 6.76 -7.45 -1.58
CA GLY A 69 6.53 -7.26 -3.00
C GLY A 69 7.01 -8.42 -3.82
N ALA A 70 8.34 -8.64 -3.81
CA ALA A 70 8.97 -9.67 -4.65
C ALA A 70 8.63 -9.42 -6.11
N SER A 71 8.56 -8.15 -6.47
CA SER A 71 8.13 -7.71 -7.78
C SER A 71 8.98 -8.31 -8.90
N GLY A 72 8.31 -8.95 -9.84
CA GLY A 72 8.99 -9.47 -11.01
C GLY A 72 9.56 -10.86 -10.79
N LEU A 73 10.41 -10.99 -9.78
CA LEU A 73 11.12 -12.24 -9.51
C LEU A 73 11.87 -12.67 -10.78
N ASP A 74 12.81 -11.84 -11.17
CA ASP A 74 13.55 -12.01 -12.41
C ASP A 74 14.26 -13.36 -12.45
N ASN A 75 13.92 -14.15 -13.46
CA ASN A 75 14.55 -15.44 -13.68
C ASN A 75 15.45 -15.34 -14.89
N GLN A 76 15.98 -14.14 -15.08
CA GLN A 76 16.83 -13.84 -16.21
C GLN A 76 18.19 -14.49 -16.02
N PRO A 77 18.80 -15.00 -17.12
CA PRO A 77 20.14 -15.59 -17.09
C PRO A 77 21.18 -14.68 -16.44
N PRO A 78 22.34 -15.24 -16.06
CA PRO A 78 23.38 -14.50 -15.36
C PRO A 78 23.94 -13.38 -16.21
N GLU A 79 23.66 -12.16 -15.78
CA GLU A 79 24.00 -10.96 -16.53
C GLU A 79 25.50 -10.85 -16.80
N GLU A 80 26.32 -11.43 -15.94
CA GLU A 80 27.74 -11.40 -16.16
C GLU A 80 28.08 -12.29 -17.34
N ILE A 81 27.43 -13.44 -17.36
CA ILE A 81 27.64 -14.40 -18.42
C ILE A 81 27.04 -13.93 -19.73
N VAL A 82 25.80 -13.43 -19.70
CA VAL A 82 25.16 -12.94 -20.91
C VAL A 82 26.07 -11.88 -21.53
N ALA A 83 26.67 -11.09 -20.65
CA ALA A 83 27.66 -10.09 -21.01
C ALA A 83 28.88 -10.72 -21.66
N ILE A 84 29.40 -11.78 -21.04
CA ILE A 84 30.56 -12.48 -21.56
C ILE A 84 30.25 -13.04 -22.94
N ILE A 85 29.06 -13.58 -23.11
CA ILE A 85 28.65 -14.17 -24.36
C ILE A 85 28.56 -13.12 -25.47
N THR A 86 27.94 -11.99 -25.16
CA THR A 86 27.86 -10.92 -26.15
C THR A 86 29.23 -10.24 -26.33
N SER A 87 30.09 -10.39 -25.32
CA SER A 87 31.46 -9.92 -25.43
C SER A 87 32.25 -10.85 -26.35
N MET A 88 31.85 -12.12 -26.39
CA MET A 88 32.45 -13.10 -27.29
C MET A 88 32.15 -12.74 -28.73
N GLY A 89 31.03 -12.06 -28.93
CA GLY A 89 30.62 -11.65 -30.25
C GLY A 89 29.15 -11.92 -30.51
N PHE A 90 28.51 -12.57 -29.55
CA PHE A 90 27.10 -12.91 -29.66
C PHE A 90 26.25 -11.77 -29.13
N GLN A 91 24.95 -11.98 -29.08
CA GLN A 91 24.04 -10.98 -28.55
C GLN A 91 23.69 -11.31 -27.10
N ARG A 92 23.51 -10.29 -26.27
CA ARG A 92 23.15 -10.51 -24.87
C ARG A 92 21.89 -11.36 -24.77
N ASN A 93 20.87 -10.93 -25.49
CA ASN A 93 19.58 -11.64 -25.53
C ASN A 93 19.76 -13.06 -26.03
N GLN A 94 20.63 -13.22 -27.02
CA GLN A 94 21.00 -14.52 -27.53
C GLN A 94 21.60 -15.35 -26.41
N ALA A 95 22.51 -14.71 -25.69
CA ALA A 95 23.14 -15.32 -24.54
C ALA A 95 22.11 -15.72 -23.50
N ILE A 96 21.11 -14.87 -23.30
CA ILE A 96 20.01 -15.17 -22.39
C ILE A 96 19.30 -16.44 -22.81
N GLN A 97 18.89 -16.49 -24.08
CA GLN A 97 18.20 -17.64 -24.63
C GLN A 97 19.02 -18.90 -24.45
N ALA A 98 20.29 -18.80 -24.80
CA ALA A 98 21.20 -19.91 -24.70
C ALA A 98 21.30 -20.41 -23.27
N LEU A 99 21.54 -19.49 -22.33
CA LEU A 99 21.64 -19.85 -20.92
C LEU A 99 20.34 -20.44 -20.40
N ARG A 100 19.21 -19.97 -20.91
CA ARG A 100 17.92 -20.53 -20.55
C ARG A 100 17.91 -22.03 -20.81
N ALA A 101 18.37 -22.40 -21.99
CA ALA A 101 18.44 -23.79 -22.41
C ALA A 101 19.52 -24.55 -21.64
N THR A 102 20.66 -23.90 -21.45
CA THR A 102 21.82 -24.55 -20.84
C THR A 102 21.80 -24.48 -19.32
N ASN A 103 20.75 -23.83 -18.77
CA ASN A 103 20.58 -23.66 -17.33
C ASN A 103 21.65 -22.76 -16.74
N ASN A 104 21.86 -21.62 -17.40
CA ASN A 104 22.84 -20.60 -16.98
C ASN A 104 24.27 -21.08 -17.17
N ASN A 105 24.42 -22.18 -17.91
CA ASN A 105 25.75 -22.69 -18.21
C ASN A 105 26.37 -21.86 -19.32
N LEU A 106 27.38 -21.09 -18.94
CA LEU A 106 28.06 -20.16 -19.85
C LEU A 106 28.61 -20.87 -21.07
N GLU A 107 29.49 -21.81 -20.82
CA GLU A 107 30.14 -22.59 -21.87
C GLU A 107 29.11 -23.24 -22.80
N ARG A 108 28.09 -23.85 -22.20
CA ARG A 108 27.06 -24.51 -22.96
C ARG A 108 26.18 -23.50 -23.69
N ALA A 109 26.06 -22.31 -23.15
CA ALA A 109 25.29 -21.26 -23.80
C ALA A 109 25.94 -20.93 -25.13
N LEU A 110 27.23 -20.67 -25.08
CA LEU A 110 28.03 -20.44 -26.28
C LEU A 110 27.94 -21.64 -27.19
N ASP A 111 27.93 -22.82 -26.58
CA ASP A 111 27.75 -24.08 -27.29
C ASP A 111 26.42 -24.07 -28.05
N TRP A 112 25.36 -23.72 -27.32
CA TRP A 112 24.01 -23.69 -27.86
C TRP A 112 23.92 -22.64 -28.95
N ILE A 113 24.48 -21.48 -28.67
CA ILE A 113 24.50 -20.38 -29.63
C ILE A 113 25.30 -20.78 -30.88
N PHE A 114 26.34 -21.58 -30.67
CA PHE A 114 27.17 -22.08 -31.77
C PHE A 114 26.41 -23.08 -32.63
N SER A 115 25.49 -23.79 -31.99
CA SER A 115 24.67 -24.77 -32.69
C SER A 115 23.59 -24.07 -33.51
N HIS A 116 23.59 -22.75 -33.42
CA HIS A 116 22.78 -21.91 -34.28
C HIS A 116 23.60 -20.69 -34.67
N PRO A 117 24.62 -20.91 -35.55
CA PRO A 117 25.65 -19.95 -35.94
C PRO A 117 25.24 -18.49 -35.83
N GLU A 118 24.29 -18.12 -36.65
CA GLU A 118 23.67 -16.81 -36.60
C GLU A 118 22.32 -16.90 -37.27
N PHE A 119 22.29 -17.61 -38.40
CA PHE A 119 21.06 -17.93 -39.08
C PHE A 119 21.21 -19.23 -39.83
N GLU A 120 21.76 -20.22 -39.15
CA GLU A 120 21.93 -21.57 -39.68
C GLU A 120 22.88 -21.56 -40.87
N GLU A 121 22.80 -22.60 -41.70
CA GLU A 121 23.68 -22.70 -42.87
C GLU A 121 22.86 -23.03 -44.12
N ASP A 122 23.58 -23.30 -45.21
CA ASP A 122 22.97 -23.65 -46.50
C ASP A 122 22.09 -22.52 -47.02
N SER A 123 22.75 -21.45 -47.44
CA SER A 123 22.06 -20.31 -48.02
C SER A 123 22.64 -20.00 -49.38
N ASP A 124 21.79 -19.55 -50.29
CA ASP A 124 22.20 -19.25 -51.66
C ASP A 124 22.63 -17.80 -51.80
N PHE A 125 23.06 -17.21 -50.69
CA PHE A 125 23.53 -15.84 -50.69
C PHE A 125 25.04 -15.82 -50.46
N VAL A 126 25.78 -16.06 -51.54
CA VAL A 126 27.24 -16.11 -51.48
C VAL A 126 27.84 -14.92 -52.22
N ASP A 1 -31.02 28.43 18.40
CA ASP A 1 -30.32 28.38 19.69
C ASP A 1 -29.86 26.97 19.98
N ILE A 2 -28.94 26.83 20.92
CA ILE A 2 -28.33 25.55 21.25
C ILE A 2 -27.69 24.92 20.01
N ASP A 3 -26.43 25.27 19.79
CA ASP A 3 -25.69 24.80 18.62
C ASP A 3 -25.49 23.29 18.67
N GLU A 4 -26.42 22.56 18.06
CA GLU A 4 -26.32 21.12 17.97
C GLU A 4 -25.25 20.69 16.98
N SER A 5 -24.67 21.65 16.29
CA SER A 5 -23.57 21.36 15.38
C SER A 5 -22.42 20.72 16.15
N SER A 6 -22.21 21.21 17.37
CA SER A 6 -21.14 20.70 18.23
C SER A 6 -21.40 19.23 18.62
N VAL A 7 -22.61 18.95 19.10
CA VAL A 7 -22.93 17.59 19.54
C VAL A 7 -22.92 16.62 18.37
N MET A 8 -23.46 17.05 17.24
CA MET A 8 -23.48 16.21 16.05
C MET A 8 -22.07 15.89 15.58
N GLN A 9 -21.13 16.79 15.85
CA GLN A 9 -19.72 16.53 15.53
C GLN A 9 -19.15 15.46 16.43
N LEU A 10 -19.58 15.41 17.70
CA LEU A 10 -19.21 14.29 18.56
C LEU A 10 -19.86 13.01 18.04
N ALA A 11 -21.15 13.14 17.75
CA ALA A 11 -22.01 12.02 17.44
C ALA A 11 -21.57 11.27 16.19
N GLU A 12 -21.26 12.03 15.14
CA GLU A 12 -20.87 11.43 13.86
C GLU A 12 -19.65 10.53 14.01
N MET A 13 -18.75 10.94 14.89
CA MET A 13 -17.50 10.22 15.10
C MET A 13 -17.56 9.32 16.33
N GLY A 14 -18.74 9.19 16.95
CA GLY A 14 -18.86 8.30 18.08
C GLY A 14 -20.01 8.63 19.03
N PHE A 15 -21.09 7.85 18.92
CA PHE A 15 -22.19 7.85 19.89
C PHE A 15 -23.06 9.11 19.83
N PRO A 16 -24.39 8.93 19.92
CA PRO A 16 -25.35 10.04 19.96
C PRO A 16 -25.30 10.77 21.29
N LEU A 17 -24.35 11.68 21.42
CA LEU A 17 -24.11 12.35 22.69
C LEU A 17 -25.10 13.49 22.93
N GLU A 18 -26.40 13.17 23.01
CA GLU A 18 -27.42 14.13 23.37
C GLU A 18 -27.10 14.79 24.71
N ALA A 19 -26.27 14.11 25.51
CA ALA A 19 -25.74 14.70 26.73
C ALA A 19 -24.98 15.98 26.41
N CYS A 20 -24.32 15.97 25.27
CA CYS A 20 -23.63 17.14 24.77
C CYS A 20 -24.64 18.15 24.26
N ARG A 21 -25.70 17.65 23.65
CA ARG A 21 -26.76 18.52 23.14
C ARG A 21 -27.31 19.39 24.28
N LYS A 22 -27.61 18.75 25.41
CA LYS A 22 -28.06 19.47 26.59
C LYS A 22 -26.88 20.18 27.26
N ALA A 23 -25.67 19.66 27.04
CA ALA A 23 -24.45 20.32 27.53
C ALA A 23 -24.23 21.64 26.80
N VAL A 24 -24.53 21.65 25.52
CA VAL A 24 -24.50 22.87 24.72
C VAL A 24 -25.49 23.88 25.32
N TYR A 25 -26.63 23.38 25.78
CA TYR A 25 -27.57 24.22 26.52
C TYR A 25 -26.91 24.78 27.79
N PHE A 26 -26.14 23.93 28.48
CA PHE A 26 -25.40 24.38 29.67
C PHE A 26 -24.33 25.40 29.31
N THR A 27 -23.58 25.12 28.25
CA THR A 27 -22.48 25.99 27.84
C THR A 27 -22.99 27.30 27.24
N GLY A 28 -24.29 27.36 26.98
CA GLY A 28 -24.88 28.55 26.39
C GLY A 28 -24.52 28.66 24.92
N ASN A 29 -24.54 27.51 24.24
CA ASN A 29 -24.15 27.39 22.82
C ASN A 29 -22.91 28.19 22.49
N MET A 30 -21.88 28.03 23.33
CA MET A 30 -20.59 28.65 23.10
C MET A 30 -19.95 28.11 21.82
N GLY A 31 -19.64 26.82 21.83
CA GLY A 31 -19.02 26.20 20.69
C GLY A 31 -18.65 24.76 20.97
N ALA A 32 -18.06 24.10 19.98
CA ALA A 32 -17.70 22.70 20.09
C ALA A 32 -16.63 22.48 21.15
N GLU A 33 -15.73 23.44 21.28
CA GLU A 33 -14.58 23.32 22.19
C GLU A 33 -15.03 22.98 23.61
N VAL A 34 -15.79 23.88 24.23
CA VAL A 34 -16.19 23.72 25.61
C VAL A 34 -17.17 22.55 25.79
N ALA A 35 -17.98 22.28 24.77
CA ALA A 35 -18.96 21.20 24.87
C ALA A 35 -18.32 19.83 24.68
N PHE A 36 -17.32 19.74 23.80
CA PHE A 36 -16.56 18.51 23.63
C PHE A 36 -15.92 18.14 24.96
N ASN A 37 -15.34 19.14 25.62
CA ASN A 37 -14.76 18.95 26.95
C ASN A 37 -15.83 18.60 27.97
N TRP A 38 -17.02 19.18 27.79
CA TRP A 38 -18.11 18.97 28.73
C TRP A 38 -18.58 17.52 28.70
N ILE A 39 -18.56 16.92 27.52
CA ILE A 39 -19.04 15.56 27.37
C ILE A 39 -18.02 14.55 27.88
N ILE A 40 -16.75 14.80 27.58
CA ILE A 40 -15.72 13.86 27.95
C ILE A 40 -15.50 13.84 29.46
N VAL A 41 -15.82 14.94 30.11
CA VAL A 41 -15.80 15.00 31.57
C VAL A 41 -17.06 14.38 32.16
N HIS A 42 -18.20 14.50 31.45
CA HIS A 42 -19.46 13.94 31.96
C HIS A 42 -19.79 12.61 31.31
N MET A 43 -18.81 12.01 30.65
CA MET A 43 -18.99 10.70 30.03
C MET A 43 -19.26 9.61 31.06
N GLU A 44 -18.84 9.87 32.31
CA GLU A 44 -19.01 8.90 33.38
C GLU A 44 -20.45 8.85 33.90
N GLU A 45 -21.30 9.72 33.38
CA GLU A 45 -22.73 9.69 33.70
C GLU A 45 -23.35 8.40 33.15
N PRO A 46 -23.98 7.60 34.03
CA PRO A 46 -24.67 6.37 33.63
C PRO A 46 -25.78 6.63 32.62
N ASP A 47 -26.45 7.75 32.80
CA ASP A 47 -27.64 8.10 32.06
C ASP A 47 -27.40 9.34 31.20
N PHE A 48 -26.14 9.55 30.83
CA PHE A 48 -25.75 10.71 30.03
C PHE A 48 -26.48 10.73 28.68
N ALA A 49 -26.55 9.59 28.02
CA ALA A 49 -27.11 9.48 26.70
C ALA A 49 -27.51 8.04 26.47
N GLU A 50 -28.34 7.85 25.49
CA GLU A 50 -28.75 6.53 25.04
C GLU A 50 -27.96 6.15 23.79
N PRO A 51 -26.80 5.51 23.96
CA PRO A 51 -25.88 5.25 22.87
C PRO A 51 -26.22 3.99 22.09
N LEU A 52 -27.47 3.88 21.71
CA LEU A 52 -27.96 2.71 20.98
C LEU A 52 -27.76 2.91 19.48
N THR A 53 -26.69 3.60 19.12
CA THR A 53 -26.35 3.84 17.73
C THR A 53 -24.87 4.17 17.61
N MET A 54 -24.07 3.15 17.34
CA MET A 54 -22.64 3.34 17.09
C MET A 54 -22.40 3.63 15.61
N PRO A 55 -22.14 4.90 15.26
CA PRO A 55 -21.98 5.33 13.87
C PRO A 55 -20.66 4.85 13.25
N GLY A 56 -19.56 5.27 13.84
CA GLY A 56 -18.25 4.86 13.35
C GLY A 56 -17.26 6.00 13.29
N TYR A 57 -16.08 5.72 12.77
CA TYR A 57 -15.01 6.71 12.68
C TYR A 57 -13.92 6.22 11.73
N GLY A 58 -12.95 7.06 11.44
CA GLY A 58 -11.85 6.66 10.58
C GLY A 58 -11.43 7.77 9.63
N GLY A 59 -11.20 7.39 8.39
CA GLY A 59 -10.76 8.34 7.39
C GLY A 59 -10.04 7.66 6.25
N ALA A 60 -8.90 8.22 5.86
CA ALA A 60 -8.08 7.62 4.81
C ALA A 60 -6.63 7.60 5.24
N ALA A 61 -6.16 8.71 5.80
CA ALA A 61 -4.80 8.82 6.34
C ALA A 61 -3.76 8.34 5.33
N SER A 62 -3.82 8.90 4.12
CA SER A 62 -2.89 8.56 3.05
C SER A 62 -3.02 7.08 2.65
N ALA A 63 -4.19 6.72 2.14
CA ALA A 63 -4.44 5.36 1.71
C ALA A 63 -3.79 5.12 0.35
N GLY A 64 -3.93 6.10 -0.54
CA GLY A 64 -3.34 5.98 -1.86
C GLY A 64 -1.99 6.69 -1.93
N ALA A 65 -1.16 6.44 -0.92
CA ALA A 65 0.13 7.12 -0.82
C ALA A 65 1.26 6.26 -1.38
N SER A 66 0.92 5.34 -2.26
CA SER A 66 1.91 4.46 -2.87
C SER A 66 1.47 4.03 -4.26
N VAL A 67 2.43 3.99 -5.18
CA VAL A 67 2.18 3.56 -6.54
C VAL A 67 2.86 2.21 -6.77
N PHE A 68 2.07 1.15 -6.76
CA PHE A 68 2.61 -0.19 -6.92
C PHE A 68 1.99 -0.89 -8.13
N GLY A 69 2.74 -0.93 -9.21
CA GLY A 69 2.29 -1.63 -10.40
C GLY A 69 3.36 -2.56 -10.92
N ALA A 70 4.31 -2.87 -10.04
CA ALA A 70 5.46 -3.68 -10.39
C ALA A 70 5.15 -5.16 -10.28
N SER A 71 4.41 -5.69 -11.25
CA SER A 71 4.12 -7.11 -11.32
C SER A 71 5.39 -7.89 -11.59
N GLY A 72 6.19 -7.37 -12.51
CA GLY A 72 7.47 -7.95 -12.82
C GLY A 72 8.49 -6.87 -13.12
N LEU A 73 9.00 -6.24 -12.08
CA LEU A 73 9.91 -5.13 -12.23
C LEU A 73 11.28 -5.62 -12.67
N ASP A 74 11.84 -6.55 -11.91
CA ASP A 74 13.14 -7.12 -12.21
C ASP A 74 12.98 -8.44 -12.94
N ASN A 75 13.50 -8.50 -14.15
CA ASN A 75 13.45 -9.71 -14.95
C ASN A 75 14.83 -10.04 -15.49
N GLN A 76 15.84 -9.73 -14.69
CA GLN A 76 17.22 -9.94 -15.08
C GLN A 76 17.66 -11.37 -14.76
N PRO A 77 18.45 -11.98 -15.65
CA PRO A 77 19.09 -13.27 -15.39
C PRO A 77 20.04 -13.22 -14.20
N PRO A 78 20.43 -14.38 -13.67
CA PRO A 78 21.38 -14.47 -12.56
C PRO A 78 22.76 -13.98 -12.97
N GLU A 79 23.18 -12.87 -12.38
CA GLU A 79 24.48 -12.27 -12.67
C GLU A 79 25.60 -13.28 -12.41
N GLU A 80 25.36 -14.19 -11.47
CA GLU A 80 26.29 -15.27 -11.22
C GLU A 80 26.53 -16.07 -12.49
N ILE A 81 25.44 -16.48 -13.13
CA ILE A 81 25.51 -17.32 -14.29
C ILE A 81 25.94 -16.55 -15.52
N VAL A 82 25.42 -15.35 -15.70
CA VAL A 82 25.82 -14.52 -16.83
C VAL A 82 27.33 -14.35 -16.80
N ALA A 83 27.85 -14.21 -15.59
CA ALA A 83 29.28 -14.12 -15.32
C ALA A 83 29.99 -15.39 -15.77
N ILE A 84 29.42 -16.53 -15.40
CA ILE A 84 29.96 -17.83 -15.76
C ILE A 84 29.96 -18.01 -17.28
N ILE A 85 28.89 -17.58 -17.92
CA ILE A 85 28.74 -17.73 -19.35
C ILE A 85 29.76 -16.89 -20.12
N THR A 86 29.92 -15.63 -19.72
CA THR A 86 30.92 -14.79 -20.36
C THR A 86 32.33 -15.26 -19.97
N SER A 87 32.43 -15.98 -18.86
CA SER A 87 33.69 -16.60 -18.45
C SER A 87 33.99 -17.80 -19.36
N MET A 88 32.93 -18.47 -19.83
CA MET A 88 33.06 -19.59 -20.77
C MET A 88 33.63 -19.09 -22.09
N GLY A 89 33.41 -17.82 -22.38
CA GLY A 89 33.89 -17.25 -23.61
C GLY A 89 32.80 -16.52 -24.37
N PHE A 90 31.63 -16.42 -23.74
CA PHE A 90 30.50 -15.74 -24.35
C PHE A 90 30.38 -14.31 -23.80
N GLN A 91 29.31 -13.64 -24.17
CA GLN A 91 29.05 -12.30 -23.66
C GLN A 91 28.19 -12.37 -22.42
N ARG A 92 28.36 -11.42 -21.53
CA ARG A 92 27.50 -11.29 -20.37
C ARG A 92 26.07 -11.04 -20.82
N ASN A 93 25.91 -10.05 -21.68
CA ASN A 93 24.61 -9.70 -22.23
C ASN A 93 24.03 -10.85 -23.03
N GLN A 94 24.88 -11.53 -23.80
CA GLN A 94 24.45 -12.70 -24.54
C GLN A 94 24.01 -13.79 -23.56
N ALA A 95 24.73 -13.88 -22.45
CA ALA A 95 24.37 -14.79 -21.38
C ALA A 95 23.03 -14.40 -20.77
N ILE A 96 22.82 -13.10 -20.61
CA ILE A 96 21.53 -12.59 -20.13
C ILE A 96 20.41 -13.01 -21.06
N GLN A 97 20.59 -12.74 -22.34
CA GLN A 97 19.61 -13.11 -23.36
C GLN A 97 19.29 -14.59 -23.29
N ALA A 98 20.34 -15.38 -23.22
CA ALA A 98 20.21 -16.82 -23.16
C ALA A 98 19.41 -17.25 -21.94
N LEU A 99 19.81 -16.77 -20.77
CA LEU A 99 19.11 -17.10 -19.53
C LEU A 99 17.67 -16.60 -19.54
N ARG A 100 17.43 -15.46 -20.20
CA ARG A 100 16.07 -14.93 -20.35
C ARG A 100 15.19 -15.99 -20.98
N ALA A 101 15.71 -16.60 -22.03
CA ALA A 101 15.01 -17.63 -22.76
C ALA A 101 14.96 -18.94 -21.98
N THR A 102 16.08 -19.33 -21.40
CA THR A 102 16.19 -20.60 -20.71
C THR A 102 15.63 -20.57 -19.29
N ASN A 103 15.13 -19.41 -18.90
CA ASN A 103 14.61 -19.18 -17.56
C ASN A 103 15.71 -19.36 -16.52
N ASN A 104 16.73 -18.50 -16.63
CA ASN A 104 17.91 -18.49 -15.75
C ASN A 104 18.60 -19.85 -15.66
N ASN A 105 18.39 -20.69 -16.66
CA ASN A 105 19.05 -21.99 -16.71
C ASN A 105 20.41 -21.84 -17.36
N LEU A 106 21.45 -21.97 -16.53
CA LEU A 106 22.85 -21.77 -16.93
C LEU A 106 23.22 -22.64 -18.13
N GLU A 107 23.11 -23.94 -17.93
CA GLU A 107 23.45 -24.93 -18.94
C GLU A 107 22.69 -24.69 -20.24
N ARG A 108 21.40 -24.44 -20.10
CA ARG A 108 20.55 -24.20 -21.25
C ARG A 108 20.87 -22.86 -21.90
N ALA A 109 21.36 -21.92 -21.10
CA ALA A 109 21.78 -20.64 -21.62
C ALA A 109 22.93 -20.85 -22.58
N LEU A 110 23.93 -21.57 -22.10
CA LEU A 110 25.08 -21.95 -22.92
C LEU A 110 24.60 -22.75 -24.12
N ASP A 111 23.61 -23.60 -23.88
CA ASP A 111 22.94 -24.35 -24.93
C ASP A 111 22.40 -23.39 -25.99
N TRP A 112 21.63 -22.43 -25.51
CA TRP A 112 20.97 -21.43 -26.34
C TRP A 112 22.01 -20.58 -27.07
N ILE A 113 23.06 -20.25 -26.36
CA ILE A 113 24.13 -19.43 -26.91
C ILE A 113 24.95 -20.19 -27.94
N PHE A 114 25.14 -21.49 -27.71
CA PHE A 114 25.84 -22.34 -28.65
C PHE A 114 25.05 -22.44 -29.96
N SER A 115 23.73 -22.40 -29.82
CA SER A 115 22.83 -22.43 -30.96
C SER A 115 22.65 -21.03 -31.54
N HIS A 116 23.50 -20.12 -31.08
CA HIS A 116 23.49 -18.74 -31.57
C HIS A 116 24.93 -18.29 -31.83
N PRO A 117 25.55 -18.85 -32.87
CA PRO A 117 26.93 -18.55 -33.27
C PRO A 117 27.23 -17.06 -33.37
N GLU A 118 26.59 -16.43 -34.35
CA GLU A 118 26.81 -15.02 -34.62
C GLU A 118 25.80 -14.51 -35.63
N PHE A 119 25.54 -15.31 -36.65
CA PHE A 119 24.60 -14.95 -37.71
C PHE A 119 23.91 -16.21 -38.24
N GLU A 120 24.01 -17.28 -37.46
CA GLU A 120 23.49 -18.60 -37.85
C GLU A 120 24.21 -19.15 -39.08
N GLU A 121 24.88 -20.28 -38.91
CA GLU A 121 25.61 -20.89 -40.01
C GLU A 121 24.70 -21.80 -40.84
N ASP A 122 24.64 -21.52 -42.13
CA ASP A 122 23.85 -22.34 -43.02
C ASP A 122 24.61 -22.59 -44.33
N SER A 123 25.11 -21.53 -44.93
CA SER A 123 25.84 -21.64 -46.17
C SER A 123 27.25 -21.11 -46.00
N ASP A 124 27.96 -21.69 -45.04
CA ASP A 124 29.36 -21.34 -44.82
C ASP A 124 30.25 -22.53 -45.19
N PHE A 125 29.84 -23.70 -44.77
CA PHE A 125 30.51 -24.93 -45.18
C PHE A 125 30.07 -25.30 -46.58
N VAL A 126 28.80 -25.10 -46.86
CA VAL A 126 28.23 -25.39 -48.16
C VAL A 126 27.86 -24.09 -48.89
N ASP A 1 -35.93 20.30 18.69
CA ASP A 1 -36.06 20.07 20.15
C ASP A 1 -34.72 20.29 20.83
N ILE A 2 -33.68 19.79 20.19
CA ILE A 2 -32.33 19.93 20.67
C ILE A 2 -31.40 20.21 19.49
N ASP A 3 -30.50 21.19 19.65
CA ASP A 3 -29.49 21.47 18.63
C ASP A 3 -28.49 20.34 18.57
N GLU A 4 -28.92 19.21 18.04
CA GLU A 4 -28.09 18.03 17.96
C GLU A 4 -26.98 18.22 16.92
N SER A 5 -27.02 19.34 16.23
CA SER A 5 -25.91 19.72 15.38
C SER A 5 -24.66 19.95 16.24
N SER A 6 -24.89 20.38 17.48
CA SER A 6 -23.81 20.59 18.43
C SER A 6 -23.14 19.28 18.82
N VAL A 7 -23.95 18.31 19.24
CA VAL A 7 -23.42 17.03 19.65
C VAL A 7 -22.77 16.32 18.48
N MET A 8 -23.36 16.47 17.31
CA MET A 8 -22.82 15.88 16.09
C MET A 8 -21.48 16.49 15.73
N GLN A 9 -21.27 17.76 16.10
CA GLN A 9 -19.97 18.38 15.90
C GLN A 9 -18.92 17.72 16.78
N LEU A 10 -19.28 17.41 18.03
CA LEU A 10 -18.39 16.65 18.91
C LEU A 10 -18.26 15.22 18.39
N ALA A 11 -19.39 14.71 17.93
CA ALA A 11 -19.47 13.36 17.39
C ALA A 11 -18.57 13.17 16.17
N GLU A 12 -18.44 14.23 15.37
CA GLU A 12 -17.53 14.21 14.22
C GLU A 12 -16.08 14.16 14.66
N MET A 13 -15.83 14.52 15.92
CA MET A 13 -14.50 14.40 16.51
C MET A 13 -14.29 12.98 17.02
N GLY A 14 -15.32 12.15 16.85
CA GLY A 14 -15.23 10.75 17.20
C GLY A 14 -15.54 10.48 18.65
N PHE A 15 -16.61 11.08 19.15
CA PHE A 15 -17.03 10.88 20.52
C PHE A 15 -18.54 10.89 20.63
N PRO A 16 -19.11 9.82 21.22
CA PRO A 16 -20.56 9.72 21.47
C PRO A 16 -20.99 10.61 22.63
N LEU A 17 -20.90 11.93 22.43
CA LEU A 17 -21.15 12.85 23.52
C LEU A 17 -22.62 13.25 23.61
N GLU A 18 -23.48 12.27 23.89
CA GLU A 18 -24.87 12.55 24.19
C GLU A 18 -24.97 13.53 25.34
N ALA A 19 -23.89 13.60 26.13
CA ALA A 19 -23.77 14.59 27.18
C ALA A 19 -23.89 15.98 26.60
N CYS A 20 -23.46 16.13 25.35
CA CYS A 20 -23.61 17.37 24.62
C CYS A 20 -25.07 17.55 24.24
N ARG A 21 -25.66 16.46 23.76
CA ARG A 21 -27.08 16.47 23.40
C ARG A 21 -27.93 16.93 24.59
N LYS A 22 -27.69 16.35 25.76
CA LYS A 22 -28.42 16.74 26.96
C LYS A 22 -27.90 18.08 27.49
N ALA A 23 -26.66 18.42 27.15
CA ALA A 23 -26.13 19.74 27.48
C ALA A 23 -26.88 20.83 26.75
N VAL A 24 -27.18 20.56 25.48
CA VAL A 24 -28.02 21.44 24.68
C VAL A 24 -29.38 21.59 25.34
N TYR A 25 -29.90 20.48 25.86
CA TYR A 25 -31.12 20.50 26.64
C TYR A 25 -30.96 21.38 27.88
N PHE A 26 -29.87 21.16 28.64
CA PHE A 26 -29.60 21.94 29.85
C PHE A 26 -29.40 23.43 29.52
N THR A 27 -28.66 23.72 28.46
CA THR A 27 -28.40 25.10 28.07
C THR A 27 -29.67 25.80 27.61
N GLY A 28 -30.60 25.01 27.10
CA GLY A 28 -31.85 25.56 26.61
C GLY A 28 -31.78 25.86 25.12
N ASN A 29 -31.08 25.01 24.39
CA ASN A 29 -30.90 25.19 22.95
C ASN A 29 -30.22 26.53 22.66
N MET A 30 -28.98 26.65 23.12
CA MET A 30 -28.25 27.91 22.99
C MET A 30 -27.31 27.90 21.78
N GLY A 31 -26.76 26.74 21.46
CA GLY A 31 -25.88 26.66 20.31
C GLY A 31 -24.83 25.59 20.45
N ALA A 32 -24.12 25.34 19.35
CA ALA A 32 -23.12 24.30 19.29
C ALA A 32 -21.92 24.59 20.20
N GLU A 33 -21.31 25.75 20.02
CA GLU A 33 -20.13 26.09 20.79
C GLU A 33 -20.47 26.30 22.26
N VAL A 34 -21.73 26.64 22.52
CA VAL A 34 -22.23 26.76 23.88
C VAL A 34 -22.20 25.40 24.57
N ALA A 35 -22.71 24.38 23.89
CA ALA A 35 -22.71 23.03 24.43
C ALA A 35 -21.33 22.38 24.31
N PHE A 36 -20.56 22.81 23.32
CA PHE A 36 -19.15 22.44 23.22
C PHE A 36 -18.43 22.87 24.49
N ASN A 37 -18.72 24.09 24.91
CA ASN A 37 -18.20 24.62 26.16
C ASN A 37 -18.70 23.80 27.35
N TRP A 38 -19.96 23.42 27.29
CA TRP A 38 -20.58 22.65 28.36
C TRP A 38 -19.92 21.27 28.46
N ILE A 39 -19.51 20.72 27.32
CA ILE A 39 -18.95 19.37 27.32
C ILE A 39 -17.53 19.38 27.87
N ILE A 40 -16.77 20.41 27.54
CA ILE A 40 -15.40 20.51 28.01
C ILE A 40 -15.35 20.80 29.51
N VAL A 41 -16.36 21.49 30.02
CA VAL A 41 -16.46 21.72 31.46
C VAL A 41 -17.08 20.51 32.15
N HIS A 42 -17.81 19.68 31.40
CA HIS A 42 -18.48 18.51 31.98
C HIS A 42 -17.70 17.22 31.68
N MET A 43 -16.56 17.36 31.00
CA MET A 43 -15.74 16.21 30.59
C MET A 43 -15.19 15.44 31.80
N GLU A 44 -15.09 16.10 32.94
CA GLU A 44 -14.46 15.50 34.12
C GLU A 44 -15.35 14.40 34.73
N GLU A 45 -16.58 14.31 34.25
CA GLU A 45 -17.53 13.32 34.76
C GLU A 45 -17.23 11.94 34.18
N PRO A 46 -17.09 10.94 35.07
CA PRO A 46 -16.82 9.54 34.67
C PRO A 46 -17.92 8.95 33.79
N ASP A 47 -19.13 9.35 34.08
CA ASP A 47 -20.32 8.75 33.48
C ASP A 47 -21.06 9.78 32.61
N PHE A 48 -20.32 10.76 32.13
CA PHE A 48 -20.91 11.86 31.34
C PHE A 48 -21.52 11.35 30.04
N ALA A 49 -20.94 10.30 29.47
CA ALA A 49 -21.45 9.69 28.26
C ALA A 49 -21.39 8.18 28.39
N GLU A 50 -21.03 7.51 27.33
CA GLU A 50 -20.86 6.06 27.35
C GLU A 50 -19.38 5.71 27.46
N PRO A 51 -18.95 5.29 28.65
CA PRO A 51 -17.55 4.94 28.92
C PRO A 51 -17.16 3.60 28.32
N LEU A 52 -17.27 3.49 27.00
CA LEU A 52 -16.93 2.28 26.28
C LEU A 52 -16.00 2.61 25.12
N THR A 53 -14.69 2.44 25.36
CA THR A 53 -13.63 2.68 24.37
C THR A 53 -13.91 3.87 23.44
N MET A 54 -13.39 5.03 23.83
CA MET A 54 -13.59 6.25 23.06
C MET A 54 -12.77 6.20 21.77
N PRO A 55 -13.44 6.43 20.62
CA PRO A 55 -12.82 6.35 19.29
C PRO A 55 -11.84 7.49 19.01
N GLY A 56 -12.34 8.71 18.95
CA GLY A 56 -11.51 9.85 18.61
C GLY A 56 -11.37 10.01 17.11
N TYR A 57 -10.87 11.16 16.67
CA TYR A 57 -10.71 11.44 15.25
C TYR A 57 -9.41 10.87 14.70
N GLY A 58 -8.92 9.81 15.32
CA GLY A 58 -7.69 9.19 14.89
C GLY A 58 -7.90 8.15 13.81
N GLY A 59 -8.20 8.62 12.61
CA GLY A 59 -8.44 7.72 11.50
C GLY A 59 -7.90 8.27 10.20
N ALA A 60 -7.90 7.44 9.17
CA ALA A 60 -7.41 7.85 7.86
C ALA A 60 -8.40 7.46 6.77
N ALA A 61 -8.59 8.35 5.82
CA ALA A 61 -9.45 8.10 4.68
C ALA A 61 -8.72 8.44 3.39
N SER A 62 -8.57 7.43 2.52
CA SER A 62 -7.80 7.56 1.28
C SER A 62 -6.45 8.23 1.55
N ALA A 63 -5.65 7.60 2.42
CA ALA A 63 -4.36 8.15 2.79
C ALA A 63 -3.32 7.86 1.72
N GLY A 64 -3.30 8.71 0.70
CA GLY A 64 -2.35 8.54 -0.39
C GLY A 64 -3.06 8.57 -1.73
N ALA A 65 -2.97 7.47 -2.46
CA ALA A 65 -3.63 7.34 -3.75
C ALA A 65 -3.69 5.87 -4.14
N SER A 66 -4.65 5.51 -4.97
CA SER A 66 -4.79 4.14 -5.44
C SER A 66 -3.84 3.90 -6.61
N VAL A 67 -2.55 3.83 -6.30
CA VAL A 67 -1.52 3.64 -7.30
C VAL A 67 -1.17 2.16 -7.43
N PHE A 68 -1.28 1.64 -8.64
CA PHE A 68 -0.95 0.26 -8.92
C PHE A 68 0.50 0.14 -9.39
N GLY A 69 0.93 -1.06 -9.68
CA GLY A 69 2.30 -1.26 -10.11
C GLY A 69 2.48 -2.54 -10.92
N ALA A 70 3.72 -2.95 -11.08
CA ALA A 70 4.04 -4.14 -11.83
C ALA A 70 4.81 -5.13 -10.96
N SER A 71 6.06 -4.77 -10.64
CA SER A 71 6.91 -5.58 -9.79
C SER A 71 7.09 -6.98 -10.40
N GLY A 72 7.70 -7.02 -11.57
CA GLY A 72 7.93 -8.26 -12.26
C GLY A 72 8.56 -8.03 -13.62
N LEU A 73 9.49 -7.08 -13.67
CA LEU A 73 10.13 -6.69 -14.92
C LEU A 73 11.62 -7.01 -14.89
N ASP A 74 12.00 -7.91 -13.98
CA ASP A 74 13.39 -8.33 -13.87
C ASP A 74 13.45 -9.82 -13.56
N ASN A 75 14.51 -10.46 -14.02
CA ASN A 75 14.74 -11.88 -13.78
C ASN A 75 16.15 -12.21 -14.22
N GLN A 76 16.56 -13.44 -14.03
CA GLN A 76 17.83 -13.88 -14.55
C GLN A 76 17.70 -15.31 -15.04
N PRO A 77 18.34 -15.64 -16.18
CA PRO A 77 18.47 -17.02 -16.66
C PRO A 77 19.08 -17.92 -15.59
N PRO A 78 19.01 -19.24 -15.80
CA PRO A 78 19.57 -20.20 -14.85
C PRO A 78 21.08 -20.05 -14.80
N GLU A 79 21.58 -19.53 -13.67
CA GLU A 79 23.00 -19.31 -13.48
C GLU A 79 23.76 -20.61 -13.65
N GLU A 80 23.07 -21.71 -13.44
CA GLU A 80 23.61 -23.03 -13.71
C GLU A 80 23.98 -23.14 -15.19
N ILE A 81 23.02 -22.83 -16.05
CA ILE A 81 23.20 -22.96 -17.48
C ILE A 81 24.11 -21.88 -18.03
N VAL A 82 23.94 -20.64 -17.59
CA VAL A 82 24.81 -19.56 -18.04
C VAL A 82 26.25 -19.95 -17.78
N ALA A 83 26.46 -20.61 -16.64
CA ALA A 83 27.75 -21.15 -16.24
C ALA A 83 28.23 -22.19 -17.23
N ILE A 84 27.35 -23.12 -17.57
CA ILE A 84 27.66 -24.17 -18.53
C ILE A 84 28.03 -23.56 -19.87
N ILE A 85 27.29 -22.53 -20.27
CA ILE A 85 27.50 -21.88 -21.54
C ILE A 85 28.84 -21.16 -21.58
N THR A 86 29.16 -20.43 -20.53
CA THR A 86 30.46 -19.76 -20.47
C THR A 86 31.58 -20.78 -20.27
N SER A 87 31.23 -21.96 -19.77
CA SER A 87 32.18 -23.06 -19.69
C SER A 87 32.38 -23.68 -21.08
N MET A 88 31.38 -23.55 -21.94
CA MET A 88 31.46 -24.03 -23.32
C MET A 88 32.45 -23.18 -24.11
N GLY A 89 32.68 -21.97 -23.65
CA GLY A 89 33.59 -21.07 -24.30
C GLY A 89 32.98 -19.70 -24.51
N PHE A 90 31.70 -19.59 -24.16
CA PHE A 90 30.96 -18.35 -24.33
C PHE A 90 31.06 -17.49 -23.08
N GLN A 91 30.36 -16.37 -23.09
CA GLN A 91 30.34 -15.48 -21.94
C GLN A 91 29.10 -15.73 -21.10
N ARG A 92 29.19 -15.57 -19.79
CA ARG A 92 28.04 -15.75 -18.90
C ARG A 92 26.89 -14.85 -19.34
N ASN A 93 27.17 -13.56 -19.42
CA ASN A 93 26.18 -12.56 -19.84
C ASN A 93 25.64 -12.89 -21.22
N GLN A 94 26.51 -13.39 -22.08
CA GLN A 94 26.14 -13.82 -23.42
C GLN A 94 25.19 -15.00 -23.33
N ALA A 95 25.47 -15.87 -22.37
CA ALA A 95 24.61 -17.01 -22.07
C ALA A 95 23.27 -16.53 -21.54
N ILE A 96 23.30 -15.50 -20.71
CA ILE A 96 22.08 -14.93 -20.14
C ILE A 96 21.14 -14.43 -21.24
N GLN A 97 21.67 -13.62 -22.13
CA GLN A 97 20.89 -13.07 -23.23
C GLN A 97 20.32 -14.18 -24.10
N ALA A 98 21.14 -15.19 -24.34
CA ALA A 98 20.74 -16.33 -25.13
C ALA A 98 19.56 -17.03 -24.46
N LEU A 99 19.72 -17.37 -23.18
CA LEU A 99 18.67 -18.05 -22.43
C LEU A 99 17.41 -17.20 -22.34
N ARG A 100 17.57 -15.89 -22.25
CA ARG A 100 16.42 -14.98 -22.22
C ARG A 100 15.57 -15.19 -23.46
N ALA A 101 16.23 -15.27 -24.60
CA ALA A 101 15.57 -15.48 -25.87
C ALA A 101 15.03 -16.91 -25.99
N THR A 102 15.82 -17.87 -25.52
CA THR A 102 15.49 -19.28 -25.66
C THR A 102 14.57 -19.78 -24.54
N ASN A 103 14.21 -18.88 -23.63
CA ASN A 103 13.42 -19.22 -22.45
C ASN A 103 14.17 -20.22 -21.58
N ASN A 104 15.34 -19.81 -21.09
CA ASN A 104 16.22 -20.61 -20.24
C ASN A 104 16.52 -21.99 -20.83
N ASN A 105 16.42 -22.09 -22.15
CA ASN A 105 16.77 -23.33 -22.83
C ASN A 105 18.26 -23.34 -23.10
N LEU A 106 18.96 -24.22 -22.38
CA LEU A 106 20.42 -24.33 -22.45
C LEU A 106 20.89 -24.55 -23.87
N GLU A 107 20.43 -25.63 -24.45
CA GLU A 107 20.78 -26.03 -25.80
C GLU A 107 20.48 -24.92 -26.80
N ARG A 108 19.28 -24.36 -26.72
CA ARG A 108 18.87 -23.31 -27.64
C ARG A 108 19.66 -22.03 -27.39
N ALA A 109 20.11 -21.83 -26.15
CA ALA A 109 20.93 -20.68 -25.83
C ALA A 109 22.22 -20.74 -26.62
N LEU A 110 22.88 -21.90 -26.55
CA LEU A 110 24.09 -22.15 -27.32
C LEU A 110 23.78 -22.04 -28.81
N ASP A 111 22.61 -22.54 -29.18
CA ASP A 111 22.08 -22.42 -30.53
C ASP A 111 22.05 -20.95 -30.96
N TRP A 112 21.46 -20.14 -30.08
CA TRP A 112 21.33 -18.71 -30.26
C TRP A 112 22.71 -18.06 -30.33
N ILE A 113 23.53 -18.38 -29.36
CA ILE A 113 24.87 -17.84 -29.24
C ILE A 113 25.73 -18.21 -30.44
N PHE A 114 25.49 -19.39 -31.01
CA PHE A 114 26.23 -19.85 -32.18
C PHE A 114 26.01 -18.92 -33.36
N SER A 115 24.84 -18.29 -33.39
CA SER A 115 24.51 -17.35 -34.45
C SER A 115 25.10 -15.99 -34.12
N HIS A 116 25.72 -15.88 -32.96
CA HIS A 116 26.38 -14.66 -32.54
C HIS A 116 27.68 -14.97 -31.81
N PRO A 117 28.63 -15.61 -32.52
CA PRO A 117 29.87 -16.18 -31.97
C PRO A 117 30.46 -15.35 -30.85
N GLU A 118 30.76 -14.11 -31.17
CA GLU A 118 31.20 -13.12 -30.21
C GLU A 118 30.93 -11.75 -30.75
N PHE A 119 31.46 -11.46 -31.94
CA PHE A 119 31.22 -10.20 -32.59
C PHE A 119 31.49 -10.31 -34.09
N GLU A 120 31.64 -11.55 -34.56
CA GLU A 120 32.01 -11.81 -35.96
C GLU A 120 33.37 -11.17 -36.27
N GLU A 121 33.72 -11.11 -37.54
CA GLU A 121 34.92 -10.40 -37.96
C GLU A 121 34.62 -9.56 -39.18
N ASP A 122 35.53 -8.64 -39.48
CA ASP A 122 35.37 -7.72 -40.60
C ASP A 122 34.03 -7.00 -40.53
N SER A 123 33.93 -6.03 -39.64
CA SER A 123 32.69 -5.30 -39.45
C SER A 123 32.68 -4.06 -40.33
N ASP A 124 31.88 -4.11 -41.38
CA ASP A 124 31.78 -3.01 -42.32
C ASP A 124 30.58 -2.12 -41.97
N PHE A 125 29.56 -2.71 -41.37
CA PHE A 125 28.36 -1.97 -41.01
C PHE A 125 28.49 -1.35 -39.62
N VAL A 126 28.95 -2.15 -38.67
CA VAL A 126 29.09 -1.70 -37.30
C VAL A 126 30.47 -1.09 -37.08
N ASP A 1 -26.05 18.02 7.09
CA ASP A 1 -26.68 18.36 8.39
C ASP A 1 -25.65 18.35 9.50
N ILE A 2 -25.43 17.18 10.07
CA ILE A 2 -24.57 17.02 11.22
C ILE A 2 -23.17 16.56 10.80
N ASP A 3 -22.14 17.24 11.30
CA ASP A 3 -20.76 16.81 11.06
C ASP A 3 -20.43 15.60 11.90
N GLU A 4 -20.95 14.46 11.50
CA GLU A 4 -20.64 13.20 12.18
C GLU A 4 -19.21 12.78 11.87
N SER A 5 -18.57 13.54 11.00
CA SER A 5 -17.14 13.42 10.81
C SER A 5 -16.43 13.77 12.11
N SER A 6 -17.01 14.72 12.87
CA SER A 6 -16.46 15.13 14.14
C SER A 6 -16.39 13.95 15.11
N VAL A 7 -17.52 13.26 15.28
CA VAL A 7 -17.58 12.15 16.20
C VAL A 7 -16.71 10.99 15.74
N MET A 8 -16.73 10.73 14.44
CA MET A 8 -15.90 9.68 13.88
C MET A 8 -14.42 9.97 14.07
N GLN A 9 -14.04 11.26 14.06
CA GLN A 9 -12.68 11.65 14.37
C GLN A 9 -12.32 11.19 15.77
N LEU A 10 -13.13 11.57 16.76
CA LEU A 10 -12.90 11.14 18.15
C LEU A 10 -12.89 9.63 18.22
N ALA A 11 -13.83 9.03 17.51
CA ALA A 11 -14.09 7.60 17.58
C ALA A 11 -12.88 6.78 17.12
N GLU A 12 -12.34 7.13 15.96
CA GLU A 12 -11.18 6.44 15.42
C GLU A 12 -9.98 6.52 16.35
N MET A 13 -9.91 7.60 17.13
CA MET A 13 -8.79 7.81 18.04
C MET A 13 -9.22 7.72 19.50
N GLY A 14 -10.23 6.92 19.79
CA GLY A 14 -10.60 6.68 21.17
C GLY A 14 -12.09 6.75 21.44
N PHE A 15 -12.72 5.57 21.46
CA PHE A 15 -14.11 5.40 21.92
C PHE A 15 -15.15 5.95 20.94
N PRO A 16 -16.20 5.15 20.68
CA PRO A 16 -17.37 5.60 19.90
C PRO A 16 -18.17 6.66 20.66
N LEU A 17 -17.74 7.90 20.54
CA LEU A 17 -18.31 9.00 21.31
C LEU A 17 -19.59 9.54 20.66
N GLU A 18 -20.65 8.73 20.64
CA GLU A 18 -21.94 9.19 20.16
C GLU A 18 -22.41 10.43 20.92
N ALA A 19 -21.84 10.63 22.10
CA ALA A 19 -22.08 11.86 22.85
C ALA A 19 -21.65 13.06 22.03
N CYS A 20 -20.62 12.86 21.21
CA CYS A 20 -20.17 13.87 20.27
C CYS A 20 -21.17 14.01 19.15
N ARG A 21 -21.63 12.86 18.67
CA ARG A 21 -22.63 12.79 17.63
C ARG A 21 -23.86 13.65 18.01
N LYS A 22 -24.39 13.40 19.20
CA LYS A 22 -25.50 14.18 19.71
C LYS A 22 -25.06 15.59 20.11
N ALA A 23 -23.78 15.74 20.44
CA ALA A 23 -23.21 17.04 20.78
C ALA A 23 -23.18 17.95 19.57
N VAL A 24 -22.79 17.40 18.44
CA VAL A 24 -22.80 18.15 17.19
C VAL A 24 -24.20 18.67 16.91
N TYR A 25 -25.19 17.81 17.08
CA TYR A 25 -26.58 18.24 16.97
C TYR A 25 -26.90 19.29 18.04
N PHE A 26 -26.50 19.00 19.28
CA PHE A 26 -26.81 19.87 20.42
C PHE A 26 -26.16 21.25 20.29
N THR A 27 -24.96 21.30 19.75
CA THR A 27 -24.26 22.57 19.55
C THR A 27 -24.95 23.41 18.49
N GLY A 28 -25.73 22.74 17.65
CA GLY A 28 -26.39 23.40 16.54
C GLY A 28 -25.57 23.32 15.28
N ASN A 29 -24.77 22.27 15.18
CA ASN A 29 -23.87 22.04 14.04
C ASN A 29 -22.83 23.15 13.97
N MET A 30 -22.13 23.35 15.08
CA MET A 30 -21.13 24.41 15.18
C MET A 30 -19.80 24.01 14.56
N GLY A 31 -19.62 22.72 14.31
CA GLY A 31 -18.39 22.25 13.70
C GLY A 31 -17.73 21.15 14.49
N ALA A 32 -16.68 20.58 13.91
CA ALA A 32 -15.95 19.47 14.53
C ALA A 32 -15.22 19.92 15.78
N GLU A 33 -14.50 21.02 15.66
CA GLU A 33 -13.75 21.59 16.76
C GLU A 33 -14.64 21.81 17.98
N VAL A 34 -15.78 22.44 17.76
CA VAL A 34 -16.71 22.77 18.82
C VAL A 34 -17.20 21.51 19.54
N ALA A 35 -17.44 20.46 18.78
CA ALA A 35 -17.93 19.21 19.35
C ALA A 35 -16.81 18.43 20.04
N PHE A 36 -15.60 18.52 19.49
CA PHE A 36 -14.43 17.95 20.14
C PHE A 36 -14.29 18.57 21.53
N ASN A 37 -14.46 19.88 21.59
CA ASN A 37 -14.45 20.61 22.85
C ASN A 37 -15.64 20.20 23.71
N TRP A 38 -16.80 20.02 23.08
CA TRP A 38 -18.01 19.69 23.80
C TRP A 38 -17.88 18.33 24.47
N ILE A 39 -17.17 17.42 23.81
CA ILE A 39 -17.04 16.06 24.31
C ILE A 39 -16.06 15.98 25.48
N ILE A 40 -14.97 16.71 25.39
CA ILE A 40 -13.97 16.69 26.45
C ILE A 40 -14.51 17.36 27.70
N VAL A 41 -15.48 18.25 27.52
CA VAL A 41 -16.18 18.83 28.64
C VAL A 41 -17.24 17.87 29.19
N HIS A 42 -17.96 17.19 28.29
CA HIS A 42 -19.09 16.36 28.68
C HIS A 42 -18.74 14.88 28.72
N MET A 43 -17.45 14.58 28.78
CA MET A 43 -16.99 13.22 28.99
C MET A 43 -17.46 12.68 30.34
N GLU A 44 -17.77 13.61 31.23
CA GLU A 44 -18.23 13.30 32.58
C GLU A 44 -19.59 12.59 32.59
N GLU A 45 -20.26 12.57 31.45
CA GLU A 45 -21.55 11.88 31.33
C GLU A 45 -21.33 10.37 31.41
N PRO A 46 -22.23 9.66 32.10
CA PRO A 46 -22.11 8.20 32.31
C PRO A 46 -22.15 7.39 31.01
N ASP A 47 -23.15 7.68 30.19
CA ASP A 47 -23.47 6.86 29.03
C ASP A 47 -23.10 7.59 27.74
N PHE A 48 -22.13 8.50 27.86
CA PHE A 48 -21.69 9.33 26.74
C PHE A 48 -21.12 8.50 25.58
N ALA A 49 -20.60 7.32 25.90
CA ALA A 49 -19.98 6.49 24.90
C ALA A 49 -20.38 5.04 25.11
N GLU A 50 -21.01 4.48 24.10
CA GLU A 50 -21.36 3.06 24.09
C GLU A 50 -20.09 2.20 24.20
N PRO A 51 -19.94 1.45 25.30
CA PRO A 51 -18.75 0.65 25.57
C PRO A 51 -18.72 -0.62 24.73
N LEU A 52 -18.47 -0.46 23.43
CA LEU A 52 -18.43 -1.59 22.51
C LEU A 52 -17.12 -1.57 21.71
N THR A 53 -16.01 -1.81 22.41
CA THR A 53 -14.68 -1.84 21.81
C THR A 53 -14.25 -0.46 21.27
N MET A 54 -13.24 0.12 21.89
CA MET A 54 -12.72 1.40 21.44
C MET A 54 -11.68 1.20 20.35
N PRO A 55 -11.83 1.92 19.23
CA PRO A 55 -10.85 1.89 18.13
C PRO A 55 -9.55 2.61 18.52
N GLY A 56 -8.45 2.15 17.94
CA GLY A 56 -7.18 2.77 18.22
C GLY A 56 -6.50 3.27 16.96
N TYR A 57 -6.34 4.59 16.86
CA TYR A 57 -5.74 5.20 15.68
C TYR A 57 -4.26 4.86 15.59
N GLY A 58 -3.84 4.36 14.45
CA GLY A 58 -2.45 4.02 14.25
C GLY A 58 -1.86 4.72 13.04
N GLY A 59 -0.55 4.62 12.88
CA GLY A 59 0.12 5.27 11.77
C GLY A 59 -0.08 4.51 10.47
N ALA A 60 0.30 5.13 9.36
CA ALA A 60 0.20 4.52 8.04
C ALA A 60 0.90 3.16 8.00
N ALA A 61 0.21 2.19 7.44
CA ALA A 61 0.71 0.82 7.42
C ALA A 61 0.50 0.21 6.04
N SER A 62 0.48 1.05 5.03
CA SER A 62 0.28 0.60 3.66
C SER A 62 1.40 1.09 2.77
N ALA A 63 1.80 0.25 1.82
CA ALA A 63 2.79 0.64 0.82
C ALA A 63 2.12 1.46 -0.28
N GLY A 64 2.05 2.76 -0.07
CA GLY A 64 1.38 3.63 -1.02
C GLY A 64 2.20 3.86 -2.27
N ALA A 65 3.51 4.03 -2.10
CA ALA A 65 4.38 4.29 -3.22
C ALA A 65 5.65 3.44 -3.14
N SER A 66 6.38 3.54 -2.03
CA SER A 66 7.65 2.84 -1.89
C SER A 66 8.59 3.21 -3.04
N VAL A 67 8.74 4.50 -3.28
CA VAL A 67 9.58 4.98 -4.37
C VAL A 67 11.01 5.18 -3.87
N PHE A 68 11.13 5.55 -2.60
CA PHE A 68 12.44 5.73 -1.97
C PHE A 68 12.83 4.48 -1.19
N GLY A 69 12.61 3.33 -1.79
CA GLY A 69 12.95 2.08 -1.16
C GLY A 69 12.83 0.92 -2.13
N ALA A 70 13.61 -0.13 -1.89
CA ALA A 70 13.57 -1.30 -2.73
C ALA A 70 12.60 -2.33 -2.18
N SER A 71 12.45 -2.32 -0.86
CA SER A 71 11.52 -3.21 -0.15
C SER A 71 11.89 -4.68 -0.34
N GLY A 72 11.40 -5.28 -1.41
CA GLY A 72 11.71 -6.68 -1.69
C GLY A 72 12.21 -6.87 -3.10
N LEU A 73 12.49 -5.76 -3.77
CA LEU A 73 12.96 -5.76 -5.16
C LEU A 73 11.92 -6.35 -6.10
N ASP A 74 10.71 -5.80 -6.04
CA ASP A 74 9.64 -6.25 -6.92
C ASP A 74 9.80 -5.59 -8.28
N ASN A 75 10.76 -6.09 -9.05
CA ASN A 75 11.05 -5.57 -10.35
C ASN A 75 11.17 -6.70 -11.34
N GLN A 76 10.03 -7.25 -11.73
CA GLN A 76 10.00 -8.29 -12.73
C GLN A 76 10.36 -7.68 -14.08
N PRO A 77 11.16 -8.38 -14.90
CA PRO A 77 11.55 -7.89 -16.22
C PRO A 77 10.35 -7.51 -17.07
N PRO A 78 10.59 -6.68 -18.10
CA PRO A 78 9.54 -6.21 -19.00
C PRO A 78 8.96 -7.36 -19.80
N GLU A 79 7.68 -7.66 -19.53
CA GLU A 79 6.99 -8.75 -20.19
C GLU A 79 7.02 -8.56 -21.70
N GLU A 80 7.06 -7.30 -22.12
CA GLU A 80 7.22 -6.97 -23.52
C GLU A 80 8.50 -7.61 -24.07
N ILE A 81 9.60 -7.39 -23.36
CA ILE A 81 10.89 -7.87 -23.81
C ILE A 81 11.05 -9.36 -23.58
N VAL A 82 10.63 -9.86 -22.42
CA VAL A 82 10.71 -11.28 -22.15
C VAL A 82 9.99 -12.03 -23.27
N ALA A 83 8.88 -11.44 -23.70
CA ALA A 83 8.10 -11.93 -24.82
C ALA A 83 8.94 -11.93 -26.09
N ILE A 84 9.59 -10.82 -26.37
CA ILE A 84 10.44 -10.69 -27.55
C ILE A 84 11.57 -11.72 -27.51
N ILE A 85 12.16 -11.91 -26.34
CA ILE A 85 13.26 -12.84 -26.17
C ILE A 85 12.83 -14.27 -26.44
N THR A 86 11.71 -14.68 -25.86
CA THR A 86 11.20 -16.02 -26.11
C THR A 86 10.64 -16.13 -27.54
N SER A 87 10.29 -14.99 -28.14
CA SER A 87 9.90 -14.95 -29.54
C SER A 87 11.14 -15.03 -30.44
N MET A 88 12.31 -14.77 -29.87
CA MET A 88 13.58 -14.94 -30.57
C MET A 88 13.92 -16.42 -30.65
N GLY A 89 13.38 -17.18 -29.69
CA GLY A 89 13.64 -18.59 -29.63
C GLY A 89 14.03 -19.04 -28.24
N PHE A 90 14.12 -18.09 -27.32
CA PHE A 90 14.53 -18.37 -25.96
C PHE A 90 13.31 -18.64 -25.08
N GLN A 91 13.54 -18.79 -23.78
CA GLN A 91 12.47 -19.03 -22.83
C GLN A 91 12.07 -17.72 -22.16
N ARG A 92 10.78 -17.53 -21.88
CA ARG A 92 10.31 -16.30 -21.21
C ARG A 92 11.05 -16.12 -19.89
N ASN A 93 10.99 -17.14 -19.04
CA ASN A 93 11.65 -17.12 -17.75
C ASN A 93 13.16 -16.92 -17.90
N GLN A 94 13.71 -17.50 -18.95
CA GLN A 94 15.12 -17.35 -19.28
C GLN A 94 15.40 -15.90 -19.63
N ALA A 95 14.46 -15.31 -20.36
CA ALA A 95 14.50 -13.91 -20.70
C ALA A 95 14.42 -13.05 -19.44
N ILE A 96 13.59 -13.48 -18.48
CA ILE A 96 13.49 -12.79 -17.20
C ILE A 96 14.83 -12.75 -16.49
N GLN A 97 15.44 -13.92 -16.33
CA GLN A 97 16.73 -14.03 -15.67
C GLN A 97 17.76 -13.16 -16.35
N ALA A 98 17.76 -13.20 -17.67
CA ALA A 98 18.68 -12.39 -18.46
C ALA A 98 18.45 -10.91 -18.18
N LEU A 99 17.20 -10.45 -18.33
CA LEU A 99 16.88 -9.04 -18.09
C LEU A 99 17.16 -8.63 -16.65
N ARG A 100 16.98 -9.56 -15.71
CA ARG A 100 17.30 -9.30 -14.31
C ARG A 100 18.76 -8.89 -14.17
N ALA A 101 19.61 -9.60 -14.88
CA ALA A 101 21.04 -9.33 -14.86
C ALA A 101 21.37 -8.08 -15.67
N THR A 102 20.71 -7.95 -16.83
CA THR A 102 21.01 -6.88 -17.77
C THR A 102 20.29 -5.57 -17.43
N ASN A 103 19.49 -5.59 -16.36
CA ASN A 103 18.65 -4.45 -15.97
C ASN A 103 17.65 -4.14 -17.07
N ASN A 104 16.74 -5.10 -17.32
CA ASN A 104 15.67 -4.99 -18.32
C ASN A 104 16.19 -4.52 -19.68
N ASN A 105 17.45 -4.83 -19.94
CA ASN A 105 18.07 -4.53 -21.23
C ASN A 105 17.85 -5.70 -22.17
N LEU A 106 16.95 -5.48 -23.13
CA LEU A 106 16.54 -6.49 -24.09
C LEU A 106 17.74 -7.13 -24.79
N GLU A 107 18.47 -6.28 -25.48
CA GLU A 107 19.67 -6.70 -26.22
C GLU A 107 20.65 -7.43 -25.33
N ARG A 108 20.96 -6.85 -24.18
CA ARG A 108 21.91 -7.45 -23.28
C ARG A 108 21.37 -8.75 -22.70
N ALA A 109 20.05 -8.85 -22.58
CA ALA A 109 19.43 -10.07 -22.11
C ALA A 109 19.72 -11.20 -23.08
N LEU A 110 19.46 -10.95 -24.35
CA LEU A 110 19.77 -11.90 -25.41
C LEU A 110 21.27 -12.16 -25.42
N ASP A 111 22.02 -11.10 -25.19
CA ASP A 111 23.48 -11.18 -25.06
C ASP A 111 23.84 -12.19 -23.97
N TRP A 112 23.19 -12.01 -22.82
CA TRP A 112 23.40 -12.85 -21.66
C TRP A 112 22.98 -14.28 -21.96
N ILE A 113 21.79 -14.41 -22.52
CA ILE A 113 21.20 -15.70 -22.83
C ILE A 113 22.05 -16.45 -23.86
N PHE A 114 22.60 -15.71 -24.81
CA PHE A 114 23.44 -16.29 -25.86
C PHE A 114 24.72 -16.89 -25.26
N SER A 115 25.11 -16.38 -24.11
CA SER A 115 26.28 -16.88 -23.41
C SER A 115 25.92 -18.06 -22.52
N HIS A 116 24.69 -18.53 -22.65
CA HIS A 116 24.24 -19.70 -21.92
C HIS A 116 23.39 -20.59 -22.83
N PRO A 117 24.06 -21.31 -23.76
CA PRO A 117 23.43 -22.24 -24.70
C PRO A 117 22.40 -23.15 -24.05
N GLU A 118 22.88 -23.91 -23.08
CA GLU A 118 22.05 -24.81 -22.30
C GLU A 118 22.83 -25.20 -21.06
N PHE A 119 24.01 -25.76 -21.31
CA PHE A 119 24.97 -26.07 -20.27
C PHE A 119 26.31 -25.48 -20.63
N GLU A 120 26.64 -25.66 -21.91
CA GLU A 120 27.91 -25.26 -22.55
C GLU A 120 28.36 -26.37 -23.49
N GLU A 121 29.43 -26.11 -24.22
CA GLU A 121 30.04 -27.12 -25.07
C GLU A 121 31.53 -27.17 -24.82
N ASP A 122 32.13 -28.35 -24.93
CA ASP A 122 33.52 -28.53 -24.55
C ASP A 122 34.25 -29.49 -25.46
N SER A 123 33.85 -30.75 -25.43
CA SER A 123 34.64 -31.83 -25.99
C SER A 123 34.59 -31.86 -27.52
N ASP A 124 33.66 -31.15 -28.12
CA ASP A 124 33.56 -31.13 -29.57
C ASP A 124 34.47 -30.06 -30.17
N PHE A 125 34.51 -28.90 -29.53
CA PHE A 125 35.36 -27.82 -29.99
C PHE A 125 36.81 -28.07 -29.55
N VAL A 126 36.96 -28.67 -28.37
CA VAL A 126 38.27 -28.99 -27.81
C VAL A 126 39.04 -27.72 -27.49
#